data_4P75
#
_entry.id   4P75
#
_cell.length_a   113.000
_cell.length_b   219.560
_cell.length_c   107.520
_cell.angle_alpha   90.00
_cell.angle_beta   102.02
_cell.angle_gamma   90.00
#
_symmetry.space_group_name_H-M   'C 1 2 1'
#
loop_
_entity.id
_entity.type
_entity.pdbx_description
1 polymer 'Phenylalanine--tRNA ligase beta subunit'
2 polymer 'Phenylalanine--tRNA ligase alpha subunit'
3 non-polymer 3-(3-methoxyphenyl)-5-(trifluoromethyl)-1H-pyrazole
4 water water
#
loop_
_entity_poly.entity_id
_entity_poly.type
_entity_poly.pdbx_seq_one_letter_code
_entity_poly.pdbx_strand_id
1 'polypeptide(L)'
;MKFSEKWLRSWANPQVSHDELVARLSMVGLEVDADLPVAGAFSGVVVGEVLSTEQHPDADKLRVCQVSNGSETFQVVCGA
PNVRAGLKIPFAMIGAELPDDFKIKKAKLRGVESFGMLCSAKELQISEENAGLLELPADAPVGQDVRTYLELADYTIEVG
LTPNRGDCLSLAGLAREVSAIYDVPLAPVAVDAVAAQHDETRPVELAAPAACPRYLGRVIRNVDLSRPTPLWMVERLRRS
DIRSIDPVVDVTNYVMIELGQPMHAFDLAEINGGVRVRMAEDGEKLVLLDGQEITLRADTLVIADHQRALAIAGVMGGEH
SGVSDSTRDLFLEAAFFDTIALAGKARSYGLHTDSSHRFERGVDSQLARKAMERATRLILDIVGGEPGPIVEQVSEAHLP
KVAPITLRAERVTQMLGMPLDAAEIVRLLQALELTVVADGEGQWSVGVPSHRFDISLEVDLIEELARLYGYNRLPVRYPQ
ARLAPNNKPEARAALPLLRRLLVARGYQEAITFSFIDPALFELFDPGTQPLTLANPISADMAAMRSSLWPGLVKALQHNL
NRQQSRVRLFESGLRFVGQLEGLKQEAMLAGAICGKRLPEGWANGRDGVDFFDAKADVEAVLASAGALGDFSFVPGEHPA
LHPGQTARIEREGRLVGYLGALHPELAKKLDLEQPVFLFELLLAEVVDGHLPKFRELSRFPEVRRDLALLVDQDVPAQDI
LTQIRAAAGEWLTDLRLFDVYHGKGIDPHRKSLAVGLTWQHPSRTLNDDEVNSTTQNIVTSLEERFNATLRK
;
A,B
2 'polypeptide(L)'
;MENLDALVSQALEAVRHTEDVNALEQIRVHYLGKKGELTQVMKTLGDLPAEERPKVGALINVAKEKVQDVLNARKTELEG
AALAARLAAERIDVTLPGRGQLSGGLHPVTRTLERIEQCFSRIGYEVAEGPEVEDDYHNFEALNIPGHHPARAMHDTFYF
NANMLLRTHTSPVQVRTMESQQPPIRIVCPGRVYRCDSDLTHSPMFHQVEGLLVDEGVSFADLKGTIEEFLRAFFEKQLE
VRFRPSFFPFTEPSAEVDIQCVICSGNGCRVCKQTGWLEVMGCGMVHPNVLRMSNIDPEKFQGFAFGMGAERLAMLRYGV
NDLRLFFDNDLRFLGQFR
;
C,D
#
loop_
_chem_comp.id
_chem_comp.type
_chem_comp.name
_chem_comp.formula
2NM non-polymer 3-(3-methoxyphenyl)-5-(trifluoromethyl)-1H-pyrazole 'C11 H9 F3 N2 O'
#
# COMPACT_ATOMS: atom_id res chain seq x y z
N MET A 1 -21.72 31.07 24.66
CA MET A 1 -21.66 32.47 25.06
C MET A 1 -22.37 33.33 23.99
N LYS A 2 -23.44 34.06 24.39
CA LYS A 2 -24.20 34.91 23.47
C LYS A 2 -23.99 36.38 23.82
N PHE A 3 -23.99 37.28 22.84
CA PHE A 3 -23.74 38.71 23.06
C PHE A 3 -24.22 39.61 21.94
N SER A 4 -24.42 40.90 22.26
CA SER A 4 -24.77 41.96 21.33
C SER A 4 -23.47 42.44 20.69
N GLU A 5 -23.43 42.43 19.36
CA GLU A 5 -22.28 42.90 18.60
C GLU A 5 -22.01 44.39 18.82
N LYS A 6 -23.10 45.17 18.96
CA LYS A 6 -23.02 46.61 19.18
C LYS A 6 -22.27 46.94 20.46
N TRP A 7 -22.60 46.17 21.51
CA TRP A 7 -21.96 46.28 22.82
C TRP A 7 -20.47 45.84 22.71
N LEU A 8 -20.20 44.73 21.99
CA LEU A 8 -18.82 44.30 21.78
C LEU A 8 -18.04 45.42 21.08
N ARG A 9 -18.59 45.96 20.00
CA ARG A 9 -17.96 47.01 19.20
C ARG A 9 -17.74 48.29 19.98
N SER A 10 -18.47 48.49 21.08
CA SER A 10 -18.29 49.67 21.94
C SER A 10 -16.96 49.57 22.77
N TRP A 11 -16.35 48.34 22.84
CA TRP A 11 -15.09 48.09 23.52
C TRP A 11 -13.96 48.00 22.51
N ALA A 12 -14.12 47.15 21.47
CA ALA A 12 -13.15 46.96 20.41
C ALA A 12 -13.92 46.86 19.10
N ASN A 13 -13.75 47.86 18.19
CA ASN A 13 -14.47 47.86 16.93
C ASN A 13 -13.58 47.35 15.78
N PRO A 14 -13.88 46.16 15.23
CA PRO A 14 -13.02 45.61 14.18
C PRO A 14 -13.02 46.33 12.84
N GLN A 15 -13.90 47.29 12.51
CA GLN A 15 -13.85 48.00 11.19
C GLN A 15 -13.97 47.05 9.98
N VAL A 16 -14.77 45.99 10.14
CA VAL A 16 -15.11 44.95 9.15
C VAL A 16 -16.63 44.74 9.29
N SER A 17 -17.32 44.17 8.31
CA SER A 17 -18.79 44.01 8.44
C SER A 17 -19.18 42.91 9.45
N HIS A 18 -20.49 42.73 9.69
CA HIS A 18 -20.99 41.67 10.58
C HIS A 18 -20.52 40.30 10.04
N ASP A 19 -20.80 40.04 8.75
CA ASP A 19 -20.47 38.79 8.07
C ASP A 19 -18.99 38.45 8.15
N GLU A 20 -18.11 39.45 8.00
CA GLU A 20 -16.66 39.30 8.11
C GLU A 20 -16.22 38.92 9.52
N LEU A 21 -16.83 39.57 10.53
CA LEU A 21 -16.56 39.31 11.94
C LEU A 21 -16.99 37.89 12.30
N VAL A 22 -18.23 37.47 11.94
CA VAL A 22 -18.76 36.13 12.24
C VAL A 22 -17.89 35.03 11.60
N ALA A 23 -17.35 35.33 10.40
CA ALA A 23 -16.47 34.41 9.66
C ALA A 23 -15.14 34.25 10.40
N ARG A 24 -14.43 35.36 10.65
CA ARG A 24 -13.15 35.37 11.33
C ARG A 24 -13.18 34.70 12.69
N LEU A 25 -14.27 34.91 13.46
CA LEU A 25 -14.42 34.36 14.79
C LEU A 25 -14.18 32.86 14.84
N SER A 26 -14.81 32.11 13.92
CA SER A 26 -14.63 30.67 13.84
C SER A 26 -13.19 30.31 13.43
N MET A 27 -12.58 31.10 12.52
CA MET A 27 -11.22 30.89 12.03
C MET A 27 -10.12 31.23 13.05
N VAL A 28 -10.52 31.78 14.20
CA VAL A 28 -9.55 32.12 15.25
C VAL A 28 -9.81 31.26 16.50
N GLY A 29 -10.74 30.31 16.40
CA GLY A 29 -11.04 29.38 17.47
C GLY A 29 -12.24 29.70 18.34
N LEU A 30 -13.11 30.60 17.88
CA LEU A 30 -14.34 30.94 18.61
C LEU A 30 -15.46 30.61 17.64
N GLU A 31 -15.87 29.32 17.59
CA GLU A 31 -16.86 28.92 16.58
C GLU A 31 -18.24 29.48 16.84
N VAL A 32 -18.75 30.24 15.84
CA VAL A 32 -20.06 30.86 15.87
C VAL A 32 -21.10 29.77 15.62
N ASP A 33 -22.08 29.66 16.52
CA ASP A 33 -23.16 28.70 16.44
C ASP A 33 -24.44 29.35 15.92
N ALA A 34 -24.54 30.71 16.05
CA ALA A 34 -25.68 31.51 15.56
C ALA A 34 -25.38 33.01 15.53
N ASP A 35 -26.01 33.73 14.57
CA ASP A 35 -25.94 35.20 14.43
C ASP A 35 -27.31 35.65 13.99
N LEU A 36 -28.05 36.31 14.90
CA LEU A 36 -29.44 36.68 14.65
C LEU A 36 -29.75 38.16 14.95
N PRO A 37 -30.73 38.79 14.27
CA PRO A 37 -31.10 40.18 14.61
C PRO A 37 -31.74 40.26 16.01
N VAL A 38 -31.58 41.39 16.73
CA VAL A 38 -32.03 41.55 18.13
C VAL A 38 -33.55 41.73 18.33
N ALA A 39 -34.24 42.25 17.32
CA ALA A 39 -35.68 42.49 17.43
C ALA A 39 -36.37 42.32 16.10
N GLY A 40 -37.70 42.40 16.13
CA GLY A 40 -38.54 42.32 14.95
C GLY A 40 -38.47 43.59 14.13
N ALA A 41 -38.98 43.52 12.89
CA ALA A 41 -39.00 44.65 11.96
C ALA A 41 -40.24 45.50 12.12
N PHE A 42 -40.07 46.83 12.11
CA PHE A 42 -41.13 47.82 12.21
C PHE A 42 -40.63 49.22 11.83
N SER A 43 -41.56 50.11 11.44
CA SER A 43 -41.25 51.46 11.01
C SER A 43 -42.30 52.41 11.50
N GLY A 44 -41.95 53.69 11.56
CA GLY A 44 -42.86 54.75 11.98
C GLY A 44 -43.10 54.87 13.46
N VAL A 45 -42.26 54.20 14.27
CA VAL A 45 -42.37 54.27 15.72
C VAL A 45 -41.30 55.20 16.29
N VAL A 46 -41.73 56.27 16.96
CA VAL A 46 -40.85 57.30 17.52
C VAL A 46 -40.97 57.42 19.04
N VAL A 47 -40.11 58.22 19.67
CA VAL A 47 -40.21 58.45 21.10
C VAL A 47 -41.32 59.48 21.35
N GLY A 48 -42.32 59.09 22.12
CA GLY A 48 -43.44 59.97 22.44
C GLY A 48 -43.52 60.32 23.91
N GLU A 49 -44.07 61.50 24.23
CA GLU A 49 -44.23 61.93 25.62
C GLU A 49 -45.69 62.22 25.96
N VAL A 50 -46.20 61.54 27.00
CA VAL A 50 -47.56 61.72 27.48
C VAL A 50 -47.60 63.05 28.25
N LEU A 51 -48.38 64.01 27.74
CA LEU A 51 -48.51 65.31 28.39
C LEU A 51 -49.63 65.29 29.43
N SER A 52 -50.75 64.63 29.10
CA SER A 52 -51.91 64.49 30.00
C SER A 52 -52.72 63.23 29.67
N THR A 53 -53.44 62.69 30.66
CA THR A 53 -54.35 61.56 30.52
C THR A 53 -55.68 62.01 31.07
N GLU A 54 -56.77 61.42 30.59
CA GLU A 54 -58.11 61.70 31.07
C GLU A 54 -58.91 60.42 31.00
N GLN A 55 -59.94 60.29 31.84
CA GLN A 55 -60.75 59.07 31.80
C GLN A 55 -61.72 59.17 30.62
N HIS A 56 -61.68 58.13 29.77
CA HIS A 56 -62.56 57.99 28.61
C HIS A 56 -64.03 58.02 29.12
N PRO A 57 -64.86 58.99 28.66
CA PRO A 57 -66.23 59.10 29.21
C PRO A 57 -67.21 57.96 28.90
N ASP A 58 -66.84 57.00 28.04
CA ASP A 58 -67.74 55.90 27.65
C ASP A 58 -67.09 54.49 27.66
N ALA A 59 -65.99 54.29 28.44
CA ALA A 59 -65.26 53.02 28.60
C ALA A 59 -64.24 53.18 29.71
N ASP A 60 -64.49 52.50 30.85
CA ASP A 60 -63.65 52.60 32.05
C ASP A 60 -62.27 51.97 31.90
N LYS A 61 -62.12 50.94 31.05
CA LYS A 61 -60.85 50.26 30.78
C LYS A 61 -59.85 51.14 29.96
N LEU A 62 -60.34 52.31 29.44
CA LEU A 62 -59.60 53.23 28.57
C LEU A 62 -59.32 54.62 29.13
N ARG A 63 -58.27 55.25 28.58
CA ARG A 63 -57.81 56.60 28.91
C ARG A 63 -57.65 57.39 27.62
N VAL A 64 -57.95 58.69 27.69
CA VAL A 64 -57.79 59.60 26.57
C VAL A 64 -56.55 60.49 26.84
N CYS A 65 -55.45 60.19 26.14
CA CYS A 65 -54.15 60.86 26.30
C CYS A 65 -53.83 61.88 25.22
N GLN A 66 -53.03 62.89 25.62
CA GLN A 66 -52.45 63.92 24.76
C GLN A 66 -50.96 63.58 24.71
N VAL A 67 -50.46 63.18 23.53
CA VAL A 67 -49.07 62.73 23.35
C VAL A 67 -48.32 63.56 22.30
N SER A 68 -47.08 64.00 22.62
CA SER A 68 -46.23 64.77 21.71
C SER A 68 -45.14 63.91 21.07
N ASN A 69 -44.80 64.17 19.80
CA ASN A 69 -43.70 63.47 19.10
C ASN A 69 -42.52 64.47 18.92
N GLY A 70 -42.56 65.54 19.73
CA GLY A 70 -41.59 66.63 19.70
C GLY A 70 -41.87 67.67 18.63
N SER A 71 -42.84 67.40 17.73
CA SER A 71 -43.21 68.27 16.61
C SER A 71 -44.67 68.69 16.66
N GLU A 72 -45.53 67.81 17.22
CA GLU A 72 -46.98 67.94 17.23
C GLU A 72 -47.59 67.14 18.40
N THR A 73 -48.78 67.55 18.87
CA THR A 73 -49.53 66.85 19.92
C THR A 73 -50.71 66.11 19.29
N PHE A 74 -50.80 64.80 19.56
CA PHE A 74 -51.84 63.93 19.04
C PHE A 74 -52.64 63.33 20.17
N GLN A 75 -53.95 63.15 19.95
CA GLN A 75 -54.83 62.50 20.91
C GLN A 75 -54.80 60.98 20.66
N VAL A 76 -54.32 60.23 21.64
CA VAL A 76 -54.26 58.78 21.52
C VAL A 76 -55.04 58.16 22.67
N VAL A 77 -55.99 57.28 22.34
CA VAL A 77 -56.80 56.52 23.30
C VAL A 77 -55.95 55.28 23.69
N CYS A 78 -55.68 55.11 25.00
CA CYS A 78 -54.85 54.01 25.48
C CYS A 78 -55.50 53.24 26.62
N GLY A 79 -55.41 51.92 26.56
CA GLY A 79 -55.95 51.02 27.57
C GLY A 79 -54.96 50.37 28.52
N ALA A 80 -53.67 50.74 28.45
CA ALA A 80 -52.63 50.17 29.30
C ALA A 80 -52.74 50.68 30.75
N PRO A 81 -52.64 49.80 31.76
CA PRO A 81 -52.78 50.25 33.16
C PRO A 81 -51.67 51.20 33.67
N ASN A 82 -50.53 51.30 32.96
CA ASN A 82 -49.40 52.15 33.35
C ASN A 82 -49.36 53.53 32.65
N VAL A 83 -50.28 53.79 31.68
CA VAL A 83 -50.30 55.06 30.94
C VAL A 83 -50.62 56.25 31.90
N ARG A 84 -49.66 57.19 31.99
CA ARG A 84 -49.74 58.38 32.84
C ARG A 84 -48.94 59.55 32.25
N ALA A 85 -49.25 60.79 32.66
CA ALA A 85 -48.52 61.99 32.24
C ALA A 85 -47.03 61.91 32.61
N GLY A 86 -46.19 62.48 31.74
CA GLY A 86 -44.74 62.54 31.87
C GLY A 86 -43.99 61.36 31.27
N LEU A 87 -44.71 60.25 31.06
CA LEU A 87 -44.15 59.02 30.54
C LEU A 87 -43.65 59.13 29.12
N LYS A 88 -42.42 58.63 28.92
CA LYS A 88 -41.72 58.53 27.63
C LYS A 88 -41.98 57.10 27.18
N ILE A 89 -42.61 56.98 26.02
CA ILE A 89 -43.10 55.69 25.51
C ILE A 89 -42.95 55.55 23.98
N PRO A 90 -42.96 54.31 23.39
CA PRO A 90 -42.89 54.24 21.91
C PRO A 90 -44.25 54.64 21.30
N PHE A 91 -44.26 55.74 20.55
CA PHE A 91 -45.46 56.22 19.89
C PHE A 91 -45.54 55.79 18.42
N ALA A 92 -46.46 54.85 18.12
CA ALA A 92 -46.70 54.39 16.75
C ALA A 92 -47.75 55.29 16.08
N MET A 93 -47.29 56.20 15.23
CA MET A 93 -48.13 57.16 14.51
C MET A 93 -48.96 56.50 13.43
N ILE A 94 -49.98 57.21 12.91
CA ILE A 94 -50.81 56.69 11.82
C ILE A 94 -49.85 56.44 10.63
N GLY A 95 -49.91 55.29 10.01
CA GLY A 95 -49.02 55.02 8.91
C GLY A 95 -47.93 54.05 9.27
N ALA A 96 -47.59 53.99 10.61
CA ALA A 96 -46.58 53.08 11.15
C ALA A 96 -46.90 51.63 10.85
N GLU A 97 -45.87 50.89 10.45
CA GLU A 97 -45.93 49.47 10.12
C GLU A 97 -45.29 48.69 11.27
N LEU A 98 -46.11 47.96 12.03
CA LEU A 98 -45.68 47.15 13.18
C LEU A 98 -45.48 45.68 12.77
N PRO A 99 -44.82 44.80 13.59
CA PRO A 99 -44.62 43.41 13.14
C PRO A 99 -45.89 42.62 12.75
N ASP A 100 -45.70 41.61 11.87
CA ASP A 100 -46.72 40.71 11.32
C ASP A 100 -47.80 41.49 10.57
N ASP A 101 -47.34 42.39 9.68
CA ASP A 101 -48.09 43.29 8.78
C ASP A 101 -49.30 43.99 9.49
N PHE A 102 -49.00 44.66 10.62
CA PHE A 102 -49.96 45.42 11.39
C PHE A 102 -49.78 46.92 11.11
N LYS A 103 -50.64 47.47 10.23
CA LYS A 103 -50.60 48.90 9.87
C LYS A 103 -51.53 49.72 10.77
N ILE A 104 -50.96 50.74 11.43
CA ILE A 104 -51.68 51.65 12.32
C ILE A 104 -52.57 52.55 11.45
N LYS A 105 -53.86 52.67 11.82
CA LYS A 105 -54.84 53.45 11.06
C LYS A 105 -55.48 54.44 12.00
N LYS A 106 -56.31 55.34 11.47
CA LYS A 106 -57.05 56.30 12.29
C LYS A 106 -58.15 55.50 13.00
N ALA A 107 -58.53 55.95 14.20
CA ALA A 107 -59.57 55.29 14.98
C ALA A 107 -60.47 56.26 15.75
N LYS A 108 -61.75 55.87 15.96
CA LYS A 108 -62.75 56.54 16.76
C LYS A 108 -63.27 55.47 17.73
N LEU A 109 -62.50 55.29 18.81
CA LEU A 109 -62.78 54.31 19.85
C LEU A 109 -63.79 54.84 20.87
N ARG A 110 -65.02 54.27 20.82
CA ARG A 110 -66.18 54.58 21.64
C ARG A 110 -66.46 56.08 21.63
N GLY A 111 -66.54 56.62 20.40
CA GLY A 111 -66.82 58.02 20.11
C GLY A 111 -65.66 58.98 20.26
N VAL A 112 -64.46 58.47 20.61
CA VAL A 112 -63.29 59.32 20.81
C VAL A 112 -62.21 59.04 19.75
N GLU A 113 -61.70 60.11 19.09
CA GLU A 113 -60.68 60.06 18.04
C GLU A 113 -59.27 59.80 18.58
N SER A 114 -58.58 58.79 17.99
CA SER A 114 -57.24 58.34 18.34
C SER A 114 -56.33 58.37 17.10
N PHE A 115 -55.25 59.20 17.17
CA PHE A 115 -54.30 59.42 16.08
C PHE A 115 -52.95 58.70 16.25
N GLY A 116 -53.03 57.41 16.55
CA GLY A 116 -51.87 56.57 16.77
C GLY A 116 -52.09 55.57 17.86
N MET A 117 -51.02 54.87 18.25
CA MET A 117 -51.04 53.84 19.26
C MET A 117 -49.74 53.92 20.09
N LEU A 118 -49.83 53.65 21.40
CA LEU A 118 -48.66 53.58 22.28
C LEU A 118 -48.33 52.08 22.47
N CYS A 119 -47.03 51.70 22.49
CA CYS A 119 -46.67 50.27 22.47
C CYS A 119 -45.95 49.71 23.68
N SER A 120 -46.08 48.39 23.80
CA SER A 120 -45.42 47.50 24.74
C SER A 120 -44.24 46.89 23.97
N ALA A 121 -43.26 46.34 24.70
CA ALA A 121 -42.09 45.66 24.12
C ALA A 121 -42.57 44.48 23.26
N LYS A 122 -43.61 43.76 23.74
CA LYS A 122 -44.24 42.62 23.05
C LYS A 122 -44.75 42.97 21.64
N GLU A 123 -45.60 44.05 21.54
CA GLU A 123 -46.17 44.61 20.32
C GLU A 123 -45.12 44.89 19.25
N LEU A 124 -43.91 45.31 19.69
CA LEU A 124 -42.78 45.65 18.84
C LEU A 124 -41.74 44.52 18.64
N GLN A 125 -41.97 43.36 19.29
CA GLN A 125 -41.09 42.18 19.27
C GLN A 125 -39.71 42.53 19.85
N ILE A 126 -39.72 43.33 20.95
CA ILE A 126 -38.53 43.77 21.66
C ILE A 126 -38.28 42.77 22.79
N SER A 127 -39.30 42.52 23.62
CA SER A 127 -39.29 41.56 24.72
C SER A 127 -40.66 40.86 24.72
N GLU A 128 -40.96 40.07 25.76
CA GLU A 128 -42.26 39.41 25.89
C GLU A 128 -43.13 40.11 26.96
N GLU A 129 -42.70 41.34 27.35
CA GLU A 129 -43.35 42.20 28.32
C GLU A 129 -44.56 42.94 27.70
N ASN A 130 -45.75 42.30 27.76
CA ASN A 130 -47.00 42.90 27.28
C ASN A 130 -47.81 43.43 28.46
N ALA A 131 -47.27 43.31 29.71
CA ALA A 131 -47.91 43.77 30.96
C ALA A 131 -48.45 45.20 30.82
N GLY A 132 -47.64 46.04 30.16
CA GLY A 132 -47.97 47.42 29.87
C GLY A 132 -47.07 48.01 28.81
N LEU A 133 -47.12 49.33 28.69
CA LEU A 133 -46.32 50.10 27.73
C LEU A 133 -44.86 50.05 28.10
N LEU A 134 -43.97 49.92 27.09
CA LEU A 134 -42.51 49.93 27.27
C LEU A 134 -42.09 51.34 27.74
N GLU A 135 -41.96 51.50 29.09
CA GLU A 135 -41.59 52.75 29.74
C GLU A 135 -40.13 53.05 29.43
N LEU A 136 -39.90 54.14 28.67
CA LEU A 136 -38.57 54.60 28.25
C LEU A 136 -37.96 55.59 29.24
N PRO A 137 -36.60 55.68 29.34
CA PRO A 137 -35.97 56.64 30.28
C PRO A 137 -36.58 58.02 30.26
N ALA A 138 -36.67 58.65 31.45
CA ALA A 138 -37.22 59.99 31.61
C ALA A 138 -36.56 61.02 30.67
N ASP A 139 -35.28 60.76 30.30
CA ASP A 139 -34.48 61.61 29.44
C ASP A 139 -34.40 61.13 27.99
N ALA A 140 -35.33 60.25 27.53
CA ALA A 140 -35.35 59.76 26.13
C ALA A 140 -35.53 60.93 25.11
N PRO A 141 -34.91 60.87 23.90
CA PRO A 141 -35.10 61.98 22.93
C PRO A 141 -36.43 61.89 22.18
N VAL A 142 -37.41 62.74 22.58
CA VAL A 142 -38.76 62.75 22.00
C VAL A 142 -38.70 63.10 20.49
N GLY A 143 -39.27 62.19 19.70
CA GLY A 143 -39.34 62.30 18.25
C GLY A 143 -38.42 61.36 17.50
N GLN A 144 -37.33 60.91 18.16
CA GLN A 144 -36.33 60.00 17.58
C GLN A 144 -36.91 58.61 17.28
N ASP A 145 -36.51 57.97 16.16
CA ASP A 145 -36.97 56.63 15.85
C ASP A 145 -36.54 55.69 16.98
N VAL A 146 -37.50 54.91 17.48
CA VAL A 146 -37.37 53.98 18.57
C VAL A 146 -36.31 52.89 18.25
N ARG A 147 -36.16 52.47 16.96
CA ARG A 147 -35.13 51.51 16.53
C ARG A 147 -33.76 52.12 16.73
N THR A 148 -33.61 53.42 16.38
CA THR A 148 -32.36 54.17 16.51
C THR A 148 -31.98 54.23 17.98
N TYR A 149 -32.89 54.79 18.79
CA TYR A 149 -32.72 54.97 20.23
C TYR A 149 -32.44 53.69 20.98
N LEU A 150 -33.22 52.63 20.71
CA LEU A 150 -33.06 51.35 21.39
C LEU A 150 -32.06 50.40 20.73
N GLU A 151 -31.27 50.93 19.75
CA GLU A 151 -30.22 50.18 19.04
C GLU A 151 -30.68 48.79 18.57
N LEU A 152 -31.87 48.75 17.90
CA LEU A 152 -32.54 47.54 17.43
C LEU A 152 -31.96 46.99 16.11
N ALA A 153 -31.14 47.79 15.44
CA ALA A 153 -30.43 47.38 14.25
C ALA A 153 -29.10 46.82 14.85
N ASP A 154 -29.14 45.55 15.26
CA ASP A 154 -28.03 44.88 15.95
C ASP A 154 -28.22 43.38 15.84
N TYR A 155 -27.14 42.61 16.10
CA TYR A 155 -27.18 41.17 16.05
C TYR A 155 -26.65 40.58 17.33
N THR A 156 -27.08 39.36 17.60
CA THR A 156 -26.68 38.56 18.73
C THR A 156 -25.84 37.40 18.21
N ILE A 157 -24.53 37.44 18.47
CA ILE A 157 -23.61 36.39 18.05
C ILE A 157 -23.43 35.39 19.19
N GLU A 158 -23.62 34.11 18.88
CA GLU A 158 -23.46 33.04 19.84
C GLU A 158 -22.25 32.20 19.48
N VAL A 159 -21.35 32.07 20.43
CA VAL A 159 -20.09 31.35 20.29
C VAL A 159 -20.11 30.07 21.13
N GLY A 160 -19.69 28.97 20.52
CA GLY A 160 -19.53 27.69 21.19
C GLY A 160 -18.08 27.58 21.64
N LEU A 161 -17.81 28.04 22.86
CA LEU A 161 -16.46 28.10 23.41
C LEU A 161 -15.85 26.73 23.80
N THR A 162 -14.52 26.63 23.64
CA THR A 162 -13.74 25.44 23.99
C THR A 162 -13.37 25.54 25.47
N PRO A 163 -13.28 24.40 26.22
CA PRO A 163 -13.03 24.48 27.67
C PRO A 163 -11.81 25.29 28.13
N ASN A 164 -10.84 25.52 27.26
CA ASN A 164 -9.64 26.30 27.58
C ASN A 164 -9.86 27.84 27.55
N ARG A 165 -11.00 28.30 26.99
CA ARG A 165 -11.28 29.74 26.86
C ARG A 165 -12.39 30.24 27.75
N GLY A 166 -12.24 29.97 29.04
CA GLY A 166 -13.16 30.43 30.08
C GLY A 166 -13.16 31.94 30.17
N ASP A 167 -12.04 32.55 29.81
CA ASP A 167 -11.82 33.99 29.77
C ASP A 167 -12.77 34.72 28.78
N CYS A 168 -13.25 34.00 27.77
CA CYS A 168 -14.17 34.51 26.76
C CYS A 168 -15.66 34.41 27.15
N LEU A 169 -15.95 34.09 28.43
CA LEU A 169 -17.31 33.97 28.94
C LEU A 169 -17.85 35.32 29.42
N SER A 170 -17.41 36.39 28.76
CA SER A 170 -17.78 37.76 29.06
C SER A 170 -17.55 38.65 27.87
N LEU A 171 -18.15 39.85 27.90
CA LEU A 171 -17.91 40.85 26.89
C LEU A 171 -16.44 41.36 26.98
N ALA A 172 -15.90 41.47 28.21
CA ALA A 172 -14.51 41.87 28.44
C ALA A 172 -13.54 40.92 27.78
N GLY A 173 -13.79 39.61 27.90
CA GLY A 173 -12.97 38.54 27.33
C GLY A 173 -13.04 38.51 25.82
N LEU A 174 -14.26 38.52 25.27
CA LEU A 174 -14.49 38.54 23.82
C LEU A 174 -13.96 39.79 23.11
N ALA A 175 -14.06 40.97 23.76
CA ALA A 175 -13.56 42.23 23.18
C ALA A 175 -12.05 42.24 23.16
N ARG A 176 -11.41 41.60 24.16
CA ARG A 176 -9.95 41.52 24.22
C ARG A 176 -9.45 40.73 23.01
N GLU A 177 -10.15 39.63 22.69
CA GLU A 177 -9.84 38.80 21.53
C GLU A 177 -9.93 39.59 20.27
N VAL A 178 -11.09 40.24 20.03
CA VAL A 178 -11.31 41.07 18.83
C VAL A 178 -10.19 42.09 18.66
N SER A 179 -9.80 42.78 19.74
CA SER A 179 -8.70 43.76 19.70
C SER A 179 -7.41 43.12 19.24
N ALA A 180 -7.12 41.88 19.69
CA ALA A 180 -5.92 41.13 19.33
C ALA A 180 -6.02 40.72 17.86
N ILE A 181 -7.15 40.05 17.48
CA ILE A 181 -7.43 39.54 16.11
C ILE A 181 -7.18 40.63 15.08
N TYR A 182 -7.78 41.79 15.30
CA TYR A 182 -7.80 42.90 14.37
C TYR A 182 -6.80 44.03 14.63
N ASP A 183 -5.98 43.93 15.70
CA ASP A 183 -5.02 44.99 16.04
C ASP A 183 -5.70 46.37 16.08
N VAL A 184 -6.78 46.45 16.85
CA VAL A 184 -7.55 47.68 17.01
C VAL A 184 -7.54 48.05 18.52
N PRO A 185 -7.50 49.36 18.92
CA PRO A 185 -7.50 49.69 20.36
C PRO A 185 -8.66 49.09 21.16
N LEU A 186 -8.35 48.66 22.41
CA LEU A 186 -9.31 48.12 23.36
C LEU A 186 -9.70 49.20 24.40
N ALA A 187 -10.98 49.57 24.42
CA ALA A 187 -11.51 50.60 25.29
C ALA A 187 -12.40 49.93 26.37
N PRO A 188 -11.82 49.39 27.49
CA PRO A 188 -12.66 48.77 28.51
C PRO A 188 -13.41 49.79 29.33
N VAL A 189 -14.54 49.38 29.91
CA VAL A 189 -15.31 50.27 30.75
C VAL A 189 -14.41 50.75 31.94
N ALA A 190 -14.32 52.09 32.08
CA ALA A 190 -13.57 52.71 33.16
C ALA A 190 -14.40 52.49 34.43
N VAL A 191 -13.78 51.81 35.42
CA VAL A 191 -14.46 51.48 36.67
C VAL A 191 -13.81 52.24 37.81
N ASP A 192 -14.44 53.36 38.17
CA ASP A 192 -13.96 54.19 39.25
C ASP A 192 -14.39 53.58 40.56
N ALA A 193 -13.50 53.62 41.56
CA ALA A 193 -13.81 53.11 42.89
C ALA A 193 -14.92 53.93 43.51
N VAL A 194 -15.92 53.27 44.09
CA VAL A 194 -17.02 53.92 44.78
C VAL A 194 -16.54 54.15 46.23
N ALA A 195 -16.57 55.40 46.71
CA ALA A 195 -16.15 55.76 48.08
C ALA A 195 -17.22 55.38 49.12
N ALA A 196 -16.75 54.80 50.26
CA ALA A 196 -17.59 54.40 51.38
C ALA A 196 -18.26 55.64 51.94
N GLN A 197 -19.56 55.55 52.23
CA GLN A 197 -20.37 56.62 52.77
C GLN A 197 -20.56 56.41 54.26
N HIS A 198 -20.24 55.19 54.73
CA HIS A 198 -20.29 54.77 56.14
C HIS A 198 -19.23 53.71 56.41
N ASP A 199 -19.16 53.23 57.65
CA ASP A 199 -18.12 52.27 58.04
C ASP A 199 -18.62 50.87 58.39
N GLU A 200 -19.92 50.60 58.17
CA GLU A 200 -20.47 49.29 58.46
C GLU A 200 -19.92 48.23 57.53
N THR A 201 -19.36 47.18 58.15
CA THR A 201 -18.83 46.00 57.46
C THR A 201 -19.40 44.74 58.14
N ARG A 202 -18.98 43.59 57.66
CA ARG A 202 -19.27 42.28 58.22
C ARG A 202 -17.95 41.54 58.04
N PRO A 203 -17.47 40.89 59.13
CA PRO A 203 -16.25 40.09 59.04
C PRO A 203 -16.41 38.91 58.05
N VAL A 204 -15.28 38.45 57.47
CA VAL A 204 -15.21 37.36 56.51
C VAL A 204 -14.08 36.44 56.96
N GLU A 205 -14.37 35.13 57.13
CA GLU A 205 -13.39 34.11 57.52
C GLU A 205 -13.16 33.17 56.34
N LEU A 206 -11.88 32.90 55.99
CA LEU A 206 -11.56 31.96 54.92
C LEU A 206 -11.14 30.70 55.60
N ALA A 207 -12.12 29.87 55.98
CA ALA A 207 -11.89 28.59 56.64
C ALA A 207 -11.31 27.51 55.69
N ALA A 208 -11.45 27.71 54.36
CA ALA A 208 -10.91 26.83 53.31
C ALA A 208 -10.24 27.74 52.24
N PRO A 209 -9.02 28.25 52.53
CA PRO A 209 -8.37 29.18 51.62
C PRO A 209 -7.87 28.54 50.33
N ALA A 210 -7.69 27.21 50.36
CA ALA A 210 -7.24 26.47 49.20
C ALA A 210 -8.35 26.45 48.14
N ALA A 211 -9.62 26.48 48.57
CA ALA A 211 -10.77 26.48 47.65
C ALA A 211 -11.27 27.90 47.30
N CYS A 212 -10.97 28.88 48.15
CA CYS A 212 -11.30 30.29 47.97
C CYS A 212 -10.16 31.11 48.54
N PRO A 213 -9.13 31.43 47.71
CA PRO A 213 -8.02 32.25 48.20
C PRO A 213 -8.32 33.75 48.24
N ARG A 214 -9.48 34.19 47.72
CA ARG A 214 -9.89 35.59 47.76
C ARG A 214 -11.38 35.73 47.81
N TYR A 215 -11.88 36.54 48.74
CA TYR A 215 -13.31 36.82 48.94
C TYR A 215 -13.49 38.29 49.32
N LEU A 216 -14.39 38.97 48.59
CA LEU A 216 -14.73 40.38 48.81
C LEU A 216 -16.19 40.53 49.19
N GLY A 217 -16.42 41.37 50.17
CA GLY A 217 -17.75 41.62 50.71
C GLY A 217 -18.03 43.09 50.97
N ARG A 218 -19.28 43.51 50.72
CA ARG A 218 -19.64 44.91 50.89
C ARG A 218 -21.06 45.06 51.35
N VAL A 219 -21.25 45.96 52.34
CA VAL A 219 -22.56 46.30 52.90
C VAL A 219 -23.12 47.46 52.06
N ILE A 220 -24.35 47.31 51.57
CA ILE A 220 -25.05 48.38 50.87
C ILE A 220 -26.37 48.65 51.62
N ARG A 221 -26.39 49.77 52.34
CA ARG A 221 -27.53 50.14 53.17
C ARG A 221 -28.61 50.93 52.47
N ASN A 222 -29.86 50.65 52.86
CA ASN A 222 -31.09 51.33 52.48
C ASN A 222 -31.31 51.44 50.97
N VAL A 223 -31.45 50.28 50.36
CA VAL A 223 -31.74 50.08 48.94
C VAL A 223 -33.29 50.03 48.74
N ASP A 224 -33.78 50.64 47.63
CA ASP A 224 -35.21 50.63 47.27
C ASP A 224 -35.41 49.61 46.14
N LEU A 225 -35.76 48.39 46.53
CA LEU A 225 -35.88 47.26 45.61
C LEU A 225 -37.18 47.26 44.78
N SER A 226 -38.01 48.28 44.96
CA SER A 226 -39.25 48.48 44.21
C SER A 226 -38.91 49.12 42.86
N ARG A 227 -37.71 49.77 42.78
CA ARG A 227 -37.23 50.48 41.60
C ARG A 227 -36.96 49.54 40.41
N PRO A 228 -37.16 49.99 39.15
CA PRO A 228 -36.97 49.06 38.01
C PRO A 228 -35.55 48.99 37.45
N THR A 229 -35.24 47.86 36.83
CA THR A 229 -33.96 47.69 36.14
C THR A 229 -34.02 48.59 34.88
N PRO A 230 -32.99 49.43 34.61
CA PRO A 230 -33.03 50.28 33.41
C PRO A 230 -33.06 49.49 32.10
N LEU A 231 -33.66 50.08 31.06
CA LEU A 231 -33.80 49.43 29.76
C LEU A 231 -32.48 49.00 29.13
N TRP A 232 -31.44 49.87 29.18
CA TRP A 232 -30.16 49.50 28.60
C TRP A 232 -29.64 48.16 29.15
N MET A 233 -29.77 47.96 30.48
CA MET A 233 -29.33 46.74 31.13
C MET A 233 -30.19 45.53 30.75
N VAL A 234 -31.52 45.71 30.73
CA VAL A 234 -32.45 44.64 30.34
C VAL A 234 -32.13 44.15 28.93
N GLU A 235 -31.93 45.11 28.01
CA GLU A 235 -31.58 44.83 26.63
C GLU A 235 -30.24 44.10 26.48
N ARG A 236 -29.17 44.61 27.18
CA ARG A 236 -27.83 43.98 27.21
C ARG A 236 -27.91 42.56 27.74
N LEU A 237 -28.61 42.35 28.86
CA LEU A 237 -28.80 40.99 29.41
C LEU A 237 -29.57 40.08 28.44
N ARG A 238 -30.67 40.58 27.86
CA ARG A 238 -31.57 39.84 26.95
C ARG A 238 -30.82 39.32 25.72
N ARG A 239 -29.97 40.21 25.15
CA ARG A 239 -29.12 39.94 24.01
C ARG A 239 -28.01 38.93 24.33
N SER A 240 -27.94 38.47 25.59
CA SER A 240 -26.99 37.46 26.07
C SER A 240 -27.76 36.28 26.67
N ASP A 241 -29.06 36.21 26.35
CA ASP A 241 -30.04 35.18 26.80
C ASP A 241 -30.32 35.22 28.29
N ILE A 242 -30.16 36.39 28.92
CA ILE A 242 -30.44 36.51 30.33
C ILE A 242 -31.72 37.29 30.50
N ARG A 243 -32.70 36.64 31.14
CA ARG A 243 -34.05 37.15 31.43
C ARG A 243 -33.96 38.04 32.67
N SER A 244 -34.52 39.27 32.62
CA SER A 244 -34.57 40.22 33.75
C SER A 244 -35.50 39.65 34.83
N ILE A 245 -35.06 39.64 36.08
CA ILE A 245 -35.88 39.09 37.16
C ILE A 245 -36.16 40.19 38.20
N ASP A 246 -35.11 40.79 38.75
CA ASP A 246 -35.13 41.82 39.81
C ASP A 246 -33.91 42.71 39.68
N PRO A 247 -33.99 43.99 40.10
CA PRO A 247 -32.83 44.88 39.94
C PRO A 247 -31.48 44.33 40.46
N VAL A 248 -31.46 43.74 41.66
CA VAL A 248 -30.22 43.24 42.28
C VAL A 248 -29.64 42.03 41.55
N VAL A 249 -30.48 41.05 41.17
CA VAL A 249 -29.99 39.86 40.44
C VAL A 249 -29.52 40.29 39.06
N ASP A 250 -30.25 41.23 38.44
CA ASP A 250 -29.94 41.77 37.14
C ASP A 250 -28.54 42.41 37.12
N VAL A 251 -28.19 43.21 38.17
CA VAL A 251 -26.86 43.81 38.27
C VAL A 251 -25.77 42.75 38.40
N THR A 252 -25.91 41.78 39.34
CA THR A 252 -24.89 40.75 39.56
C THR A 252 -24.68 39.91 38.27
N ASN A 253 -25.80 39.64 37.54
CA ASN A 253 -25.75 38.94 36.25
C ASN A 253 -25.07 39.82 35.21
N TYR A 254 -25.44 41.12 35.15
CA TYR A 254 -24.87 42.07 34.21
C TYR A 254 -23.37 42.18 34.35
N VAL A 255 -22.87 42.35 35.60
CA VAL A 255 -21.45 42.43 35.92
C VAL A 255 -20.72 41.15 35.46
N MET A 256 -21.36 39.98 35.65
CA MET A 256 -20.80 38.70 35.24
C MET A 256 -20.64 38.59 33.72
N ILE A 257 -21.67 38.99 33.00
CA ILE A 257 -21.71 38.96 31.55
C ILE A 257 -20.83 40.07 30.97
N GLU A 258 -20.72 41.21 31.65
CA GLU A 258 -19.89 42.32 31.20
C GLU A 258 -18.40 42.07 31.43
N LEU A 259 -18.01 41.73 32.67
CA LEU A 259 -16.61 41.58 33.06
C LEU A 259 -16.10 40.15 33.19
N GLY A 260 -17.00 39.21 33.47
CA GLY A 260 -16.68 37.80 33.64
C GLY A 260 -16.68 37.31 35.06
N GLN A 261 -17.02 38.22 36.01
CA GLN A 261 -17.02 37.92 37.45
C GLN A 261 -18.41 37.58 37.96
N PRO A 262 -18.67 36.29 38.31
CA PRO A 262 -19.97 35.95 38.90
C PRO A 262 -20.04 36.57 40.26
N MET A 263 -21.16 37.21 40.58
CA MET A 263 -21.36 37.85 41.89
C MET A 263 -22.67 37.42 42.49
N HIS A 264 -22.78 37.55 43.81
CA HIS A 264 -23.98 37.21 44.57
C HIS A 264 -24.34 38.25 45.65
N ALA A 265 -25.62 38.58 45.79
CA ALA A 265 -26.13 39.48 46.84
C ALA A 265 -27.01 38.72 47.84
N PHE A 266 -26.73 38.94 49.12
CA PHE A 266 -27.49 38.39 50.25
C PHE A 266 -28.31 39.52 50.89
N ASP A 267 -29.39 39.16 51.59
CA ASP A 267 -30.15 40.10 52.40
C ASP A 267 -29.30 40.16 53.70
N LEU A 268 -28.70 41.34 53.98
CA LEU A 268 -27.83 41.56 55.12
C LEU A 268 -28.45 41.08 56.45
N ALA A 269 -29.79 41.19 56.58
CA ALA A 269 -30.55 40.78 57.76
C ALA A 269 -30.51 39.26 58.00
N GLU A 270 -30.18 38.49 56.94
CA GLU A 270 -30.08 37.03 56.97
C GLU A 270 -28.69 36.50 57.29
N ILE A 271 -27.75 37.41 57.61
CA ILE A 271 -26.36 37.08 57.94
C ILE A 271 -26.11 37.26 59.41
N ASN A 272 -25.92 36.11 60.10
CA ASN A 272 -25.65 36.08 61.52
C ASN A 272 -24.18 35.92 61.82
N GLY A 273 -23.58 37.02 62.23
CA GLY A 273 -22.21 37.09 62.68
C GLY A 273 -21.12 37.09 61.65
N GLY A 274 -21.37 37.59 60.46
CA GLY A 274 -20.33 37.60 59.45
C GLY A 274 -20.20 36.29 58.69
N VAL A 275 -19.46 36.36 57.59
CA VAL A 275 -19.26 35.29 56.62
C VAL A 275 -18.12 34.36 57.02
N ARG A 276 -18.35 33.08 56.77
CA ARG A 276 -17.43 31.98 57.00
C ARG A 276 -17.46 31.19 55.66
N VAL A 277 -16.34 31.20 54.93
CA VAL A 277 -16.20 30.51 53.65
C VAL A 277 -15.53 29.18 54.03
N ARG A 278 -16.35 28.12 54.10
CA ARG A 278 -15.92 26.82 54.58
C ARG A 278 -16.50 25.67 53.81
N MET A 279 -15.96 24.48 54.09
CA MET A 279 -16.47 23.23 53.57
C MET A 279 -17.74 22.88 54.32
N ALA A 280 -18.66 22.21 53.62
CA ALA A 280 -19.92 21.73 54.20
C ALA A 280 -19.62 20.59 55.17
N GLU A 281 -20.52 20.35 56.11
CA GLU A 281 -20.40 19.18 56.98
C GLU A 281 -21.15 18.07 56.22
N ASP A 282 -20.72 16.78 56.38
CA ASP A 282 -21.39 15.66 55.70
C ASP A 282 -22.85 15.54 56.17
N GLY A 283 -23.76 15.67 55.20
CA GLY A 283 -25.20 15.64 55.42
C GLY A 283 -25.81 16.98 55.79
N GLU A 284 -25.07 18.10 55.58
CA GLU A 284 -25.57 19.45 55.85
C GLU A 284 -26.62 19.76 54.79
N LYS A 285 -27.80 20.21 55.23
CA LYS A 285 -28.91 20.48 54.33
C LYS A 285 -29.09 21.96 54.04
N LEU A 286 -29.24 22.29 52.73
CA LEU A 286 -29.45 23.66 52.25
C LEU A 286 -30.53 23.73 51.19
N VAL A 287 -31.52 24.61 51.39
CA VAL A 287 -32.57 24.83 50.41
C VAL A 287 -32.10 25.99 49.51
N LEU A 288 -32.00 25.74 48.20
CA LEU A 288 -31.56 26.73 47.20
C LEU A 288 -32.66 27.74 46.83
N LEU A 289 -32.33 28.80 46.08
CA LEU A 289 -33.36 29.80 45.75
C LEU A 289 -34.48 29.23 44.86
N ASP A 290 -34.15 28.15 44.12
CA ASP A 290 -35.09 27.44 43.24
C ASP A 290 -35.93 26.37 43.99
N GLY A 291 -35.76 26.28 45.31
CA GLY A 291 -36.52 25.36 46.15
C GLY A 291 -35.90 23.99 46.35
N GLN A 292 -34.86 23.65 45.57
CA GLN A 292 -34.16 22.36 45.66
C GLN A 292 -33.49 22.20 47.02
N GLU A 293 -33.74 21.06 47.69
CA GLU A 293 -33.14 20.79 49.00
C GLU A 293 -31.97 19.85 48.81
N ILE A 294 -30.76 20.40 48.84
CA ILE A 294 -29.53 19.66 48.63
C ILE A 294 -28.95 19.17 49.96
N THR A 295 -28.53 17.90 49.95
CA THR A 295 -27.90 17.19 51.05
C THR A 295 -26.41 17.15 50.70
N LEU A 296 -25.65 18.05 51.32
CA LEU A 296 -24.24 18.29 51.02
C LEU A 296 -23.24 17.26 51.55
N ARG A 297 -22.08 17.25 50.89
CA ARG A 297 -20.88 16.44 51.14
C ARG A 297 -19.73 17.32 51.68
N ALA A 298 -18.84 16.75 52.53
CA ALA A 298 -17.69 17.45 53.12
C ALA A 298 -16.67 18.03 52.10
N ASP A 299 -16.75 17.62 50.83
CA ASP A 299 -15.85 18.09 49.76
C ASP A 299 -16.36 19.35 49.06
N THR A 300 -17.54 19.83 49.46
CA THR A 300 -18.21 20.97 48.83
C THR A 300 -18.05 22.26 49.62
N LEU A 301 -17.58 23.30 48.91
CA LEU A 301 -17.41 24.62 49.49
C LEU A 301 -18.73 25.38 49.54
N VAL A 302 -19.03 25.92 50.71
CA VAL A 302 -20.22 26.70 50.96
C VAL A 302 -19.86 28.08 51.48
N ILE A 303 -20.77 29.02 51.30
CA ILE A 303 -20.65 30.32 51.91
C ILE A 303 -21.66 30.15 53.01
N ALA A 304 -21.19 30.38 54.23
CA ALA A 304 -21.96 30.22 55.45
C ALA A 304 -21.80 31.47 56.33
N ASP A 305 -22.65 31.59 57.37
CA ASP A 305 -22.57 32.61 58.40
C ASP A 305 -22.12 31.87 59.67
N HIS A 306 -22.37 32.39 60.86
CA HIS A 306 -21.87 31.69 62.04
C HIS A 306 -22.85 30.64 62.56
N GLN A 307 -24.06 30.64 62.00
CA GLN A 307 -25.14 29.73 62.36
C GLN A 307 -25.34 28.59 61.33
N ARG A 308 -25.35 28.92 60.02
CA ARG A 308 -25.66 27.96 58.96
C ARG A 308 -25.08 28.28 57.58
N ALA A 309 -25.20 27.32 56.63
CA ALA A 309 -24.79 27.52 55.23
C ALA A 309 -25.82 28.46 54.53
N LEU A 310 -25.31 29.41 53.77
CA LEU A 310 -26.11 30.39 53.05
C LEU A 310 -26.19 30.12 51.54
N ALA A 311 -25.13 29.54 50.96
CA ALA A 311 -25.04 29.27 49.52
C ALA A 311 -24.05 28.15 49.21
N ILE A 312 -24.17 27.52 48.02
CA ILE A 312 -23.17 26.54 47.62
C ILE A 312 -22.22 27.38 46.78
N ALA A 313 -21.05 27.70 47.38
CA ALA A 313 -20.02 28.59 46.82
C ALA A 313 -19.79 28.46 45.34
N GLY A 314 -19.97 29.60 44.66
CA GLY A 314 -19.77 29.77 43.23
C GLY A 314 -20.73 29.03 42.32
N VAL A 315 -21.84 28.48 42.86
CA VAL A 315 -22.78 27.75 42.01
C VAL A 315 -24.19 28.33 42.21
N MET A 316 -24.79 28.27 43.43
CA MET A 316 -26.14 28.80 43.66
C MET A 316 -26.41 29.23 45.10
N GLY A 317 -27.17 30.32 45.24
CA GLY A 317 -27.52 30.85 46.54
C GLY A 317 -28.66 30.11 47.21
N GLY A 318 -28.76 30.26 48.54
CA GLY A 318 -29.83 29.67 49.32
C GLY A 318 -31.06 30.55 49.30
N GLU A 319 -32.22 29.95 49.61
CA GLU A 319 -33.52 30.66 49.66
C GLU A 319 -33.55 31.69 50.81
N HIS A 320 -33.27 31.23 52.05
CA HIS A 320 -33.28 32.06 53.27
C HIS A 320 -32.40 33.32 53.16
N SER A 321 -31.11 33.16 52.87
CA SER A 321 -30.10 34.22 52.74
C SER A 321 -30.34 35.24 51.61
N GLY A 322 -31.07 34.84 50.58
CA GLY A 322 -31.31 35.67 49.41
C GLY A 322 -32.27 36.82 49.57
N VAL A 323 -32.19 37.76 48.61
CA VAL A 323 -33.01 38.98 48.55
C VAL A 323 -34.47 38.67 48.26
N SER A 324 -35.35 39.32 49.04
CA SER A 324 -36.80 39.22 48.91
C SER A 324 -37.33 40.65 48.73
N ASP A 325 -38.66 40.84 48.83
CA ASP A 325 -39.30 42.15 48.73
C ASP A 325 -39.02 42.97 50.00
N SER A 326 -39.10 42.32 51.17
CA SER A 326 -38.83 42.87 52.49
C SER A 326 -37.34 43.40 52.68
N THR A 327 -36.39 43.08 51.75
CA THR A 327 -34.97 43.48 51.84
C THR A 327 -34.79 44.99 51.77
N ARG A 328 -34.05 45.54 52.76
CA ARG A 328 -33.72 46.98 52.81
C ARG A 328 -32.20 47.22 52.71
N ASP A 329 -31.40 46.18 53.07
CA ASP A 329 -29.93 46.21 53.08
C ASP A 329 -29.32 44.96 52.42
N LEU A 330 -28.17 45.17 51.75
CA LEU A 330 -27.46 44.13 51.00
C LEU A 330 -26.08 43.82 51.50
N PHE A 331 -25.62 42.60 51.21
CA PHE A 331 -24.26 42.17 51.39
C PHE A 331 -23.83 41.60 50.08
N LEU A 332 -23.03 42.37 49.34
CA LEU A 332 -22.49 41.98 48.03
C LEU A 332 -21.30 41.07 48.18
N GLU A 333 -21.22 40.08 47.30
CA GLU A 333 -20.09 39.15 47.26
C GLU A 333 -19.47 39.03 45.85
N ALA A 334 -18.14 39.12 45.78
CA ALA A 334 -17.31 38.87 44.61
C ALA A 334 -16.09 38.10 45.16
N ALA A 335 -15.91 36.82 44.73
CA ALA A 335 -14.84 35.97 45.20
C ALA A 335 -14.15 35.21 44.07
N PHE A 336 -12.95 34.66 44.35
CA PHE A 336 -12.28 33.78 43.43
C PHE A 336 -12.31 32.39 44.06
N PHE A 337 -12.84 31.44 43.29
CA PHE A 337 -12.90 30.04 43.69
C PHE A 337 -11.98 29.24 42.79
N ASP A 338 -11.16 28.37 43.41
CA ASP A 338 -10.20 27.53 42.71
C ASP A 338 -10.98 26.59 41.75
N THR A 339 -10.47 26.46 40.52
CA THR A 339 -11.09 25.63 39.49
C THR A 339 -11.08 24.14 39.84
N ILE A 340 -9.97 23.66 40.39
CA ILE A 340 -9.81 22.27 40.74
C ILE A 340 -10.81 21.90 41.84
N ALA A 341 -10.90 22.74 42.86
CA ALA A 341 -11.79 22.57 44.02
C ALA A 341 -13.28 22.61 43.67
N LEU A 342 -13.62 23.17 42.50
CA LEU A 342 -15.00 23.32 42.07
C LEU A 342 -15.44 22.37 40.96
N ALA A 343 -14.45 21.76 40.27
CA ALA A 343 -14.66 20.82 39.17
C ALA A 343 -15.64 19.68 39.53
N GLY A 344 -16.71 19.60 38.74
CA GLY A 344 -17.75 18.58 38.82
C GLY A 344 -18.73 18.73 39.96
N LYS A 345 -18.48 19.65 40.90
CA LYS A 345 -19.31 19.83 42.09
C LYS A 345 -20.76 20.16 41.75
N ALA A 346 -21.01 21.14 40.86
CA ALA A 346 -22.40 21.49 40.50
C ALA A 346 -23.10 20.28 39.90
N ARG A 347 -22.43 19.59 38.94
CA ARG A 347 -22.96 18.37 38.28
C ARG A 347 -23.34 17.27 39.27
N SER A 348 -22.54 17.09 40.34
CA SER A 348 -22.75 16.06 41.34
C SER A 348 -24.04 16.27 42.16
N TYR A 349 -24.63 17.48 42.10
CA TYR A 349 -25.89 17.80 42.76
C TYR A 349 -27.00 18.01 41.71
N GLY A 350 -26.65 17.74 40.45
CA GLY A 350 -27.54 17.90 39.31
C GLY A 350 -27.81 19.36 38.97
N LEU A 351 -26.83 20.24 39.25
CA LEU A 351 -26.97 21.67 39.00
C LEU A 351 -25.99 22.18 37.93
N HIS A 352 -26.36 23.29 37.27
CA HIS A 352 -25.50 23.96 36.28
C HIS A 352 -25.96 25.39 36.20
N THR A 353 -25.07 26.33 36.56
CA THR A 353 -25.39 27.77 36.55
C THR A 353 -24.32 28.52 35.74
N ASP A 354 -24.61 29.82 35.43
CA ASP A 354 -23.66 30.69 34.73
C ASP A 354 -22.43 30.92 35.61
N SER A 355 -22.68 30.91 36.93
CA SER A 355 -21.63 31.04 37.93
C SER A 355 -20.80 29.78 37.98
N SER A 356 -21.44 28.60 38.15
CA SER A 356 -20.71 27.32 38.21
C SER A 356 -19.83 27.11 36.99
N HIS A 357 -20.36 27.45 35.82
CA HIS A 357 -19.62 27.32 34.58
C HIS A 357 -18.36 28.18 34.52
N ARG A 358 -18.50 29.48 34.80
CA ARG A 358 -17.37 30.42 34.77
C ARG A 358 -16.29 30.07 35.76
N PHE A 359 -16.68 29.73 36.99
CA PHE A 359 -15.71 29.35 38.02
C PHE A 359 -14.95 28.07 37.67
N GLU A 360 -15.64 27.08 37.06
CA GLU A 360 -15.04 25.80 36.71
C GLU A 360 -14.06 25.99 35.58
N ARG A 361 -14.42 26.83 34.62
CA ARG A 361 -13.62 27.16 33.45
C ARG A 361 -12.48 28.16 33.81
N GLY A 362 -12.64 28.89 34.92
CA GLY A 362 -11.66 29.86 35.38
C GLY A 362 -12.11 31.30 35.30
N VAL A 363 -12.06 32.00 36.43
CA VAL A 363 -12.41 33.41 36.56
C VAL A 363 -11.12 34.12 36.97
N ASP A 364 -10.78 35.24 36.30
CA ASP A 364 -9.60 36.06 36.58
C ASP A 364 -9.50 36.26 38.12
N SER A 365 -8.43 35.69 38.73
CA SER A 365 -8.20 35.74 40.18
C SER A 365 -8.05 37.18 40.76
N GLN A 366 -7.76 38.17 39.90
CA GLN A 366 -7.59 39.55 40.34
C GLN A 366 -8.81 40.45 40.15
N LEU A 367 -9.81 39.97 39.41
CA LEU A 367 -11.01 40.68 38.98
C LEU A 367 -12.01 41.09 40.04
N ALA A 368 -12.19 40.30 41.12
CA ALA A 368 -13.16 40.58 42.18
C ALA A 368 -13.36 42.08 42.54
N ARG A 369 -12.26 42.85 42.68
CA ARG A 369 -12.31 44.26 43.09
C ARG A 369 -12.92 45.22 42.04
N LYS A 370 -12.53 45.10 40.76
CA LYS A 370 -13.07 45.90 39.65
C LYS A 370 -14.58 45.60 39.56
N ALA A 371 -14.95 44.32 39.66
CA ALA A 371 -16.32 43.84 39.64
C ALA A 371 -17.14 44.39 40.82
N MET A 372 -16.55 44.35 42.03
CA MET A 372 -17.20 44.87 43.23
C MET A 372 -17.53 46.34 43.05
N GLU A 373 -16.56 47.17 42.61
CA GLU A 373 -16.76 48.61 42.38
C GLU A 373 -17.82 48.86 41.32
N ARG A 374 -17.77 48.11 40.19
CA ARG A 374 -18.74 48.22 39.11
C ARG A 374 -20.17 47.89 39.59
N ALA A 375 -20.34 46.77 40.34
CA ALA A 375 -21.66 46.39 40.84
C ALA A 375 -22.15 47.39 41.90
N THR A 376 -21.22 47.97 42.70
CA THR A 376 -21.59 48.96 43.72
C THR A 376 -22.22 50.17 43.01
N ARG A 377 -21.53 50.70 41.98
CA ARG A 377 -22.00 51.87 41.22
C ARG A 377 -23.35 51.61 40.58
N LEU A 378 -23.55 50.42 40.02
CA LEU A 378 -24.81 50.05 39.36
C LEU A 378 -25.94 49.89 40.36
N ILE A 379 -25.68 49.27 41.52
CA ILE A 379 -26.69 49.13 42.58
C ILE A 379 -27.15 50.52 43.06
N LEU A 380 -26.20 51.45 43.31
CA LEU A 380 -26.55 52.79 43.75
C LEU A 380 -27.32 53.58 42.71
N ASP A 381 -26.99 53.37 41.46
CA ASP A 381 -27.65 54.00 40.33
C ASP A 381 -29.06 53.47 40.15
N ILE A 382 -29.26 52.15 40.30
CA ILE A 382 -30.54 51.47 40.05
C ILE A 382 -31.48 51.51 41.26
N VAL A 383 -30.98 51.18 42.47
CA VAL A 383 -31.82 51.08 43.66
C VAL A 383 -31.41 52.02 44.81
N GLY A 384 -30.39 52.87 44.56
CA GLY A 384 -29.87 53.78 45.57
C GLY A 384 -29.16 53.04 46.70
N GLY A 385 -29.06 53.69 47.84
CA GLY A 385 -28.40 53.10 49.00
C GLY A 385 -27.10 53.80 49.31
N GLU A 386 -26.42 53.32 50.34
CA GLU A 386 -25.16 53.89 50.80
C GLU A 386 -24.15 52.77 50.98
N PRO A 387 -22.99 52.88 50.32
CA PRO A 387 -22.00 51.80 50.41
C PRO A 387 -21.08 51.94 51.60
N GLY A 388 -20.70 50.80 52.18
CA GLY A 388 -19.73 50.80 53.26
C GLY A 388 -18.39 50.49 52.64
N PRO A 389 -17.35 50.23 53.44
CA PRO A 389 -16.06 49.83 52.84
C PRO A 389 -16.05 48.37 52.32
N ILE A 390 -15.18 48.07 51.36
CA ILE A 390 -14.99 46.71 50.86
C ILE A 390 -14.12 45.96 51.88
N VAL A 391 -14.53 44.73 52.23
CA VAL A 391 -13.82 43.81 53.11
C VAL A 391 -13.21 42.78 52.19
N GLU A 392 -11.89 42.80 52.09
CA GLU A 392 -11.15 41.85 51.25
C GLU A 392 -10.38 40.93 52.17
N GLN A 393 -10.71 39.65 52.03
CA GLN A 393 -10.08 38.58 52.77
C GLN A 393 -9.34 37.77 51.71
N VAL A 394 -8.00 37.74 51.81
CA VAL A 394 -7.14 37.08 50.82
C VAL A 394 -6.09 36.16 51.50
N SER A 395 -5.73 35.07 50.81
CA SER A 395 -4.75 34.08 51.23
C SER A 395 -3.66 34.02 50.15
N GLU A 396 -2.64 34.87 50.30
CA GLU A 396 -1.51 35.02 49.37
C GLU A 396 -0.88 33.70 48.99
N ALA A 397 -0.83 32.73 49.94
CA ALA A 397 -0.26 31.40 49.74
C ALA A 397 -1.05 30.55 48.76
N HIS A 398 -2.37 30.74 48.69
CA HIS A 398 -3.20 29.91 47.84
C HIS A 398 -3.62 30.57 46.54
N LEU A 399 -3.12 31.78 46.24
CA LEU A 399 -3.44 32.47 44.98
C LEU A 399 -2.81 31.71 43.79
N PRO A 400 -3.49 31.61 42.61
CA PRO A 400 -2.86 30.92 41.48
C PRO A 400 -1.65 31.70 40.92
N LYS A 401 -0.55 30.99 40.59
CA LYS A 401 0.68 31.61 40.08
C LYS A 401 1.29 30.77 38.97
N VAL A 402 1.53 31.40 37.80
CA VAL A 402 2.18 30.77 36.64
C VAL A 402 3.56 31.40 36.46
N ALA A 403 4.63 30.59 36.42
CA ALA A 403 6.00 31.10 36.18
C ALA A 403 6.12 31.67 34.76
N PRO A 404 6.98 32.70 34.51
CA PRO A 404 7.17 33.18 33.14
C PRO A 404 7.72 32.05 32.24
N ILE A 405 7.30 32.09 30.97
CA ILE A 405 7.62 31.11 29.94
C ILE A 405 8.66 31.67 28.99
N THR A 406 9.72 30.89 28.69
CA THR A 406 10.68 31.34 27.69
C THR A 406 10.26 30.80 26.32
N LEU A 407 10.06 31.73 25.38
CA LEU A 407 9.70 31.47 23.99
C LEU A 407 10.91 31.69 23.13
N ARG A 408 11.24 30.71 22.29
CA ARG A 408 12.37 30.75 21.35
C ARG A 408 11.80 30.88 19.93
N ALA A 409 12.30 31.87 19.16
CA ALA A 409 11.88 32.15 17.78
C ALA A 409 12.05 30.95 16.85
N GLU A 410 13.12 30.16 17.04
CA GLU A 410 13.42 28.99 16.22
C GLU A 410 12.32 27.95 16.36
N ARG A 411 11.80 27.80 17.59
CA ARG A 411 10.72 26.87 17.89
C ARG A 411 9.42 27.28 17.19
N VAL A 412 9.20 28.61 17.03
CA VAL A 412 8.02 29.17 16.33
C VAL A 412 8.16 28.83 14.84
N THR A 413 9.31 29.21 14.23
CA THR A 413 9.67 28.94 12.83
C THR A 413 9.50 27.44 12.51
N GLN A 414 10.13 26.58 13.33
CA GLN A 414 10.07 25.13 13.20
C GLN A 414 8.62 24.62 13.13
N MET A 415 7.82 24.93 14.15
CA MET A 415 6.43 24.50 14.34
C MET A 415 5.48 25.02 13.26
N LEU A 416 5.59 26.31 12.91
CA LEU A 416 4.72 26.97 11.94
C LEU A 416 5.12 26.69 10.48
N GLY A 417 6.37 26.29 10.31
CA GLY A 417 6.92 26.01 8.99
C GLY A 417 7.31 27.30 8.27
N MET A 418 7.41 28.38 9.05
CA MET A 418 7.75 29.73 8.57
C MET A 418 8.16 30.66 9.70
N PRO A 419 9.07 31.60 9.43
CA PRO A 419 9.44 32.54 10.49
C PRO A 419 8.46 33.70 10.61
N LEU A 420 8.28 34.17 11.85
CA LEU A 420 7.49 35.36 12.18
C LEU A 420 8.46 36.42 12.70
N ASP A 421 8.24 37.70 12.32
CA ASP A 421 9.13 38.81 12.76
C ASP A 421 8.96 39.07 14.26
N ALA A 422 10.04 39.53 14.93
CA ALA A 422 10.02 39.80 16.36
C ALA A 422 8.93 40.82 16.71
N ALA A 423 8.75 41.88 15.88
CA ALA A 423 7.73 42.90 16.06
C ALA A 423 6.34 42.28 16.03
N GLU A 424 6.09 41.36 15.08
CA GLU A 424 4.83 40.65 14.89
C GLU A 424 4.53 39.80 16.12
N ILE A 425 5.51 39.00 16.57
CA ILE A 425 5.41 38.14 17.75
C ILE A 425 5.00 38.97 19.01
N VAL A 426 5.77 40.02 19.31
CA VAL A 426 5.56 40.92 20.43
C VAL A 426 4.18 41.56 20.30
N ARG A 427 3.85 42.11 19.11
CA ARG A 427 2.55 42.74 18.90
C ARG A 427 1.42 41.81 19.26
N LEU A 428 1.45 40.58 18.68
CA LEU A 428 0.42 39.58 18.90
C LEU A 428 0.29 39.16 20.36
N LEU A 429 1.42 38.75 20.98
CA LEU A 429 1.41 38.33 22.38
C LEU A 429 0.97 39.45 23.34
N GLN A 430 1.42 40.68 23.08
CA GLN A 430 1.05 41.82 23.92
C GLN A 430 -0.42 42.14 23.83
N ALA A 431 -1.05 41.93 22.66
CA ALA A 431 -2.48 42.18 22.42
C ALA A 431 -3.34 41.23 23.25
N LEU A 432 -2.82 40.02 23.55
CA LEU A 432 -3.46 38.99 24.37
C LEU A 432 -3.18 39.28 25.85
N GLU A 433 -2.50 40.40 26.13
CA GLU A 433 -2.15 40.92 27.46
C GLU A 433 -1.03 40.11 28.14
N LEU A 434 -0.20 39.46 27.31
CA LEU A 434 0.95 38.74 27.83
C LEU A 434 2.09 39.76 27.96
N THR A 435 2.99 39.52 28.92
CA THR A 435 4.13 40.40 29.23
C THR A 435 5.33 39.85 28.51
N VAL A 436 5.78 40.55 27.45
CA VAL A 436 6.89 40.12 26.59
C VAL A 436 8.16 40.94 26.80
N VAL A 437 9.16 40.32 27.43
CA VAL A 437 10.47 40.98 27.62
C VAL A 437 11.49 40.19 26.83
N ALA A 438 12.32 40.89 26.03
CA ALA A 438 13.39 40.29 25.24
C ALA A 438 14.46 39.65 26.16
N ASP A 439 14.95 38.47 25.77
CA ASP A 439 15.92 37.67 26.51
C ASP A 439 17.02 37.18 25.52
N GLY A 440 17.64 38.16 24.86
CA GLY A 440 18.67 37.91 23.86
C GLY A 440 18.11 37.75 22.46
N GLU A 441 18.93 37.18 21.57
CA GLU A 441 18.54 36.97 20.18
C GLU A 441 17.53 35.84 20.02
N GLY A 442 16.40 36.17 19.40
CA GLY A 442 15.31 35.25 19.09
C GLY A 442 14.82 34.44 20.27
N GLN A 443 14.74 35.12 21.43
CA GLN A 443 14.25 34.58 22.70
C GLN A 443 13.57 35.67 23.51
N TRP A 444 12.49 35.30 24.24
CA TRP A 444 11.75 36.19 25.13
C TRP A 444 11.32 35.48 26.42
N SER A 445 11.09 36.27 27.46
CA SER A 445 10.49 35.80 28.70
C SER A 445 9.08 36.38 28.64
N VAL A 446 8.07 35.51 28.66
CA VAL A 446 6.70 35.97 28.56
C VAL A 446 5.92 35.60 29.82
N GLY A 447 5.19 36.60 30.37
CA GLY A 447 4.34 36.49 31.56
C GLY A 447 2.87 36.34 31.21
N VAL A 448 2.18 35.45 31.94
CA VAL A 448 0.80 35.10 31.72
C VAL A 448 -0.18 35.97 32.52
N PRO A 449 -1.16 36.63 31.86
CA PRO A 449 -2.16 37.40 32.61
C PRO A 449 -3.11 36.52 33.47
N SER A 450 -3.60 37.09 34.59
CA SER A 450 -4.48 36.44 35.60
C SER A 450 -5.81 35.86 35.11
N HIS A 451 -6.23 36.21 33.87
CA HIS A 451 -7.47 35.73 33.25
C HIS A 451 -7.28 34.48 32.42
N ARG A 452 -6.04 34.13 32.14
CA ARG A 452 -5.72 33.00 31.32
C ARG A 452 -5.28 31.80 32.14
N PHE A 453 -6.06 30.71 32.04
CA PHE A 453 -5.87 29.48 32.77
C PHE A 453 -5.22 28.36 31.92
N ASP A 454 -5.11 28.58 30.58
CA ASP A 454 -4.64 27.62 29.60
C ASP A 454 -3.19 27.86 29.12
N ILE A 455 -2.52 28.90 29.63
CA ILE A 455 -1.15 29.23 29.15
C ILE A 455 -0.08 28.96 30.22
N SER A 456 0.73 27.91 30.05
CA SER A 456 1.78 27.61 31.00
C SER A 456 3.08 27.17 30.31
N LEU A 457 2.99 26.75 29.03
CA LEU A 457 4.12 26.26 28.23
C LEU A 457 4.37 27.09 26.98
N GLU A 458 5.59 26.89 26.42
CA GLU A 458 6.09 27.51 25.19
C GLU A 458 5.19 27.18 24.00
N VAL A 459 4.68 25.95 23.94
CA VAL A 459 3.82 25.49 22.85
C VAL A 459 2.46 26.23 22.86
N ASP A 460 1.97 26.62 24.07
CA ASP A 460 0.73 27.36 24.24
C ASP A 460 0.90 28.74 23.61
N LEU A 461 2.13 29.29 23.68
CA LEU A 461 2.48 30.59 23.10
C LEU A 461 2.50 30.50 21.59
N ILE A 462 3.14 29.46 21.07
CA ILE A 462 3.19 29.17 19.62
C ILE A 462 1.75 29.00 19.04
N GLU A 463 0.86 28.28 19.78
CA GLU A 463 -0.56 28.09 19.45
C GLU A 463 -1.24 29.46 19.30
N GLU A 464 -1.03 30.38 20.28
CA GLU A 464 -1.59 31.72 20.23
C GLU A 464 -1.16 32.44 18.96
N LEU A 465 0.14 32.35 18.62
CA LEU A 465 0.71 32.95 17.42
C LEU A 465 0.08 32.40 16.14
N ALA A 466 -0.01 31.06 16.02
CA ALA A 466 -0.61 30.39 14.85
C ALA A 466 -2.07 30.81 14.65
N ARG A 467 -2.83 30.80 15.76
CA ARG A 467 -4.23 31.15 15.86
C ARG A 467 -4.51 32.55 15.29
N LEU A 468 -3.81 33.56 15.83
CA LEU A 468 -3.97 34.94 15.44
C LEU A 468 -3.32 35.27 14.11
N TYR A 469 -2.30 34.50 13.69
CA TYR A 469 -1.68 34.72 12.39
C TYR A 469 -2.68 34.28 11.31
N GLY A 470 -3.28 33.12 11.55
CA GLY A 470 -4.28 32.49 10.69
C GLY A 470 -3.81 31.13 10.25
N TYR A 471 -4.43 30.06 10.78
CA TYR A 471 -4.13 28.65 10.47
C TYR A 471 -4.07 28.41 8.96
N ASN A 472 -5.03 29.00 8.20
CA ASN A 472 -5.10 28.81 6.77
C ASN A 472 -4.09 29.69 5.99
N ARG A 473 -3.36 30.58 6.68
CA ARG A 473 -2.31 31.39 6.06
C ARG A 473 -0.95 30.67 6.17
N LEU A 474 -0.88 29.65 7.04
CA LEU A 474 0.35 28.88 7.29
C LEU A 474 0.74 27.98 6.10
N PRO A 475 2.04 27.68 5.95
CA PRO A 475 2.48 26.82 4.83
C PRO A 475 1.94 25.39 4.84
N VAL A 476 2.09 24.71 3.69
CA VAL A 476 1.68 23.32 3.48
C VAL A 476 2.89 22.55 2.94
N ARG A 477 3.22 21.45 3.62
CA ARG A 477 4.36 20.62 3.31
C ARG A 477 3.89 19.17 3.47
N TYR A 478 4.64 18.22 2.88
CA TYR A 478 4.40 16.78 2.98
C TYR A 478 5.62 16.20 3.67
N PRO A 479 5.46 15.43 4.74
CA PRO A 479 6.64 14.96 5.47
C PRO A 479 7.52 13.96 4.71
N GLN A 480 8.85 14.22 4.75
CA GLN A 480 9.88 13.38 4.14
C GLN A 480 10.09 12.11 4.93
N ALA A 481 10.38 11.00 4.23
CA ALA A 481 10.59 9.70 4.84
C ALA A 481 11.61 8.83 4.07
N ARG A 482 12.57 8.23 4.81
CA ARG A 482 13.56 7.29 4.29
C ARG A 482 12.86 5.94 4.41
N LEU A 483 12.10 5.59 3.37
CA LEU A 483 11.33 4.36 3.36
C LEU A 483 12.01 3.19 2.63
N ALA A 484 11.90 2.00 3.24
CA ALA A 484 12.52 0.77 2.73
C ALA A 484 11.46 -0.25 2.29
N PRO A 485 11.68 -0.97 1.14
CA PRO A 485 10.70 -1.99 0.73
C PRO A 485 10.51 -3.04 1.82
N ASN A 486 9.25 -3.43 2.06
CA ASN A 486 8.90 -4.38 3.12
C ASN A 486 7.61 -5.09 2.82
N ASN A 487 7.40 -6.21 3.51
CA ASN A 487 6.18 -7.01 3.37
C ASN A 487 6.04 -8.00 4.52
N LYS A 488 4.81 -8.45 4.74
CA LYS A 488 4.46 -9.47 5.70
C LYS A 488 4.77 -10.84 5.05
N PRO A 489 4.94 -11.96 5.81
CA PRO A 489 5.15 -13.27 5.17
C PRO A 489 4.03 -13.65 4.20
N GLU A 490 4.40 -14.38 3.15
CA GLU A 490 3.50 -14.82 2.10
C GLU A 490 2.40 -15.78 2.60
N ALA A 491 2.79 -16.79 3.38
CA ALA A 491 1.90 -17.86 3.85
C ALA A 491 1.15 -17.52 5.14
N ARG A 492 0.22 -16.58 5.02
CA ARG A 492 -0.62 -16.14 6.13
C ARG A 492 -2.03 -15.70 5.64
N ALA A 493 -3.06 -16.11 6.38
CA ALA A 493 -4.46 -15.80 6.09
C ALA A 493 -4.88 -14.64 7.00
N ALA A 494 -4.80 -13.41 6.45
CA ALA A 494 -5.17 -12.19 7.18
C ALA A 494 -6.69 -12.07 7.21
N LEU A 495 -7.23 -11.30 8.21
CA LEU A 495 -8.67 -11.10 8.35
C LEU A 495 -9.32 -10.40 7.13
N PRO A 496 -8.70 -9.37 6.47
CA PRO A 496 -9.36 -8.78 5.27
C PRO A 496 -9.57 -9.81 4.16
N LEU A 497 -8.67 -10.81 4.09
CA LEU A 497 -8.68 -11.90 3.12
C LEU A 497 -9.85 -12.86 3.35
N LEU A 498 -10.01 -13.27 4.61
CA LEU A 498 -11.04 -14.17 5.13
C LEU A 498 -12.42 -13.59 5.02
N ARG A 499 -12.55 -12.28 5.27
CA ARG A 499 -13.82 -11.54 5.15
C ARG A 499 -14.36 -11.65 3.73
N ARG A 500 -13.46 -11.40 2.74
CA ARG A 500 -13.78 -11.42 1.31
C ARG A 500 -14.12 -12.79 0.84
N LEU A 501 -13.48 -13.81 1.49
CA LEU A 501 -13.73 -15.20 1.16
C LEU A 501 -15.17 -15.53 1.57
N LEU A 502 -15.52 -15.13 2.80
CA LEU A 502 -16.86 -15.34 3.34
C LEU A 502 -17.91 -14.59 2.51
N VAL A 503 -17.57 -13.37 2.04
CA VAL A 503 -18.42 -12.61 1.13
C VAL A 503 -18.71 -13.47 -0.12
N ALA A 504 -17.64 -13.97 -0.78
CA ALA A 504 -17.76 -14.79 -1.98
C ALA A 504 -18.54 -16.08 -1.74
N ARG A 505 -18.51 -16.56 -0.48
CA ARG A 505 -19.16 -17.77 -0.06
C ARG A 505 -20.63 -17.55 0.38
N GLY A 506 -21.12 -16.32 0.17
CA GLY A 506 -22.51 -15.90 0.40
C GLY A 506 -22.88 -15.38 1.77
N TYR A 507 -21.93 -14.71 2.45
CA TYR A 507 -22.14 -14.12 3.78
C TYR A 507 -22.18 -12.61 3.76
N GLN A 508 -22.97 -12.07 4.66
CA GLN A 508 -23.17 -10.66 4.89
C GLN A 508 -22.44 -10.30 6.18
N GLU A 509 -21.72 -9.17 6.20
CA GLU A 509 -20.97 -8.80 7.39
C GLU A 509 -21.77 -7.98 8.38
N ALA A 510 -21.89 -8.50 9.62
CA ALA A 510 -22.53 -7.85 10.76
C ALA A 510 -21.49 -7.30 11.74
N ILE A 511 -21.84 -6.24 12.47
CA ILE A 511 -21.04 -5.65 13.56
C ILE A 511 -22.03 -5.50 14.73
N THR A 512 -21.78 -6.24 15.83
CA THR A 512 -22.66 -6.26 16.98
C THR A 512 -21.98 -5.60 18.23
N PHE A 513 -22.78 -5.13 19.21
CA PHE A 513 -22.26 -4.50 20.43
C PHE A 513 -21.45 -5.52 21.26
N SER A 514 -20.27 -5.10 21.73
CA SER A 514 -19.34 -5.92 22.51
C SER A 514 -19.87 -6.31 23.89
N PHE A 515 -20.80 -5.47 24.42
CA PHE A 515 -21.49 -5.70 25.69
C PHE A 515 -22.93 -6.11 25.42
N ILE A 516 -23.30 -7.22 26.03
CA ILE A 516 -24.58 -7.87 25.86
C ILE A 516 -25.34 -8.00 27.18
N ASP A 517 -26.54 -8.56 27.10
CA ASP A 517 -27.36 -8.79 28.27
C ASP A 517 -26.76 -9.94 29.09
N PRO A 518 -26.59 -9.77 30.43
CA PRO A 518 -25.99 -10.84 31.26
C PRO A 518 -26.71 -12.18 31.14
N ALA A 519 -28.04 -12.12 30.94
CA ALA A 519 -28.89 -13.29 30.78
C ALA A 519 -28.57 -13.99 29.48
N LEU A 520 -28.28 -13.22 28.40
CA LEU A 520 -27.90 -13.80 27.10
C LEU A 520 -26.56 -14.49 27.21
N PHE A 521 -25.59 -13.82 27.88
CA PHE A 521 -24.24 -14.29 28.17
C PHE A 521 -24.30 -15.66 28.88
N GLU A 522 -25.16 -15.76 29.90
CA GLU A 522 -25.36 -16.96 30.70
C GLU A 522 -25.87 -18.13 29.83
N LEU A 523 -26.74 -17.84 28.83
CA LEU A 523 -27.31 -18.84 27.93
C LEU A 523 -26.24 -19.53 27.09
N PHE A 524 -25.28 -18.75 26.59
CA PHE A 524 -24.20 -19.24 25.73
C PHE A 524 -22.95 -19.71 26.51
N ASP A 525 -22.71 -19.09 27.68
CA ASP A 525 -21.59 -19.38 28.57
C ASP A 525 -22.07 -19.68 30.01
N PRO A 526 -22.72 -20.86 30.25
CA PRO A 526 -23.21 -21.19 31.60
C PRO A 526 -22.08 -21.31 32.59
N GLY A 527 -22.33 -20.83 33.80
CA GLY A 527 -21.35 -20.90 34.87
C GLY A 527 -20.23 -19.87 34.86
N THR A 528 -20.11 -19.08 33.80
CA THR A 528 -19.06 -18.08 33.79
C THR A 528 -19.58 -16.72 34.24
N GLN A 529 -18.79 -16.06 35.11
CA GLN A 529 -19.07 -14.73 35.57
C GLN A 529 -18.58 -13.77 34.48
N PRO A 530 -19.47 -13.01 33.79
CA PRO A 530 -18.97 -12.07 32.77
C PRO A 530 -18.19 -10.92 33.39
N LEU A 531 -17.38 -10.25 32.57
CA LEU A 531 -16.68 -9.06 32.98
C LEU A 531 -17.79 -7.98 32.82
N THR A 532 -18.39 -7.60 33.96
CA THR A 532 -19.54 -6.67 34.05
C THR A 532 -19.12 -5.23 34.31
N LEU A 533 -19.74 -4.31 33.55
CA LEU A 533 -19.55 -2.88 33.64
C LEU A 533 -20.16 -2.34 34.93
N ALA A 534 -19.51 -1.32 35.54
CA ALA A 534 -19.99 -0.65 36.76
C ALA A 534 -21.10 0.36 36.39
N ASN A 535 -20.93 1.11 35.28
CA ASN A 535 -21.92 2.07 34.81
C ASN A 535 -22.45 1.75 33.41
N PRO A 536 -23.15 0.59 33.17
CA PRO A 536 -23.64 0.29 31.82
C PRO A 536 -24.69 1.28 31.34
N ILE A 537 -24.79 1.50 30.01
CA ILE A 537 -25.75 2.41 29.36
C ILE A 537 -27.18 1.99 29.73
N SER A 538 -27.45 0.67 29.67
CA SER A 538 -28.68 -0.01 30.09
C SER A 538 -28.24 -1.34 30.77
N ALA A 539 -29.17 -2.06 31.39
CA ALA A 539 -28.86 -3.32 32.06
C ALA A 539 -28.68 -4.46 31.08
N ASP A 540 -29.26 -4.32 29.87
CA ASP A 540 -29.17 -5.34 28.82
C ASP A 540 -27.91 -5.13 27.97
N MET A 541 -26.98 -4.28 28.47
CA MET A 541 -25.70 -3.96 27.83
C MET A 541 -24.61 -3.86 28.91
N ALA A 542 -24.71 -4.77 29.89
CA ALA A 542 -23.86 -4.83 31.08
C ALA A 542 -22.71 -5.85 31.04
N ALA A 543 -22.81 -6.90 30.21
CA ALA A 543 -21.83 -7.96 30.14
C ALA A 543 -20.91 -7.90 28.95
N MET A 544 -19.56 -7.97 29.17
CA MET A 544 -18.61 -8.07 28.04
C MET A 544 -18.71 -9.48 27.51
N ARG A 545 -18.90 -9.59 26.19
CA ARG A 545 -19.04 -10.86 25.47
C ARG A 545 -17.80 -11.72 25.56
N SER A 546 -18.01 -13.04 25.67
CA SER A 546 -16.97 -14.07 25.69
C SER A 546 -17.08 -14.87 24.37
N SER A 547 -18.07 -14.50 23.54
CA SER A 547 -18.40 -15.11 22.23
C SER A 547 -19.15 -14.08 21.35
N LEU A 548 -18.94 -14.15 20.03
CA LEU A 548 -19.62 -13.26 19.08
C LEU A 548 -21.00 -13.86 18.71
N TRP A 549 -21.23 -15.10 19.14
CA TRP A 549 -22.43 -15.89 18.92
C TRP A 549 -23.72 -15.29 19.46
N PRO A 550 -23.81 -14.85 20.76
CA PRO A 550 -25.06 -14.24 21.24
C PRO A 550 -25.51 -13.05 20.38
N GLY A 551 -24.55 -12.16 20.07
CA GLY A 551 -24.76 -11.02 19.18
C GLY A 551 -25.14 -11.39 17.77
N LEU A 552 -24.48 -12.41 17.19
CA LEU A 552 -24.81 -12.88 15.84
C LEU A 552 -26.19 -13.51 15.77
N VAL A 553 -26.51 -14.37 16.75
CA VAL A 553 -27.81 -15.05 16.86
C VAL A 553 -28.93 -14.01 16.99
N LYS A 554 -28.68 -13.00 17.82
CA LYS A 554 -29.63 -11.91 18.03
C LYS A 554 -29.90 -11.12 16.74
N ALA A 555 -28.85 -10.84 15.92
CA ALA A 555 -28.96 -10.12 14.64
C ALA A 555 -29.66 -10.99 13.63
N LEU A 556 -29.47 -12.29 13.75
CA LEU A 556 -30.09 -13.27 12.90
C LEU A 556 -31.57 -13.27 13.17
N GLN A 557 -31.98 -13.34 14.47
CA GLN A 557 -33.43 -13.34 14.77
C GLN A 557 -34.07 -11.99 14.57
N HIS A 558 -33.31 -10.89 14.71
CA HIS A 558 -33.79 -9.53 14.36
C HIS A 558 -34.34 -9.53 12.91
N ASN A 559 -33.58 -10.15 12.01
CA ASN A 559 -33.90 -10.28 10.60
C ASN A 559 -35.05 -11.25 10.34
N LEU A 560 -35.03 -12.42 11.00
CA LEU A 560 -36.07 -13.44 10.89
C LEU A 560 -37.45 -12.82 11.18
N ASN A 561 -37.53 -11.98 12.23
CA ASN A 561 -38.71 -11.25 12.65
C ASN A 561 -39.07 -10.13 11.67
N ARG A 562 -38.15 -9.77 10.75
CA ARG A 562 -38.33 -8.73 9.76
C ARG A 562 -38.53 -9.30 8.34
N GLN A 563 -39.24 -10.45 8.25
CA GLN A 563 -39.57 -11.13 7.00
C GLN A 563 -38.33 -11.58 6.19
N GLN A 564 -37.31 -12.14 6.87
CA GLN A 564 -36.12 -12.70 6.21
C GLN A 564 -36.09 -14.20 6.50
N SER A 565 -35.84 -15.04 5.48
CA SER A 565 -35.81 -16.49 5.67
C SER A 565 -34.37 -17.04 5.72
N ARG A 566 -33.53 -16.57 4.79
CA ARG A 566 -32.14 -16.99 4.63
C ARG A 566 -31.26 -15.88 5.20
N VAL A 567 -30.68 -16.12 6.38
CA VAL A 567 -29.80 -15.16 7.04
C VAL A 567 -28.42 -15.79 7.18
N ARG A 568 -27.40 -15.20 6.50
CA ARG A 568 -26.03 -15.69 6.50
C ARG A 568 -25.15 -14.53 6.91
N LEU A 569 -24.71 -14.51 8.16
CA LEU A 569 -23.92 -13.43 8.75
C LEU A 569 -22.58 -13.87 9.32
N PHE A 570 -21.61 -12.96 9.29
CA PHE A 570 -20.33 -13.16 9.96
C PHE A 570 -19.88 -11.89 10.64
N GLU A 571 -19.12 -12.04 11.71
CA GLU A 571 -18.55 -10.94 12.46
C GLU A 571 -17.13 -11.32 12.89
N SER A 572 -16.30 -10.31 13.04
CA SER A 572 -14.93 -10.39 13.53
C SER A 572 -14.81 -9.38 14.66
N GLY A 573 -14.18 -9.79 15.75
CA GLY A 573 -13.99 -8.90 16.88
C GLY A 573 -13.43 -9.60 18.08
N LEU A 574 -13.17 -8.81 19.14
CA LEU A 574 -12.62 -9.31 20.39
C LEU A 574 -13.61 -10.05 21.27
N ARG A 575 -13.07 -11.03 22.02
CA ARG A 575 -13.80 -11.67 23.11
C ARG A 575 -13.09 -11.36 24.40
N PHE A 576 -13.87 -11.30 25.46
CA PHE A 576 -13.37 -10.92 26.77
C PHE A 576 -13.53 -12.14 27.67
N VAL A 577 -12.38 -12.75 28.04
CA VAL A 577 -12.37 -13.98 28.84
C VAL A 577 -11.58 -13.84 30.15
N GLY A 578 -12.32 -13.98 31.25
CA GLY A 578 -11.83 -13.88 32.61
C GLY A 578 -12.18 -12.56 33.26
N GLN A 579 -11.71 -12.40 34.50
CA GLN A 579 -11.92 -11.15 35.20
C GLN A 579 -10.66 -10.30 34.95
N LEU A 580 -10.68 -9.00 35.30
CA LEU A 580 -9.59 -8.07 35.02
C LEU A 580 -8.19 -8.66 35.20
N GLU A 581 -7.99 -9.35 36.34
CA GLU A 581 -6.73 -10.02 36.62
C GLU A 581 -6.68 -11.33 35.82
N GLY A 582 -6.07 -11.28 34.65
CA GLY A 582 -5.97 -12.45 33.80
C GLY A 582 -6.81 -12.39 32.54
N LEU A 583 -7.51 -11.24 32.33
CA LEU A 583 -8.37 -11.01 31.18
C LEU A 583 -7.63 -11.25 29.83
N LYS A 584 -8.28 -12.05 28.96
CA LYS A 584 -7.79 -12.37 27.61
C LYS A 584 -8.71 -11.66 26.65
N GLN A 585 -8.13 -10.87 25.74
CA GLN A 585 -8.90 -10.11 24.74
C GLN A 585 -8.42 -10.63 23.38
N GLU A 586 -9.08 -11.70 22.89
CA GLU A 586 -8.72 -12.38 21.64
C GLU A 586 -9.65 -12.08 20.49
N ALA A 587 -9.06 -11.87 19.29
CA ALA A 587 -9.83 -11.61 18.07
C ALA A 587 -10.37 -12.93 17.52
N MET A 588 -11.68 -12.91 17.21
CA MET A 588 -12.44 -14.05 16.74
C MET A 588 -13.11 -13.77 15.42
N LEU A 589 -13.35 -14.84 14.66
CA LEU A 589 -14.12 -14.79 13.44
C LEU A 589 -15.20 -15.79 13.65
N ALA A 590 -16.44 -15.31 13.70
CA ALA A 590 -17.60 -16.13 13.92
C ALA A 590 -18.62 -15.93 12.81
N GLY A 591 -19.44 -16.95 12.59
CA GLY A 591 -20.46 -16.97 11.55
C GLY A 591 -21.70 -17.69 12.00
N ALA A 592 -22.84 -17.29 11.46
CA ALA A 592 -24.16 -17.87 11.77
C ALA A 592 -25.01 -17.96 10.52
N ILE A 593 -25.62 -19.12 10.29
CA ILE A 593 -26.46 -19.33 9.10
C ILE A 593 -27.78 -20.05 9.42
N CYS A 594 -28.82 -19.74 8.61
CA CYS A 594 -30.14 -20.35 8.66
C CYS A 594 -30.86 -20.19 7.33
N GLY A 595 -31.97 -20.93 7.18
CA GLY A 595 -32.81 -20.92 5.99
C GLY A 595 -32.36 -21.92 4.94
N LYS A 596 -32.86 -21.73 3.72
CA LYS A 596 -32.52 -22.62 2.62
C LYS A 596 -31.01 -22.59 2.33
N ARG A 597 -30.45 -23.74 1.91
CA ARG A 597 -29.03 -23.86 1.59
C ARG A 597 -28.66 -22.85 0.49
N LEU A 598 -29.59 -22.68 -0.48
CA LEU A 598 -29.43 -21.82 -1.63
C LEU A 598 -30.47 -20.75 -1.70
N PRO A 599 -30.19 -19.61 -2.40
CA PRO A 599 -31.23 -18.58 -2.56
C PRO A 599 -32.35 -19.11 -3.46
N GLU A 600 -33.56 -18.52 -3.37
CA GLU A 600 -34.70 -18.90 -4.20
C GLU A 600 -34.36 -18.64 -5.69
N GLY A 601 -34.41 -19.68 -6.50
CA GLY A 601 -34.10 -19.60 -7.92
C GLY A 601 -34.54 -20.83 -8.68
N TRP A 602 -34.88 -20.64 -9.96
CA TRP A 602 -35.36 -21.65 -10.88
C TRP A 602 -34.46 -22.89 -10.99
N ALA A 603 -33.14 -22.68 -10.87
CA ALA A 603 -32.10 -23.69 -11.05
C ALA A 603 -31.61 -24.31 -9.73
N ASN A 604 -32.11 -23.80 -8.60
CA ASN A 604 -31.70 -24.18 -7.24
C ASN A 604 -32.67 -25.09 -6.46
N GLY A 605 -32.09 -26.10 -5.81
CA GLY A 605 -32.77 -27.06 -4.94
C GLY A 605 -33.29 -26.35 -3.71
N ARG A 606 -34.47 -26.77 -3.25
CA ARG A 606 -35.17 -26.16 -2.12
C ARG A 606 -34.79 -26.75 -0.73
N ASP A 607 -33.62 -27.42 -0.63
CA ASP A 607 -33.09 -28.00 0.61
C ASP A 607 -32.67 -26.90 1.57
N GLY A 608 -32.90 -27.14 2.86
CA GLY A 608 -32.50 -26.23 3.91
C GLY A 608 -31.06 -26.45 4.31
N VAL A 609 -30.38 -25.39 4.78
CA VAL A 609 -28.99 -25.46 5.23
C VAL A 609 -28.83 -26.47 6.36
N ASP A 610 -27.65 -27.11 6.44
CA ASP A 610 -27.30 -28.02 7.51
C ASP A 610 -25.83 -27.83 7.91
N PHE A 611 -25.37 -28.67 8.87
CA PHE A 611 -24.03 -28.69 9.43
C PHE A 611 -22.93 -28.66 8.37
N PHE A 612 -23.06 -29.53 7.36
CA PHE A 612 -22.06 -29.72 6.32
C PHE A 612 -21.91 -28.53 5.38
N ASP A 613 -22.88 -27.62 5.38
CA ASP A 613 -22.82 -26.40 4.58
C ASP A 613 -21.91 -25.39 5.27
N ALA A 614 -22.10 -25.28 6.60
CA ALA A 614 -21.28 -24.47 7.50
C ALA A 614 -19.86 -25.07 7.53
N LYS A 615 -19.76 -26.44 7.54
CA LYS A 615 -18.47 -27.12 7.54
C LYS A 615 -17.60 -26.71 6.36
N ALA A 616 -18.18 -26.65 5.14
CA ALA A 616 -17.47 -26.25 3.92
C ALA A 616 -16.93 -24.85 4.03
N ASP A 617 -17.70 -23.95 4.67
CA ASP A 617 -17.33 -22.56 4.90
C ASP A 617 -16.13 -22.48 5.83
N VAL A 618 -16.13 -23.28 6.91
CA VAL A 618 -14.99 -23.34 7.86
C VAL A 618 -13.77 -23.93 7.14
N GLU A 619 -13.97 -25.02 6.37
CA GLU A 619 -12.92 -25.68 5.61
C GLU A 619 -12.24 -24.67 4.69
N ALA A 620 -13.03 -23.93 3.89
CA ALA A 620 -12.52 -22.90 2.95
C ALA A 620 -11.65 -21.85 3.66
N VAL A 621 -12.06 -21.43 4.87
CA VAL A 621 -11.33 -20.47 5.70
C VAL A 621 -10.05 -21.11 6.18
N LEU A 622 -10.14 -22.31 6.77
CA LEU A 622 -9.01 -23.07 7.29
C LEU A 622 -7.96 -23.45 6.24
N ALA A 623 -8.32 -23.42 4.95
CA ALA A 623 -7.41 -23.76 3.84
C ALA A 623 -6.80 -22.53 3.17
N SER A 624 -7.24 -21.32 3.54
CA SER A 624 -6.84 -20.02 3.00
C SER A 624 -5.35 -19.73 2.95
N ALA A 625 -4.55 -20.40 3.79
CA ALA A 625 -3.10 -20.18 3.79
C ALA A 625 -2.32 -21.49 3.59
N GLY A 626 -2.94 -22.43 2.86
CA GLY A 626 -2.40 -23.74 2.52
C GLY A 626 -1.94 -24.55 3.71
N ALA A 627 -2.79 -24.63 4.75
CA ALA A 627 -2.46 -25.36 5.98
C ALA A 627 -3.69 -26.18 6.50
N LEU A 628 -4.69 -26.46 5.61
CA LEU A 628 -5.90 -27.21 5.97
C LEU A 628 -5.62 -28.51 6.71
N GLY A 629 -4.55 -29.20 6.32
CA GLY A 629 -4.11 -30.46 6.93
C GLY A 629 -3.72 -30.35 8.40
N ASP A 630 -3.30 -29.14 8.83
CA ASP A 630 -2.90 -28.82 10.20
C ASP A 630 -4.07 -28.84 11.17
N PHE A 631 -5.30 -28.74 10.64
CA PHE A 631 -6.56 -28.70 11.39
C PHE A 631 -7.29 -30.03 11.36
N SER A 632 -8.01 -30.30 12.46
CA SER A 632 -8.84 -31.48 12.63
C SER A 632 -10.14 -31.09 13.31
N PHE A 633 -11.22 -31.68 12.81
CA PHE A 633 -12.57 -31.54 13.32
C PHE A 633 -12.83 -32.82 14.09
N VAL A 634 -12.83 -32.73 15.42
CA VAL A 634 -13.08 -33.88 16.29
C VAL A 634 -14.47 -33.73 16.97
N PRO A 635 -15.27 -34.83 17.08
CA PRO A 635 -16.57 -34.72 17.76
C PRO A 635 -16.37 -34.17 19.18
N GLY A 636 -16.95 -33.00 19.41
CA GLY A 636 -16.88 -32.31 20.69
C GLY A 636 -18.22 -31.86 21.24
N GLU A 637 -18.21 -31.12 22.36
CA GLU A 637 -19.40 -30.61 23.00
C GLU A 637 -19.23 -29.17 23.50
N HIS A 638 -20.27 -28.38 23.34
CA HIS A 638 -20.31 -26.99 23.74
C HIS A 638 -21.72 -26.70 24.29
N PRO A 639 -21.83 -25.96 25.43
CA PRO A 639 -23.16 -25.71 26.01
C PRO A 639 -24.17 -25.00 25.13
N ALA A 640 -23.71 -24.15 24.17
CA ALA A 640 -24.60 -23.43 23.26
C ALA A 640 -24.99 -24.27 22.06
N LEU A 641 -24.35 -25.42 21.88
CA LEU A 641 -24.55 -26.25 20.70
C LEU A 641 -25.15 -27.64 20.95
N HIS A 642 -25.81 -28.16 19.91
CA HIS A 642 -26.42 -29.48 19.86
C HIS A 642 -25.30 -30.54 20.03
N PRO A 643 -25.32 -31.33 21.14
CA PRO A 643 -24.24 -32.33 21.37
C PRO A 643 -24.10 -33.43 20.31
N GLY A 644 -25.13 -33.63 19.51
CA GLY A 644 -25.11 -34.60 18.43
C GLY A 644 -24.61 -34.04 17.11
N GLN A 645 -24.50 -32.69 17.02
CA GLN A 645 -24.04 -31.98 15.82
C GLN A 645 -23.03 -30.88 16.14
N THR A 646 -21.96 -31.22 16.89
CA THR A 646 -20.90 -30.30 17.31
C THR A 646 -19.49 -30.82 17.03
N ALA A 647 -18.64 -30.00 16.36
CA ALA A 647 -17.26 -30.32 16.10
C ALA A 647 -16.35 -29.34 16.80
N ARG A 648 -15.38 -29.90 17.56
CA ARG A 648 -14.31 -29.17 18.23
C ARG A 648 -13.19 -29.12 17.19
N ILE A 649 -12.71 -27.90 16.83
CA ILE A 649 -11.66 -27.67 15.84
C ILE A 649 -10.30 -27.48 16.50
N GLU A 650 -9.31 -28.28 16.09
CA GLU A 650 -7.98 -28.23 16.70
C GLU A 650 -6.85 -28.13 15.72
N ARG A 651 -5.71 -27.62 16.21
CA ARG A 651 -4.45 -27.47 15.48
C ARG A 651 -3.34 -27.79 16.49
N GLU A 652 -2.60 -28.91 16.26
CA GLU A 652 -1.54 -29.41 17.17
C GLU A 652 -2.10 -29.64 18.58
N GLY A 653 -3.35 -30.11 18.64
CA GLY A 653 -4.05 -30.36 19.89
C GLY A 653 -4.65 -29.11 20.53
N ARG A 654 -4.17 -27.90 20.14
CA ARG A 654 -4.66 -26.63 20.66
C ARG A 654 -6.07 -26.34 20.08
N LEU A 655 -6.93 -25.70 20.89
CA LEU A 655 -8.28 -25.36 20.45
C LEU A 655 -8.35 -24.13 19.54
N VAL A 656 -8.87 -24.32 18.31
CA VAL A 656 -9.10 -23.25 17.32
C VAL A 656 -10.52 -22.67 17.56
N GLY A 657 -11.47 -23.55 17.80
CA GLY A 657 -12.84 -23.15 18.04
C GLY A 657 -13.82 -24.29 17.91
N TYR A 658 -15.07 -23.94 17.63
CA TYR A 658 -16.18 -24.85 17.52
C TYR A 658 -17.04 -24.54 16.30
N LEU A 659 -17.72 -25.58 15.82
CA LEU A 659 -18.66 -25.55 14.72
C LEU A 659 -19.81 -26.47 15.11
N GLY A 660 -21.03 -25.98 14.99
CA GLY A 660 -22.19 -26.79 15.31
C GLY A 660 -23.54 -26.14 15.13
N ALA A 661 -24.59 -26.94 15.34
CA ALA A 661 -25.96 -26.45 15.31
C ALA A 661 -26.28 -25.86 16.66
N LEU A 662 -26.96 -24.71 16.66
CA LEU A 662 -27.38 -24.08 17.90
C LEU A 662 -28.32 -25.08 18.62
N HIS A 663 -28.03 -25.32 19.91
CA HIS A 663 -28.76 -26.23 20.80
C HIS A 663 -30.26 -25.98 20.73
N PRO A 664 -31.06 -27.05 20.52
CA PRO A 664 -32.52 -26.85 20.41
C PRO A 664 -33.16 -26.19 21.64
N GLU A 665 -32.58 -26.47 22.83
CA GLU A 665 -33.07 -25.88 24.08
C GLU A 665 -32.84 -24.37 24.13
N LEU A 666 -31.68 -23.90 23.58
CA LEU A 666 -31.32 -22.49 23.51
C LEU A 666 -32.27 -21.78 22.54
N ALA A 667 -32.57 -22.43 21.40
CA ALA A 667 -33.50 -21.96 20.38
C ALA A 667 -34.87 -21.74 21.03
N LYS A 668 -35.40 -22.77 21.75
CA LYS A 668 -36.69 -22.70 22.46
C LYS A 668 -36.77 -21.41 23.23
N LYS A 669 -35.77 -21.21 24.13
CA LYS A 669 -35.57 -20.07 25.04
C LYS A 669 -35.53 -18.72 24.34
N LEU A 670 -35.06 -18.69 23.10
CA LEU A 670 -34.93 -17.47 22.32
C LEU A 670 -36.10 -17.26 21.37
N ASP A 671 -37.01 -18.27 21.32
CA ASP A 671 -38.17 -18.32 20.43
C ASP A 671 -37.69 -18.26 18.97
N LEU A 672 -36.84 -19.20 18.65
CA LEU A 672 -36.27 -19.42 17.34
C LEU A 672 -36.76 -20.79 16.91
N GLU A 673 -37.55 -20.82 15.80
CA GLU A 673 -38.16 -22.04 15.27
C GLU A 673 -37.33 -22.73 14.18
N GLN A 674 -36.35 -22.01 13.61
CA GLN A 674 -35.50 -22.51 12.55
C GLN A 674 -34.16 -23.09 13.04
N PRO A 675 -33.63 -24.18 12.43
CA PRO A 675 -32.26 -24.61 12.80
C PRO A 675 -31.23 -23.54 12.37
N VAL A 676 -30.24 -23.27 13.26
CA VAL A 676 -29.17 -22.28 13.07
C VAL A 676 -27.80 -22.93 13.26
N PHE A 677 -26.85 -22.62 12.34
CA PHE A 677 -25.51 -23.19 12.35
C PHE A 677 -24.49 -22.11 12.63
N LEU A 678 -23.70 -22.36 13.68
CA LEU A 678 -22.69 -21.46 14.20
C LEU A 678 -21.28 -21.99 14.07
N PHE A 679 -20.32 -21.08 13.95
CA PHE A 679 -18.91 -21.40 14.00
C PHE A 679 -18.20 -20.21 14.59
N GLU A 680 -17.09 -20.46 15.29
CA GLU A 680 -16.27 -19.40 15.91
C GLU A 680 -14.85 -19.89 15.91
N LEU A 681 -13.95 -19.06 15.39
CA LEU A 681 -12.54 -19.40 15.26
C LEU A 681 -11.68 -18.34 15.90
N LEU A 682 -10.66 -18.78 16.66
CA LEU A 682 -9.64 -17.95 17.28
C LEU A 682 -8.68 -17.58 16.13
N LEU A 683 -8.73 -16.33 15.63
CA LEU A 683 -7.93 -15.88 14.51
C LEU A 683 -6.43 -16.14 14.63
N ALA A 684 -5.87 -16.03 15.86
CA ALA A 684 -4.44 -16.31 16.12
C ALA A 684 -4.01 -17.70 15.63
N GLU A 685 -4.91 -18.71 15.68
CA GLU A 685 -4.68 -20.11 15.27
C GLU A 685 -5.00 -20.40 13.79
N VAL A 686 -5.49 -19.39 13.05
CA VAL A 686 -5.90 -19.56 11.65
C VAL A 686 -4.92 -18.84 10.70
N VAL A 687 -4.36 -17.68 11.15
CA VAL A 687 -3.49 -16.84 10.33
C VAL A 687 -2.26 -17.55 9.76
N ASP A 688 -1.57 -18.42 10.52
CA ASP A 688 -0.37 -19.07 9.95
C ASP A 688 -0.67 -20.25 9.02
N GLY A 689 0.09 -20.28 7.94
CA GLY A 689 0.00 -21.33 6.94
C GLY A 689 1.37 -21.82 6.55
N HIS A 690 1.47 -22.43 5.37
CA HIS A 690 2.76 -22.88 4.90
C HIS A 690 2.96 -22.50 3.47
N LEU A 691 4.21 -22.16 3.14
CA LEU A 691 4.62 -21.79 1.79
C LEU A 691 4.70 -23.06 0.92
N PRO A 692 4.20 -22.98 -0.35
CA PRO A 692 4.31 -24.15 -1.23
C PRO A 692 5.76 -24.61 -1.44
N LYS A 693 5.99 -25.93 -1.28
CA LYS A 693 7.28 -26.60 -1.53
C LYS A 693 6.97 -27.61 -2.61
N PHE A 694 7.33 -27.30 -3.84
CA PHE A 694 7.07 -28.16 -5.00
C PHE A 694 7.59 -29.59 -4.82
N ARG A 695 6.73 -30.57 -5.20
CA ARG A 695 6.98 -31.99 -5.17
C ARG A 695 6.88 -32.50 -6.63
N GLU A 696 7.98 -33.10 -7.13
CA GLU A 696 8.13 -33.64 -8.49
C GLU A 696 7.01 -34.57 -8.95
N LEU A 697 6.59 -34.43 -10.22
CA LEU A 697 5.50 -35.13 -10.85
C LEU A 697 5.91 -36.44 -11.55
N SER A 698 5.16 -37.55 -11.27
CA SER A 698 5.38 -38.83 -11.93
C SER A 698 5.04 -38.70 -13.44
N ARG A 699 5.81 -39.42 -14.30
CA ARG A 699 5.57 -39.45 -15.76
C ARG A 699 4.59 -40.60 -16.04
N PHE A 700 4.14 -41.29 -15.00
CA PHE A 700 3.33 -42.48 -15.14
C PHE A 700 1.88 -42.35 -14.70
N PRO A 701 0.99 -43.20 -15.26
CA PRO A 701 -0.44 -43.13 -14.89
C PRO A 701 -0.75 -43.56 -13.47
N GLU A 702 -1.82 -42.98 -12.93
CA GLU A 702 -2.35 -43.29 -11.61
C GLU A 702 -3.37 -44.42 -11.77
N VAL A 703 -3.61 -45.15 -10.69
CA VAL A 703 -4.49 -46.30 -10.63
C VAL A 703 -5.47 -46.07 -9.48
N ARG A 704 -6.77 -46.25 -9.76
CA ARG A 704 -7.83 -46.05 -8.79
C ARG A 704 -8.55 -47.37 -8.53
N ARG A 705 -8.98 -47.55 -7.28
CA ARG A 705 -9.79 -48.68 -6.81
C ARG A 705 -10.85 -48.11 -5.91
N ASP A 706 -12.06 -48.67 -6.00
CA ASP A 706 -13.19 -48.26 -5.16
C ASP A 706 -13.52 -49.33 -4.13
N LEU A 707 -13.74 -48.92 -2.90
CA LEU A 707 -14.11 -49.83 -1.81
C LEU A 707 -15.42 -49.41 -1.15
N ALA A 708 -16.32 -50.37 -0.96
CA ALA A 708 -17.60 -50.15 -0.28
C ALA A 708 -17.48 -50.83 1.10
N LEU A 709 -17.45 -50.02 2.18
CA LEU A 709 -17.20 -50.55 3.51
C LEU A 709 -18.36 -50.45 4.51
N LEU A 710 -18.79 -51.61 5.00
CA LEU A 710 -19.84 -51.78 6.02
C LEU A 710 -19.18 -51.65 7.39
N VAL A 711 -19.60 -50.65 8.17
CA VAL A 711 -19.06 -50.32 9.50
C VAL A 711 -20.18 -49.95 10.46
N ASP A 712 -19.94 -49.99 11.80
CA ASP A 712 -20.96 -49.59 12.78
C ASP A 712 -21.33 -48.13 12.53
N GLN A 713 -22.63 -47.84 12.51
CA GLN A 713 -23.22 -46.53 12.23
C GLN A 713 -22.54 -45.36 13.01
N ASP A 714 -22.02 -45.65 14.22
CA ASP A 714 -21.40 -44.64 15.07
C ASP A 714 -19.87 -44.48 14.94
N VAL A 715 -19.19 -45.37 14.19
CA VAL A 715 -17.74 -45.22 14.04
C VAL A 715 -17.44 -44.03 13.10
N PRO A 716 -16.60 -43.07 13.56
CA PRO A 716 -16.33 -41.86 12.75
C PRO A 716 -15.63 -42.11 11.43
N ALA A 717 -16.09 -41.45 10.35
CA ALA A 717 -15.54 -41.61 9.01
C ALA A 717 -14.05 -41.27 8.90
N GLN A 718 -13.59 -40.23 9.62
CA GLN A 718 -12.18 -39.86 9.59
C GLN A 718 -11.27 -40.90 10.25
N ASP A 719 -11.82 -41.67 11.21
CA ASP A 719 -11.07 -42.75 11.86
C ASP A 719 -10.79 -43.86 10.85
N ILE A 720 -11.74 -44.11 9.93
CA ILE A 720 -11.60 -45.12 8.89
C ILE A 720 -10.63 -44.61 7.83
N LEU A 721 -10.84 -43.35 7.35
CA LEU A 721 -9.99 -42.72 6.33
C LEU A 721 -8.51 -42.66 6.75
N THR A 722 -8.26 -42.45 8.06
CA THR A 722 -6.93 -42.41 8.65
C THR A 722 -6.32 -43.83 8.64
N GLN A 723 -7.12 -44.84 8.99
CA GLN A 723 -6.64 -46.22 8.96
C GLN A 723 -6.28 -46.70 7.56
N ILE A 724 -7.09 -46.30 6.57
CA ILE A 724 -6.88 -46.59 5.15
C ILE A 724 -5.53 -46.00 4.73
N ARG A 725 -5.26 -44.69 5.01
CA ARG A 725 -3.99 -44.04 4.64
C ARG A 725 -2.78 -44.74 5.23
N ALA A 726 -2.89 -45.19 6.48
CA ALA A 726 -1.85 -45.91 7.21
C ALA A 726 -1.57 -47.30 6.62
N ALA A 727 -2.55 -47.94 5.96
CA ALA A 727 -2.44 -49.26 5.35
C ALA A 727 -2.28 -49.26 3.80
N ALA A 728 -2.37 -48.08 3.16
CA ALA A 728 -2.29 -47.93 1.70
C ALA A 728 -0.88 -47.96 1.08
N GLY A 729 0.15 -48.00 1.92
CA GLY A 729 1.51 -47.97 1.44
C GLY A 729 1.97 -46.58 1.02
N GLU A 730 3.07 -46.55 0.27
CA GLU A 730 3.80 -45.35 -0.12
C GLU A 730 3.29 -44.63 -1.34
N TRP A 731 2.50 -45.30 -2.20
CA TRP A 731 2.12 -44.71 -3.49
C TRP A 731 0.71 -44.05 -3.54
N LEU A 732 -0.05 -44.05 -2.44
CA LEU A 732 -1.38 -43.43 -2.41
C LEU A 732 -1.32 -41.91 -2.60
N THR A 733 -1.95 -41.39 -3.68
CA THR A 733 -1.94 -39.97 -4.03
C THR A 733 -3.22 -39.24 -3.70
N ASP A 734 -4.33 -39.99 -3.48
CA ASP A 734 -5.65 -39.44 -3.16
C ASP A 734 -6.59 -40.49 -2.57
N LEU A 735 -7.40 -40.05 -1.59
CA LEU A 735 -8.43 -40.83 -0.92
C LEU A 735 -9.68 -39.95 -0.83
N ARG A 736 -10.80 -40.43 -1.38
CA ARG A 736 -12.07 -39.70 -1.47
C ARG A 736 -13.26 -40.53 -0.98
N LEU A 737 -14.05 -39.96 -0.08
CA LEU A 737 -15.29 -40.61 0.37
C LEU A 737 -16.36 -40.00 -0.54
N PHE A 738 -16.82 -40.79 -1.52
CA PHE A 738 -17.78 -40.30 -2.50
C PHE A 738 -19.26 -40.62 -2.18
N ASP A 739 -19.52 -41.43 -1.13
CA ASP A 739 -20.88 -41.79 -0.71
C ASP A 739 -20.94 -42.45 0.67
N VAL A 740 -22.05 -42.22 1.40
CA VAL A 740 -22.39 -42.80 2.71
C VAL A 740 -23.83 -43.35 2.62
N TYR A 741 -24.04 -44.62 2.96
CA TYR A 741 -25.33 -45.27 2.87
C TYR A 741 -25.77 -45.85 4.20
N HIS A 742 -26.93 -45.41 4.69
CA HIS A 742 -27.52 -45.87 5.95
C HIS A 742 -29.01 -46.19 5.66
N GLY A 743 -29.22 -47.08 4.70
CA GLY A 743 -30.55 -47.48 4.24
C GLY A 743 -30.97 -48.90 4.55
N LYS A 744 -32.00 -49.36 3.83
CA LYS A 744 -32.62 -50.69 3.93
C LYS A 744 -31.74 -51.85 3.37
N GLY A 745 -30.90 -51.57 2.38
CA GLY A 745 -30.01 -52.56 1.76
C GLY A 745 -29.02 -53.25 2.70
N ILE A 746 -28.86 -52.71 3.93
CA ILE A 746 -27.95 -53.21 4.98
C ILE A 746 -28.58 -53.10 6.39
N ASP A 747 -27.89 -53.66 7.43
CA ASP A 747 -28.29 -53.65 8.85
C ASP A 747 -28.61 -52.21 9.36
N PRO A 748 -29.64 -52.01 10.24
CA PRO A 748 -29.97 -50.64 10.67
C PRO A 748 -28.95 -49.97 11.60
N HIS A 749 -27.99 -50.76 12.16
CA HIS A 749 -26.94 -50.26 13.06
C HIS A 749 -25.60 -50.12 12.32
N ARG A 750 -25.62 -50.32 10.98
CA ARG A 750 -24.43 -50.20 10.15
C ARG A 750 -24.58 -49.12 9.07
N LYS A 751 -23.46 -48.81 8.38
CA LYS A 751 -23.38 -47.84 7.28
C LYS A 751 -22.35 -48.29 6.24
N SER A 752 -22.62 -47.99 4.96
CA SER A 752 -21.70 -48.30 3.86
C SER A 752 -20.94 -47.03 3.48
N LEU A 753 -19.61 -47.12 3.47
CA LEU A 753 -18.73 -46.01 3.10
C LEU A 753 -18.07 -46.32 1.79
N ALA A 754 -18.53 -45.65 0.71
CA ALA A 754 -17.95 -45.81 -0.62
C ALA A 754 -16.74 -44.85 -0.75
N VAL A 755 -15.55 -45.44 -0.87
CA VAL A 755 -14.29 -44.70 -0.96
C VAL A 755 -13.51 -45.01 -2.24
N GLY A 756 -12.86 -43.99 -2.74
CA GLY A 756 -12.05 -44.02 -3.94
C GLY A 756 -10.61 -43.82 -3.54
N LEU A 757 -9.77 -44.79 -3.90
CA LEU A 757 -8.36 -44.83 -3.56
C LEU A 757 -7.55 -44.72 -4.83
N THR A 758 -6.66 -43.72 -4.91
CA THR A 758 -5.80 -43.46 -6.06
C THR A 758 -4.35 -43.62 -5.65
N TRP A 759 -3.55 -44.34 -6.47
CA TRP A 759 -2.13 -44.56 -6.28
C TRP A 759 -1.36 -44.17 -7.55
N GLN A 760 -0.15 -43.62 -7.39
CA GLN A 760 0.74 -43.27 -8.50
C GLN A 760 2.18 -43.50 -8.05
N HIS A 761 2.91 -44.35 -8.76
CA HIS A 761 4.31 -44.64 -8.47
C HIS A 761 5.14 -43.59 -9.18
N PRO A 762 6.20 -43.03 -8.55
CA PRO A 762 6.95 -41.96 -9.23
C PRO A 762 7.88 -42.38 -10.36
N SER A 763 8.27 -43.67 -10.40
CA SER A 763 9.24 -44.17 -11.38
C SER A 763 8.75 -45.27 -12.34
N ARG A 764 7.45 -45.64 -12.30
CA ARG A 764 6.88 -46.69 -13.16
C ARG A 764 5.38 -46.77 -13.10
N THR A 765 4.80 -47.68 -13.90
CA THR A 765 3.36 -47.96 -13.90
C THR A 765 3.09 -48.99 -12.80
N LEU A 766 1.90 -48.93 -12.19
CA LEU A 766 1.53 -49.91 -11.18
C LEU A 766 0.77 -51.06 -11.81
N ASN A 767 1.10 -52.29 -11.40
CA ASN A 767 0.46 -53.51 -11.89
C ASN A 767 -0.70 -53.88 -11.01
N ASP A 768 -1.67 -54.62 -11.56
CA ASP A 768 -2.88 -55.02 -10.88
C ASP A 768 -2.66 -55.91 -9.67
N ASP A 769 -1.62 -56.76 -9.70
CA ASP A 769 -1.30 -57.68 -8.61
C ASP A 769 -0.97 -56.95 -7.33
N GLU A 770 -0.03 -55.97 -7.41
CA GLU A 770 0.42 -55.18 -6.26
C GLU A 770 -0.66 -54.29 -5.71
N VAL A 771 -1.50 -53.73 -6.58
CA VAL A 771 -2.60 -52.85 -6.17
C VAL A 771 -3.69 -53.66 -5.43
N ASN A 772 -4.06 -54.86 -5.94
CA ASN A 772 -5.02 -55.75 -5.30
C ASN A 772 -4.47 -56.24 -3.95
N SER A 773 -3.12 -56.41 -3.90
CA SER A 773 -2.38 -56.80 -2.71
C SER A 773 -2.54 -55.70 -1.63
N THR A 774 -2.21 -54.44 -1.97
CA THR A 774 -2.34 -53.26 -1.10
C THR A 774 -3.79 -53.08 -0.62
N THR A 775 -4.76 -53.28 -1.56
CA THR A 775 -6.18 -53.15 -1.29
C THR A 775 -6.59 -54.16 -0.20
N GLN A 776 -6.15 -55.43 -0.34
CA GLN A 776 -6.45 -56.46 0.66
C GLN A 776 -5.85 -56.13 2.02
N ASN A 777 -4.62 -55.55 2.08
CA ASN A 777 -4.05 -55.21 3.38
C ASN A 777 -4.85 -54.10 4.06
N ILE A 778 -5.40 -53.12 3.27
CA ILE A 778 -6.29 -52.06 3.79
C ILE A 778 -7.49 -52.73 4.46
N VAL A 779 -8.20 -53.60 3.72
CA VAL A 779 -9.39 -54.33 4.18
C VAL A 779 -9.12 -55.09 5.49
N THR A 780 -8.05 -55.91 5.49
CA THR A 780 -7.62 -56.72 6.63
C THR A 780 -7.44 -55.85 7.86
N SER A 781 -6.79 -54.68 7.69
CA SER A 781 -6.55 -53.71 8.74
C SER A 781 -7.85 -53.15 9.33
N LEU A 782 -8.86 -52.92 8.47
CA LEU A 782 -10.18 -52.40 8.85
C LEU A 782 -11.05 -53.49 9.51
N GLU A 783 -10.79 -54.77 9.14
CA GLU A 783 -11.50 -55.92 9.73
C GLU A 783 -11.01 -56.07 11.16
N GLU A 784 -9.70 -55.93 11.39
CA GLU A 784 -9.12 -56.07 12.73
C GLU A 784 -9.36 -54.86 13.64
N ARG A 785 -9.45 -53.64 13.09
CA ARG A 785 -9.64 -52.42 13.88
C ARG A 785 -11.10 -51.97 14.10
N PHE A 786 -12.00 -52.26 13.14
CA PHE A 786 -13.39 -51.81 13.20
C PHE A 786 -14.43 -52.90 12.92
N ASN A 787 -13.97 -54.14 12.64
CA ASN A 787 -14.84 -55.28 12.27
C ASN A 787 -15.68 -54.90 11.05
N ALA A 788 -14.98 -54.31 10.06
CA ALA A 788 -15.48 -53.85 8.78
C ALA A 788 -15.65 -55.03 7.81
N THR A 789 -16.49 -54.83 6.78
CA THR A 789 -16.88 -55.82 5.79
C THR A 789 -17.08 -55.16 4.44
N LEU A 790 -16.70 -55.86 3.34
CA LEU A 790 -16.95 -55.34 2.00
C LEU A 790 -18.42 -55.56 1.64
N ARG A 791 -19.03 -54.59 0.96
CA ARG A 791 -20.44 -54.69 0.56
C ARG A 791 -20.59 -55.65 -0.66
N MET B 1 36.94 -14.05 -22.64
CA MET B 1 38.39 -13.88 -22.74
C MET B 1 39.08 -14.90 -21.80
N LYS B 2 39.89 -15.80 -22.37
CA LYS B 2 40.59 -16.83 -21.61
C LYS B 2 42.08 -16.55 -21.62
N PHE B 3 42.80 -16.92 -20.53
CA PHE B 3 44.23 -16.64 -20.42
C PHE B 3 44.92 -17.49 -19.35
N SER B 4 46.24 -17.61 -19.49
CA SER B 4 47.12 -18.25 -18.54
C SER B 4 47.43 -17.21 -17.44
N GLU B 5 47.18 -17.58 -16.18
CA GLU B 5 47.46 -16.72 -15.03
C GLU B 5 48.97 -16.46 -14.90
N LYS B 6 49.82 -17.47 -15.23
CA LYS B 6 51.27 -17.34 -15.16
C LYS B 6 51.75 -16.23 -16.05
N TRP B 7 51.21 -16.20 -17.28
CA TRP B 7 51.52 -15.18 -18.28
C TRP B 7 51.02 -13.80 -17.77
N LEU B 8 49.78 -13.75 -17.24
CA LEU B 8 49.27 -12.50 -16.68
C LEU B 8 50.21 -11.99 -15.57
N ARG B 9 50.56 -12.87 -14.63
CA ARG B 9 51.39 -12.54 -13.49
C ARG B 9 52.79 -12.11 -13.89
N SER B 10 53.22 -12.46 -15.12
CA SER B 10 54.51 -12.04 -15.65
C SER B 10 54.53 -10.52 -16.00
N TRP B 11 53.32 -9.90 -16.09
CA TRP B 11 53.12 -8.48 -16.37
C TRP B 11 52.79 -7.72 -15.10
N ALA B 12 51.76 -8.19 -14.36
CA ALA B 12 51.34 -7.60 -13.09
C ALA B 12 51.04 -8.75 -12.13
N ASN B 13 51.84 -8.87 -11.05
CA ASN B 13 51.65 -9.95 -10.11
C ASN B 13 50.93 -9.44 -8.85
N PRO B 14 49.67 -9.91 -8.63
CA PRO B 14 48.92 -9.42 -7.48
C PRO B 14 49.39 -9.87 -6.10
N GLN B 15 50.34 -10.85 -5.92
CA GLN B 15 50.83 -11.27 -4.57
C GLN B 15 49.71 -11.79 -3.66
N VAL B 16 48.71 -12.43 -4.25
CA VAL B 16 47.54 -13.04 -3.59
C VAL B 16 47.41 -14.43 -4.23
N SER B 17 46.74 -15.40 -3.62
CA SER B 17 46.65 -16.74 -4.24
C SER B 17 45.74 -16.74 -5.47
N HIS B 18 45.64 -17.89 -6.14
CA HIS B 18 44.76 -18.02 -7.31
C HIS B 18 43.31 -17.74 -6.88
N ASP B 19 42.85 -18.43 -5.81
CA ASP B 19 41.48 -18.33 -5.30
C ASP B 19 41.10 -16.89 -4.97
N GLU B 20 42.03 -16.12 -4.37
CA GLU B 20 41.85 -14.71 -4.04
C GLU B 20 41.69 -13.82 -5.28
N LEU B 21 42.52 -14.09 -6.31
CA LEU B 21 42.51 -13.37 -7.56
C LEU B 21 41.18 -13.63 -8.31
N VAL B 22 40.76 -14.92 -8.45
CA VAL B 22 39.53 -15.31 -9.15
C VAL B 22 38.31 -14.69 -8.47
N ALA B 23 38.35 -14.58 -7.14
CA ALA B 23 37.29 -13.97 -6.33
C ALA B 23 37.19 -12.47 -6.62
N ARG B 24 38.29 -11.74 -6.42
CA ARG B 24 38.34 -10.30 -6.66
C ARG B 24 37.93 -9.89 -8.09
N LEU B 25 38.34 -10.66 -9.08
CA LEU B 25 38.05 -10.37 -10.47
C LEU B 25 36.56 -10.13 -10.72
N SER B 26 35.71 -11.01 -10.19
CA SER B 26 34.26 -10.87 -10.34
C SER B 26 33.74 -9.62 -9.58
N MET B 27 34.32 -9.36 -8.39
CA MET B 27 33.97 -8.22 -7.52
C MET B 27 34.39 -6.85 -8.10
N VAL B 28 35.18 -6.85 -9.18
CA VAL B 28 35.62 -5.60 -9.79
C VAL B 28 35.04 -5.46 -11.21
N GLY B 29 34.15 -6.38 -11.59
CA GLY B 29 33.46 -6.31 -12.86
C GLY B 29 34.01 -7.16 -13.99
N LEU B 30 34.87 -8.13 -13.66
CA LEU B 30 35.40 -9.07 -14.66
C LEU B 30 34.93 -10.43 -14.16
N GLU B 31 33.68 -10.81 -14.48
CA GLU B 31 33.14 -12.06 -13.94
C GLU B 31 33.84 -13.29 -14.54
N VAL B 32 34.41 -14.10 -13.63
CA VAL B 32 35.11 -15.32 -13.96
C VAL B 32 34.02 -16.36 -14.25
N ASP B 33 34.13 -17.04 -15.40
CA ASP B 33 33.20 -18.07 -15.83
C ASP B 33 33.81 -19.43 -15.63
N ALA B 34 35.17 -19.51 -15.60
CA ALA B 34 35.94 -20.76 -15.36
C ALA B 34 37.39 -20.51 -14.93
N ASP B 35 37.93 -21.38 -14.08
CA ASP B 35 39.32 -21.36 -13.63
C ASP B 35 39.74 -22.80 -13.53
N LEU B 36 40.61 -23.25 -14.44
CA LEU B 36 41.00 -24.65 -14.51
C LEU B 36 42.51 -24.86 -14.53
N PRO B 37 43.01 -25.97 -13.94
CA PRO B 37 44.44 -26.26 -14.02
C PRO B 37 44.84 -26.58 -15.45
N VAL B 38 46.09 -26.25 -15.85
CA VAL B 38 46.54 -26.52 -17.24
C VAL B 38 46.87 -28.04 -17.43
N ALA B 39 47.19 -28.79 -16.33
CA ALA B 39 47.51 -30.22 -16.40
C ALA B 39 47.25 -30.96 -15.09
N GLY B 40 47.43 -32.28 -15.13
CA GLY B 40 47.33 -33.18 -14.00
C GLY B 40 48.57 -33.12 -13.12
N ALA B 41 48.47 -33.72 -11.93
CA ALA B 41 49.55 -33.75 -10.95
C ALA B 41 50.48 -34.95 -11.12
N PHE B 42 51.78 -34.70 -11.00
CA PHE B 42 52.85 -35.70 -11.11
C PHE B 42 54.20 -35.15 -10.63
N SER B 43 55.12 -36.04 -10.26
CA SER B 43 56.43 -35.68 -9.74
C SER B 43 57.47 -36.63 -10.24
N GLY B 44 58.73 -36.18 -10.23
CA GLY B 44 59.86 -36.99 -10.65
C GLY B 44 60.08 -37.12 -12.14
N VAL B 45 59.39 -36.26 -12.92
CA VAL B 45 59.53 -36.29 -14.38
C VAL B 45 60.42 -35.12 -14.83
N VAL B 46 61.55 -35.45 -15.51
CA VAL B 46 62.53 -34.47 -15.96
C VAL B 46 62.70 -34.51 -17.49
N VAL B 47 63.48 -33.57 -18.05
CA VAL B 47 63.74 -33.55 -19.47
C VAL B 47 64.84 -34.58 -19.74
N GLY B 48 64.55 -35.56 -20.58
CA GLY B 48 65.49 -36.59 -20.95
C GLY B 48 65.89 -36.54 -22.41
N GLU B 49 67.13 -37.00 -22.73
CA GLU B 49 67.60 -37.07 -24.11
C GLU B 49 67.97 -38.48 -24.53
N VAL B 50 67.33 -38.98 -25.61
CA VAL B 50 67.62 -40.29 -26.18
C VAL B 50 68.96 -40.21 -26.91
N LEU B 51 69.94 -40.95 -26.40
CA LEU B 51 71.27 -40.97 -27.01
C LEU B 51 71.35 -42.03 -28.13
N SER B 52 70.76 -43.20 -27.88
CA SER B 52 70.71 -44.31 -28.83
C SER B 52 69.51 -45.18 -28.58
N THR B 53 69.06 -45.88 -29.64
CA THR B 53 67.98 -46.86 -29.59
C THR B 53 68.55 -48.12 -30.23
N GLU B 54 68.07 -49.27 -29.80
CA GLU B 54 68.45 -50.55 -30.38
C GLU B 54 67.24 -51.42 -30.43
N GLN B 55 67.20 -52.38 -31.37
CA GLN B 55 66.05 -53.26 -31.45
C GLN B 55 66.15 -54.31 -30.32
N HIS B 56 65.08 -54.39 -29.51
CA HIS B 56 64.95 -55.35 -28.43
C HIS B 56 65.09 -56.78 -29.02
N PRO B 57 66.10 -57.57 -28.55
CA PRO B 57 66.32 -58.89 -29.17
C PRO B 57 65.24 -59.96 -28.97
N ASP B 58 64.20 -59.70 -28.16
CA ASP B 58 63.14 -60.69 -27.87
C ASP B 58 61.68 -60.13 -27.93
N ALA B 59 61.48 -59.01 -28.67
CA ALA B 59 60.17 -58.34 -28.85
C ALA B 59 60.31 -57.23 -29.88
N ASP B 60 59.71 -57.44 -31.06
CA ASP B 60 59.83 -56.54 -32.21
C ASP B 60 59.13 -55.19 -32.01
N LYS B 61 58.03 -55.16 -31.21
CA LYS B 61 57.31 -53.92 -30.95
C LYS B 61 58.05 -52.95 -29.97
N LEU B 62 59.19 -53.42 -29.40
CA LEU B 62 60.00 -52.70 -28.42
C LEU B 62 61.40 -52.30 -28.87
N ARG B 63 61.94 -51.28 -28.20
CA ARG B 63 63.27 -50.72 -28.43
C ARG B 63 64.00 -50.60 -27.11
N VAL B 64 65.31 -50.82 -27.12
CA VAL B 64 66.17 -50.68 -25.95
C VAL B 64 66.99 -49.37 -26.12
N CYS B 65 66.57 -48.34 -25.36
CA CYS B 65 67.14 -46.98 -25.41
C CYS B 65 68.12 -46.66 -24.26
N GLN B 66 69.09 -45.79 -24.58
CA GLN B 66 70.04 -45.20 -23.65
C GLN B 66 69.60 -43.73 -23.54
N VAL B 67 69.12 -43.33 -22.33
CA VAL B 67 68.59 -41.99 -22.10
C VAL B 67 69.34 -41.26 -20.97
N SER B 68 69.74 -39.99 -21.22
CA SER B 68 70.42 -39.15 -20.23
C SER B 68 69.48 -38.15 -19.56
N ASN B 69 69.67 -37.89 -18.25
CA ASN B 69 68.88 -36.88 -17.50
C ASN B 69 69.81 -35.65 -17.21
N GLY B 70 70.91 -35.59 -17.98
CA GLY B 70 71.93 -34.56 -17.85
C GLY B 70 72.95 -34.87 -16.76
N SER B 71 72.69 -35.91 -15.93
CA SER B 71 73.56 -36.31 -14.81
C SER B 71 74.07 -37.73 -14.95
N GLU B 72 73.26 -38.59 -15.59
CA GLU B 72 73.48 -40.02 -15.69
C GLU B 72 72.74 -40.60 -16.91
N THR B 73 73.24 -41.72 -17.45
CA THR B 73 72.60 -42.44 -18.57
C THR B 73 71.92 -43.70 -18.03
N PHE B 74 70.63 -43.84 -18.34
CA PHE B 74 69.81 -44.97 -17.91
C PHE B 74 69.30 -45.72 -19.11
N GLN B 75 69.20 -47.05 -18.97
CA GLN B 75 68.62 -47.91 -19.99
C GLN B 75 67.10 -47.98 -19.78
N VAL B 76 66.36 -47.47 -20.78
CA VAL B 76 64.90 -47.51 -20.72
C VAL B 76 64.38 -48.25 -21.96
N VAL B 77 63.55 -49.28 -21.72
CA VAL B 77 62.91 -50.06 -22.79
C VAL B 77 61.63 -49.27 -23.18
N CYS B 78 61.50 -48.93 -24.48
CA CYS B 78 60.36 -48.17 -24.94
C CYS B 78 59.67 -48.79 -26.14
N GLY B 79 58.33 -48.79 -26.12
CA GLY B 79 57.49 -49.33 -27.20
C GLY B 79 56.82 -48.32 -28.11
N ALA B 80 57.09 -47.01 -27.92
CA ALA B 80 56.48 -45.94 -28.73
C ALA B 80 57.04 -45.93 -30.16
N PRO B 81 56.18 -45.80 -31.19
CA PRO B 81 56.68 -45.82 -32.58
C PRO B 81 57.57 -44.64 -32.99
N ASN B 82 57.58 -43.54 -32.20
CA ASN B 82 58.39 -42.35 -32.49
C ASN B 82 59.74 -42.29 -31.75
N VAL B 83 60.03 -43.25 -30.84
CA VAL B 83 61.27 -43.24 -30.04
C VAL B 83 62.48 -43.42 -30.96
N ARG B 84 63.37 -42.41 -30.96
CA ARG B 84 64.59 -42.37 -31.77
C ARG B 84 65.68 -41.52 -31.10
N ALA B 85 66.95 -41.72 -31.48
CA ALA B 85 68.08 -40.94 -30.98
C ALA B 85 67.90 -39.44 -31.27
N GLY B 86 68.38 -38.63 -30.33
CA GLY B 86 68.36 -37.17 -30.36
C GLY B 86 67.12 -36.53 -29.77
N LEU B 87 66.05 -37.33 -29.64
CA LEU B 87 64.77 -36.88 -29.12
C LEU B 87 64.83 -36.45 -27.68
N LYS B 88 64.26 -35.25 -27.41
CA LYS B 88 64.10 -34.64 -26.10
C LYS B 88 62.68 -35.02 -25.68
N ILE B 89 62.57 -35.75 -24.56
CA ILE B 89 61.31 -36.34 -24.11
C ILE B 89 61.12 -36.27 -22.58
N PRO B 90 59.88 -36.43 -22.04
CA PRO B 90 59.75 -36.46 -20.57
C PRO B 90 60.21 -37.81 -20.02
N PHE B 91 61.28 -37.81 -19.23
CA PHE B 91 61.81 -39.02 -18.62
C PHE B 91 61.33 -39.20 -17.17
N ALA B 92 60.45 -40.19 -16.96
CA ALA B 92 59.95 -40.54 -15.63
C ALA B 92 60.87 -41.57 -14.98
N MET B 93 61.71 -41.13 -14.07
CA MET B 93 62.70 -41.96 -13.37
C MET B 93 62.04 -42.89 -12.36
N ILE B 94 62.77 -43.92 -11.88
CA ILE B 94 62.24 -44.85 -10.87
C ILE B 94 61.91 -43.98 -9.64
N GLY B 95 60.72 -44.14 -9.08
CA GLY B 95 60.37 -43.34 -7.92
C GLY B 95 59.35 -42.28 -8.26
N ALA B 96 59.33 -41.86 -9.57
CA ALA B 96 58.39 -40.86 -10.11
C ALA B 96 56.94 -41.29 -9.89
N GLU B 97 56.11 -40.33 -9.47
CA GLU B 97 54.69 -40.50 -9.20
C GLU B 97 53.92 -39.85 -10.34
N LEU B 98 53.28 -40.67 -11.19
CA LEU B 98 52.49 -40.22 -12.34
C LEU B 98 51.00 -40.15 -12.00
N PRO B 99 50.13 -39.48 -12.81
CA PRO B 99 48.69 -39.40 -12.43
C PRO B 99 47.98 -40.76 -12.21
N ASP B 100 46.90 -40.73 -11.44
CA ASP B 100 46.05 -41.88 -11.06
C ASP B 100 46.86 -42.97 -10.32
N ASP B 101 47.64 -42.50 -9.31
CA ASP B 101 48.52 -43.24 -8.39
C ASP B 101 49.38 -44.29 -9.10
N PHE B 102 50.08 -43.87 -10.16
CA PHE B 102 50.97 -44.71 -10.94
C PHE B 102 52.42 -44.46 -10.56
N LYS B 103 52.99 -45.32 -9.69
CA LYS B 103 54.37 -45.21 -9.25
C LYS B 103 55.31 -46.03 -10.16
N ILE B 104 56.31 -45.35 -10.73
CA ILE B 104 57.31 -45.97 -11.60
C ILE B 104 58.21 -46.86 -10.74
N LYS B 105 58.40 -48.13 -11.17
CA LYS B 105 59.22 -49.10 -10.46
C LYS B 105 60.26 -49.62 -11.44
N LYS B 106 61.20 -50.46 -10.94
CA LYS B 106 62.20 -51.08 -11.80
C LYS B 106 61.49 -52.15 -12.59
N ALA B 107 62.00 -52.42 -13.82
CA ALA B 107 61.42 -53.43 -14.72
C ALA B 107 62.44 -54.22 -15.50
N LYS B 108 62.11 -55.49 -15.82
CA LYS B 108 62.87 -56.41 -16.67
C LYS B 108 61.88 -56.88 -17.74
N LEU B 109 61.72 -56.06 -18.77
CA LEU B 109 60.81 -56.31 -19.88
C LEU B 109 61.44 -57.21 -20.96
N ARG B 110 60.92 -58.46 -21.03
CA ARG B 110 61.33 -59.55 -21.90
C ARG B 110 62.85 -59.77 -21.81
N GLY B 111 63.30 -59.92 -20.57
CA GLY B 111 64.70 -60.16 -20.22
C GLY B 111 65.61 -58.95 -20.24
N VAL B 112 65.07 -57.74 -20.52
CA VAL B 112 65.88 -56.52 -20.60
C VAL B 112 65.49 -55.55 -19.48
N GLU B 113 66.50 -55.04 -18.74
CA GLU B 113 66.35 -54.10 -17.61
C GLU B 113 66.06 -52.68 -18.07
N SER B 114 65.00 -52.07 -17.47
CA SER B 114 64.50 -50.73 -17.75
C SER B 114 64.45 -49.92 -16.45
N PHE B 115 65.21 -48.80 -16.40
CA PHE B 115 65.35 -47.90 -15.23
C PHE B 115 64.57 -46.59 -15.35
N GLY B 116 63.31 -46.72 -15.71
CA GLY B 116 62.42 -45.57 -15.88
C GLY B 116 61.48 -45.78 -17.02
N MET B 117 60.71 -44.72 -17.33
CA MET B 117 59.74 -44.72 -18.40
C MET B 117 59.77 -43.42 -19.15
N LEU B 118 59.54 -43.46 -20.49
CA LEU B 118 59.45 -42.24 -21.31
C LEU B 118 57.96 -41.99 -21.53
N CYS B 119 57.50 -40.70 -21.48
CA CYS B 119 56.05 -40.44 -21.49
C CYS B 119 55.50 -39.68 -22.68
N SER B 120 54.20 -39.90 -22.86
CA SER B 120 53.32 -39.25 -23.80
C SER B 120 52.62 -38.15 -22.98
N ALA B 121 52.04 -37.16 -23.70
CA ALA B 121 51.27 -36.09 -23.08
C ALA B 121 50.09 -36.69 -22.31
N LYS B 122 49.45 -37.75 -22.87
CA LYS B 122 48.33 -38.48 -22.26
C LYS B 122 48.65 -39.05 -20.87
N GLU B 123 49.76 -39.82 -20.77
CA GLU B 123 50.30 -40.45 -19.56
C GLU B 123 50.46 -39.43 -18.44
N LEU B 124 50.83 -38.18 -18.79
CA LEU B 124 51.07 -37.07 -17.86
C LEU B 124 49.89 -36.12 -17.67
N GLN B 125 48.78 -36.37 -18.39
CA GLN B 125 47.57 -35.55 -18.38
C GLN B 125 47.88 -34.12 -18.87
N ILE B 126 48.71 -34.05 -19.93
CA ILE B 126 49.12 -32.80 -20.57
C ILE B 126 48.16 -32.53 -21.72
N SER B 127 47.99 -33.51 -22.59
CA SER B 127 47.06 -33.48 -23.72
C SER B 127 46.42 -34.90 -23.80
N GLU B 128 45.65 -35.19 -24.87
CA GLU B 128 45.08 -36.52 -25.06
C GLU B 128 45.88 -37.29 -26.16
N GLU B 129 47.07 -36.75 -26.49
CA GLU B 129 48.01 -37.27 -27.47
C GLU B 129 48.81 -38.47 -26.89
N ASN B 130 48.25 -39.68 -27.04
CA ASN B 130 48.91 -40.92 -26.63
C ASN B 130 49.52 -41.62 -27.84
N ALA B 131 49.39 -41.00 -29.06
CA ALA B 131 49.92 -41.53 -30.32
C ALA B 131 51.37 -41.95 -30.18
N GLY B 132 52.13 -41.15 -29.42
CA GLY B 132 53.52 -41.41 -29.11
C GLY B 132 54.02 -40.55 -27.97
N LEU B 133 55.34 -40.56 -27.78
CA LEU B 133 56.02 -39.79 -26.76
C LEU B 133 55.91 -38.31 -27.04
N LEU B 134 55.70 -37.49 -25.95
CA LEU B 134 55.65 -36.05 -26.05
C LEU B 134 57.03 -35.50 -26.45
N GLU B 135 57.22 -35.29 -27.77
CA GLU B 135 58.44 -34.76 -28.38
C GLU B 135 58.60 -33.28 -27.96
N LEU B 136 59.64 -33.01 -27.13
CA LEU B 136 59.96 -31.68 -26.59
C LEU B 136 60.94 -30.97 -27.53
N PRO B 137 60.94 -29.60 -27.54
CA PRO B 137 61.89 -28.86 -28.41
C PRO B 137 63.31 -29.39 -28.40
N ALA B 138 63.95 -29.37 -29.56
CA ALA B 138 65.32 -29.82 -29.74
C ALA B 138 66.29 -29.16 -28.72
N ASP B 139 65.96 -27.93 -28.29
CA ASP B 139 66.75 -27.14 -27.36
C ASP B 139 66.23 -27.18 -25.91
N ALA B 140 65.40 -28.19 -25.54
CA ALA B 140 64.89 -28.31 -24.17
C ALA B 140 66.05 -28.51 -23.11
N PRO B 141 65.92 -27.97 -21.86
CA PRO B 141 67.02 -28.14 -20.89
C PRO B 141 67.00 -29.52 -20.22
N VAL B 142 67.90 -30.43 -20.67
CA VAL B 142 67.97 -31.81 -20.16
C VAL B 142 68.27 -31.82 -18.63
N GLY B 143 67.37 -32.47 -17.90
CA GLY B 143 67.45 -32.62 -16.46
C GLY B 143 66.44 -31.82 -15.69
N GLN B 144 65.95 -30.72 -16.28
CA GLN B 144 64.96 -29.82 -15.67
C GLN B 144 63.59 -30.50 -15.45
N ASP B 145 62.91 -30.21 -14.35
CA ASP B 145 61.58 -30.76 -14.12
C ASP B 145 60.65 -30.31 -15.25
N VAL B 146 59.95 -31.28 -15.84
CA VAL B 146 59.05 -31.13 -16.96
C VAL B 146 57.90 -30.16 -16.60
N ARG B 147 57.44 -30.14 -15.33
CA ARG B 147 56.40 -29.20 -14.88
C ARG B 147 56.94 -27.78 -14.94
N THR B 148 58.22 -27.58 -14.54
CA THR B 148 58.89 -26.28 -14.55
C THR B 148 58.99 -25.79 -15.97
N TYR B 149 59.62 -26.60 -16.84
CA TYR B 149 59.84 -26.31 -18.25
C TYR B 149 58.54 -26.03 -19.03
N LEU B 150 57.53 -26.89 -18.85
CA LEU B 150 56.28 -26.75 -19.56
C LEU B 150 55.26 -25.86 -18.84
N GLU B 151 55.69 -25.14 -17.80
CA GLU B 151 54.88 -24.22 -16.98
C GLU B 151 53.50 -24.81 -16.64
N LEU B 152 53.50 -26.05 -16.12
CA LEU B 152 52.31 -26.84 -15.77
C LEU B 152 51.65 -26.44 -14.44
N ALA B 153 52.38 -25.65 -13.63
CA ALA B 153 51.87 -25.13 -12.37
C ALA B 153 51.20 -23.85 -12.80
N ASP B 154 49.94 -23.97 -13.33
CA ASP B 154 49.22 -22.84 -13.92
C ASP B 154 47.74 -23.14 -14.05
N TYR B 155 46.97 -22.07 -14.19
CA TYR B 155 45.54 -22.14 -14.40
C TYR B 155 45.16 -21.27 -15.57
N THR B 156 44.04 -21.62 -16.20
CA THR B 156 43.46 -20.82 -17.26
C THR B 156 42.19 -20.16 -16.72
N ILE B 157 42.21 -18.83 -16.57
CA ILE B 157 41.06 -18.05 -16.09
C ILE B 157 40.29 -17.52 -17.29
N GLU B 158 38.99 -17.77 -17.30
CA GLU B 158 38.08 -17.30 -18.34
C GLU B 158 37.15 -16.25 -17.77
N VAL B 159 37.17 -15.10 -18.39
CA VAL B 159 36.38 -13.95 -18.00
C VAL B 159 35.26 -13.68 -19.02
N GLY B 160 34.05 -13.48 -18.51
CA GLY B 160 32.90 -13.09 -19.32
C GLY B 160 32.86 -11.58 -19.33
N LEU B 161 33.52 -10.95 -20.33
CA LEU B 161 33.64 -9.49 -20.43
C LEU B 161 32.34 -8.79 -20.87
N THR B 162 32.17 -7.57 -20.36
CA THR B 162 31.03 -6.71 -20.67
C THR B 162 31.42 -5.88 -21.90
N PRO B 163 30.47 -5.56 -22.81
CA PRO B 163 30.83 -4.85 -24.07
C PRO B 163 31.62 -3.55 -23.93
N ASN B 164 31.59 -2.94 -22.74
CA ASN B 164 32.34 -1.70 -22.50
C ASN B 164 33.87 -1.93 -22.22
N ARG B 165 34.28 -3.19 -21.99
CA ARG B 165 35.68 -3.50 -21.68
C ARG B 165 36.39 -4.25 -22.79
N GLY B 166 36.38 -3.64 -23.99
CA GLY B 166 37.07 -4.14 -25.18
C GLY B 166 38.57 -4.16 -24.96
N ASP B 167 39.05 -3.25 -24.13
CA ASP B 167 40.44 -3.08 -23.74
C ASP B 167 41.00 -4.32 -23.02
N CYS B 168 40.10 -5.11 -22.38
CA CYS B 168 40.46 -6.32 -21.65
C CYS B 168 40.50 -7.58 -22.51
N LEU B 169 40.42 -7.42 -23.87
CA LEU B 169 40.45 -8.54 -24.82
C LEU B 169 41.88 -8.92 -25.19
N SER B 170 42.81 -8.75 -24.22
CA SER B 170 44.22 -9.05 -24.35
C SER B 170 44.86 -9.23 -22.99
N LEU B 171 46.07 -9.79 -22.99
CA LEU B 171 46.83 -9.93 -21.77
C LEU B 171 47.28 -8.56 -21.28
N ALA B 172 47.59 -7.65 -22.22
CA ALA B 172 47.98 -6.26 -21.92
C ALA B 172 46.89 -5.51 -21.16
N GLY B 173 45.64 -5.69 -21.61
CA GLY B 173 44.45 -5.08 -21.03
C GLY B 173 44.16 -5.60 -19.65
N LEU B 174 44.10 -6.94 -19.51
CA LEU B 174 43.83 -7.64 -18.25
C LEU B 174 44.90 -7.37 -17.18
N ALA B 175 46.19 -7.27 -17.58
CA ALA B 175 47.28 -7.00 -16.65
C ALA B 175 47.21 -5.58 -16.15
N ARG B 176 46.73 -4.63 -16.99
CA ARG B 176 46.59 -3.24 -16.59
C ARG B 176 45.56 -3.14 -15.47
N GLU B 177 44.45 -3.91 -15.60
CA GLU B 177 43.39 -3.99 -14.60
C GLU B 177 43.95 -4.48 -13.30
N VAL B 178 44.61 -5.65 -13.32
CA VAL B 178 45.20 -6.25 -12.12
C VAL B 178 46.09 -5.24 -11.41
N SER B 179 46.94 -4.51 -12.16
CA SER B 179 47.84 -3.49 -11.60
C SER B 179 47.03 -2.40 -10.87
N ALA B 180 45.87 -2.00 -11.43
CA ALA B 180 44.99 -1.00 -10.83
C ALA B 180 44.30 -1.58 -9.59
N ILE B 181 43.66 -2.75 -9.73
CA ILE B 181 42.97 -3.46 -8.66
C ILE B 181 43.85 -3.57 -7.40
N TYR B 182 45.07 -4.06 -7.58
CA TYR B 182 46.00 -4.36 -6.52
C TYR B 182 47.08 -3.31 -6.24
N ASP B 183 47.11 -2.18 -6.99
CA ASP B 183 48.13 -1.11 -6.83
C ASP B 183 49.55 -1.72 -6.83
N VAL B 184 49.84 -2.55 -7.84
CA VAL B 184 51.11 -3.26 -8.00
C VAL B 184 51.80 -2.81 -9.31
N PRO B 185 53.16 -2.79 -9.40
CA PRO B 185 53.80 -2.37 -10.68
C PRO B 185 53.39 -3.18 -11.91
N LEU B 186 53.24 -2.48 -13.06
CA LEU B 186 52.90 -3.07 -14.35
C LEU B 186 54.18 -3.11 -15.22
N ALA B 187 54.58 -4.32 -15.59
CA ALA B 187 55.78 -4.60 -16.38
C ALA B 187 55.38 -5.07 -17.78
N PRO B 188 55.04 -4.17 -18.73
CA PRO B 188 54.67 -4.64 -20.07
C PRO B 188 55.88 -5.12 -20.86
N VAL B 189 55.62 -6.01 -21.84
CA VAL B 189 56.67 -6.55 -22.71
C VAL B 189 57.43 -5.38 -23.36
N ALA B 190 58.77 -5.37 -23.22
CA ALA B 190 59.60 -4.34 -23.83
C ALA B 190 59.70 -4.73 -25.30
N VAL B 191 59.26 -3.82 -26.18
CA VAL B 191 59.22 -4.08 -27.62
C VAL B 191 60.19 -3.16 -28.32
N ASP B 192 61.36 -3.69 -28.60
CA ASP B 192 62.41 -2.98 -29.30
C ASP B 192 62.08 -2.95 -30.79
N ALA B 193 62.31 -1.78 -31.41
CA ALA B 193 62.07 -1.62 -32.83
C ALA B 193 63.00 -2.57 -33.61
N VAL B 194 62.46 -3.27 -34.60
CA VAL B 194 63.26 -4.13 -35.47
C VAL B 194 63.79 -3.21 -36.59
N ALA B 195 65.13 -3.16 -36.77
CA ALA B 195 65.80 -2.37 -37.81
C ALA B 195 65.62 -2.97 -39.21
N ALA B 196 65.26 -2.10 -40.19
CA ALA B 196 65.11 -2.47 -41.60
C ALA B 196 66.46 -2.98 -42.11
N GLN B 197 66.41 -4.10 -42.83
CA GLN B 197 67.59 -4.75 -43.41
C GLN B 197 67.72 -4.36 -44.88
N HIS B 198 66.60 -3.83 -45.44
CA HIS B 198 66.50 -3.36 -46.83
C HIS B 198 65.52 -2.21 -46.91
N ASP B 199 65.29 -1.69 -48.12
CA ASP B 199 64.43 -0.52 -48.30
C ASP B 199 63.14 -0.78 -49.05
N GLU B 200 62.83 -2.06 -49.35
CA GLU B 200 61.61 -2.40 -50.07
C GLU B 200 60.39 -2.13 -49.26
N THR B 201 59.49 -1.33 -49.82
CA THR B 201 58.20 -0.96 -49.24
C THR B 201 57.12 -1.17 -50.31
N ARG B 202 55.90 -0.84 -49.94
CA ARG B 202 54.73 -0.82 -50.80
C ARG B 202 53.96 0.41 -50.31
N PRO B 203 53.52 1.27 -51.25
CA PRO B 203 52.73 2.44 -50.86
C PRO B 203 51.37 2.05 -50.25
N VAL B 204 50.83 2.92 -49.40
CA VAL B 204 49.54 2.75 -48.70
C VAL B 204 48.71 4.04 -48.88
N GLU B 205 47.46 3.91 -49.36
CA GLU B 205 46.55 5.02 -49.59
C GLU B 205 45.38 4.89 -48.62
N LEU B 206 45.04 5.98 -47.91
CA LEU B 206 43.89 5.99 -47.01
C LEU B 206 42.79 6.71 -47.75
N ALA B 207 42.07 5.98 -48.59
CA ALA B 207 40.96 6.51 -49.38
C ALA B 207 39.72 6.80 -48.53
N ALA B 208 39.62 6.20 -47.31
CA ALA B 208 38.53 6.41 -46.34
C ALA B 208 39.18 6.62 -44.94
N PRO B 209 39.75 7.82 -44.69
CA PRO B 209 40.46 8.05 -43.42
C PRO B 209 39.56 8.12 -42.19
N ALA B 210 38.27 8.39 -42.41
CA ALA B 210 37.29 8.46 -41.34
C ALA B 210 37.05 7.06 -40.77
N ALA B 211 37.15 6.00 -41.63
CA ALA B 211 36.96 4.61 -41.20
C ALA B 211 38.28 3.90 -40.78
N CYS B 212 39.42 4.41 -41.27
CA CYS B 212 40.76 3.94 -40.93
C CYS B 212 41.70 5.14 -40.88
N PRO B 213 41.83 5.79 -39.70
CA PRO B 213 42.75 6.95 -39.60
C PRO B 213 44.22 6.57 -39.45
N ARG B 214 44.53 5.28 -39.30
CA ARG B 214 45.93 4.82 -39.18
C ARG B 214 46.06 3.43 -39.73
N TYR B 215 47.07 3.24 -40.60
CA TYR B 215 47.40 1.97 -41.25
C TYR B 215 48.92 1.83 -41.37
N LEU B 216 49.43 0.69 -40.90
CA LEU B 216 50.86 0.36 -40.94
C LEU B 216 51.09 -0.91 -41.79
N GLY B 217 52.11 -0.84 -42.65
CA GLY B 217 52.48 -1.91 -43.57
C GLY B 217 53.97 -2.20 -43.59
N ARG B 218 54.33 -3.48 -43.72
CA ARG B 218 55.73 -3.88 -43.72
C ARG B 218 55.98 -5.06 -44.62
N VAL B 219 57.06 -4.97 -45.43
CA VAL B 219 57.54 -6.03 -46.32
C VAL B 219 58.50 -6.93 -45.53
N ILE B 220 58.24 -8.23 -45.54
CA ILE B 220 59.12 -9.21 -44.92
C ILE B 220 59.54 -10.22 -46.01
N ARG B 221 60.78 -10.08 -46.48
CA ARG B 221 61.30 -10.90 -47.55
C ARG B 221 61.92 -12.22 -47.11
N ASN B 222 61.73 -13.25 -47.95
CA ASN B 222 62.30 -14.59 -47.89
C ASN B 222 62.10 -15.30 -46.54
N VAL B 223 60.82 -15.55 -46.24
CA VAL B 223 60.34 -16.29 -45.07
C VAL B 223 60.23 -17.79 -45.41
N ASP B 224 60.60 -18.68 -44.47
CA ASP B 224 60.53 -20.14 -44.63
C ASP B 224 59.32 -20.63 -43.86
N LEU B 225 58.22 -20.76 -44.57
CA LEU B 225 56.92 -21.11 -43.97
C LEU B 225 56.75 -22.58 -43.63
N SER B 226 57.80 -23.39 -43.90
CA SER B 226 57.85 -24.81 -43.57
C SER B 226 58.19 -24.97 -42.09
N ARG B 227 58.81 -23.93 -41.50
CA ARG B 227 59.26 -23.92 -40.10
C ARG B 227 58.10 -23.98 -39.09
N PRO B 228 58.30 -24.64 -37.91
CA PRO B 228 57.17 -24.76 -36.95
C PRO B 228 57.02 -23.62 -35.95
N THR B 229 55.80 -23.46 -35.44
CA THR B 229 55.49 -22.50 -34.39
C THR B 229 56.15 -23.05 -33.08
N PRO B 230 56.93 -22.22 -32.35
CA PRO B 230 57.54 -22.70 -31.10
C PRO B 230 56.52 -23.07 -30.03
N LEU B 231 56.91 -24.00 -29.13
CA LEU B 231 56.04 -24.49 -28.06
C LEU B 231 55.51 -23.40 -27.14
N TRP B 232 56.37 -22.46 -26.72
CA TRP B 232 55.91 -21.42 -25.82
C TRP B 232 54.69 -20.66 -26.39
N MET B 233 54.73 -20.37 -27.70
CA MET B 233 53.64 -19.67 -28.37
C MET B 233 52.39 -20.55 -28.51
N VAL B 234 52.55 -21.81 -28.89
CA VAL B 234 51.44 -22.76 -29.01
C VAL B 234 50.72 -22.87 -27.65
N GLU B 235 51.50 -23.03 -26.55
CA GLU B 235 50.96 -23.13 -25.20
C GLU B 235 50.24 -21.86 -24.78
N ARG B 236 50.85 -20.66 -24.99
CA ARG B 236 50.22 -19.37 -24.69
C ARG B 236 48.92 -19.17 -25.49
N LEU B 237 48.92 -19.46 -26.79
CA LEU B 237 47.69 -19.38 -27.60
C LEU B 237 46.62 -20.38 -27.12
N ARG B 238 47.03 -21.66 -26.84
CA ARG B 238 46.15 -22.76 -26.41
C ARG B 238 45.43 -22.41 -25.13
N ARG B 239 46.19 -21.84 -24.15
CA ARG B 239 45.71 -21.38 -22.86
C ARG B 239 44.79 -20.20 -22.98
N SER B 240 44.54 -19.71 -24.20
CA SER B 240 43.61 -18.62 -24.52
C SER B 240 42.55 -19.10 -25.52
N ASP B 241 42.46 -20.43 -25.68
CA ASP B 241 41.55 -21.16 -26.57
C ASP B 241 41.83 -20.91 -28.04
N ILE B 242 43.09 -20.59 -28.38
CA ILE B 242 43.47 -20.40 -29.77
C ILE B 242 44.27 -21.60 -30.21
N ARG B 243 43.74 -22.31 -31.21
CA ARG B 243 44.33 -23.50 -31.79
C ARG B 243 45.40 -23.10 -32.80
N SER B 244 46.59 -23.72 -32.73
CA SER B 244 47.72 -23.44 -33.65
C SER B 244 47.36 -23.92 -35.05
N ILE B 245 47.55 -23.05 -36.07
CA ILE B 245 47.21 -23.49 -37.43
C ILE B 245 48.47 -23.47 -38.33
N ASP B 246 49.18 -22.31 -38.40
CA ASP B 246 50.38 -22.08 -39.20
C ASP B 246 51.25 -21.01 -38.53
N PRO B 247 52.58 -21.01 -38.75
CA PRO B 247 53.43 -20.03 -38.06
C PRO B 247 53.00 -18.56 -38.20
N VAL B 248 52.66 -18.10 -39.42
CA VAL B 248 52.28 -16.70 -39.69
C VAL B 248 50.94 -16.32 -39.02
N VAL B 249 49.91 -17.18 -39.10
CA VAL B 249 48.61 -16.90 -38.46
C VAL B 249 48.77 -16.92 -36.97
N ASP B 250 49.59 -17.86 -36.46
CA ASP B 250 49.87 -18.02 -35.05
C ASP B 250 50.50 -16.76 -34.48
N VAL B 251 51.48 -16.13 -35.20
CA VAL B 251 52.09 -14.87 -34.75
C VAL B 251 51.05 -13.73 -34.71
N THR B 252 50.29 -13.51 -35.80
CA THR B 252 49.32 -12.40 -35.87
C THR B 252 48.24 -12.59 -34.76
N ASN B 253 47.84 -13.86 -34.50
CA ASN B 253 46.93 -14.22 -33.41
C ASN B 253 47.60 -13.95 -32.04
N TYR B 254 48.86 -14.37 -31.88
CA TYR B 254 49.61 -14.21 -30.65
C TYR B 254 49.71 -12.75 -30.27
N VAL B 255 50.10 -11.90 -31.22
CA VAL B 255 50.23 -10.44 -31.03
C VAL B 255 48.87 -9.85 -30.59
N MET B 256 47.79 -10.33 -31.20
CA MET B 256 46.44 -9.87 -30.88
C MET B 256 46.03 -10.23 -29.45
N ILE B 257 46.28 -11.46 -29.06
CA ILE B 257 45.98 -11.98 -27.73
C ILE B 257 46.94 -11.40 -26.69
N GLU B 258 48.18 -11.12 -27.06
CA GLU B 258 49.16 -10.53 -26.16
C GLU B 258 48.92 -9.04 -25.92
N LEU B 259 48.82 -8.25 -26.98
CA LEU B 259 48.73 -6.80 -26.92
C LEU B 259 47.34 -6.20 -27.14
N GLY B 260 46.50 -6.92 -27.88
CA GLY B 260 45.14 -6.51 -28.21
C GLY B 260 44.98 -5.98 -29.61
N GLN B 261 46.09 -6.02 -30.42
CA GLN B 261 46.10 -5.52 -31.79
C GLN B 261 45.90 -6.64 -32.82
N PRO B 262 44.71 -6.69 -33.48
CA PRO B 262 44.50 -7.70 -34.53
C PRO B 262 45.39 -7.33 -35.68
N MET B 263 46.07 -8.32 -36.25
CA MET B 263 46.98 -8.09 -37.39
C MET B 263 46.70 -9.08 -38.47
N HIS B 264 47.12 -8.72 -39.71
CA HIS B 264 46.94 -9.56 -40.88
C HIS B 264 48.17 -9.60 -41.79
N ALA B 265 48.53 -10.79 -42.32
CA ALA B 265 49.61 -10.97 -43.27
C ALA B 265 49.10 -11.40 -44.64
N PHE B 266 49.57 -10.72 -45.69
CA PHE B 266 49.26 -11.00 -47.08
C PHE B 266 50.49 -11.62 -47.74
N ASP B 267 50.28 -12.36 -48.84
CA ASP B 267 51.37 -12.88 -49.67
C ASP B 267 51.70 -11.66 -50.55
N LEU B 268 52.89 -11.09 -50.35
CA LEU B 268 53.38 -9.91 -51.07
C LEU B 268 53.19 -9.99 -52.60
N ALA B 269 53.33 -11.22 -53.17
CA ALA B 269 53.17 -11.51 -54.58
C ALA B 269 51.72 -11.23 -55.10
N GLU B 270 50.74 -11.24 -54.16
CA GLU B 270 49.33 -11.02 -54.43
C GLU B 270 48.87 -9.57 -54.33
N ILE B 271 49.85 -8.65 -54.10
CA ILE B 271 49.58 -7.22 -53.99
C ILE B 271 50.07 -6.49 -55.23
N ASN B 272 49.09 -5.99 -56.00
CA ASN B 272 49.35 -5.24 -57.22
C ASN B 272 49.24 -3.73 -57.00
N GLY B 273 50.42 -3.12 -56.94
CA GLY B 273 50.61 -1.69 -56.85
C GLY B 273 50.34 -1.02 -55.52
N GLY B 274 50.60 -1.71 -54.44
CA GLY B 274 50.37 -1.08 -53.14
C GLY B 274 48.95 -1.12 -52.65
N VAL B 275 48.79 -0.80 -51.38
CA VAL B 275 47.53 -0.86 -50.63
C VAL B 275 46.71 0.40 -50.76
N ARG B 276 45.39 0.19 -50.85
CA ARG B 276 44.36 1.21 -50.96
C ARG B 276 43.32 0.78 -49.91
N VAL B 277 43.17 1.58 -48.86
CA VAL B 277 42.21 1.32 -47.79
C VAL B 277 40.98 2.16 -48.16
N ARG B 278 39.97 1.48 -48.72
CA ARG B 278 38.79 2.14 -49.25
C ARG B 278 37.51 1.40 -48.98
N MET B 279 36.39 2.07 -49.28
CA MET B 279 35.06 1.49 -49.22
C MET B 279 34.88 0.58 -50.44
N ALA B 280 34.09 -0.49 -50.26
CA ALA B 280 33.77 -1.45 -51.31
C ALA B 280 32.84 -0.76 -52.33
N GLU B 281 32.81 -1.27 -53.56
CA GLU B 281 31.86 -0.78 -54.54
C GLU B 281 30.64 -1.67 -54.34
N ASP B 282 29.40 -1.15 -54.59
CA ASP B 282 28.18 -1.94 -54.44
C ASP B 282 28.18 -3.15 -55.41
N GLY B 283 28.13 -4.35 -54.81
CA GLY B 283 28.16 -5.61 -55.50
C GLY B 283 29.54 -6.15 -55.78
N GLU B 284 30.59 -5.58 -55.12
CA GLU B 284 31.97 -6.04 -55.27
C GLU B 284 32.07 -7.42 -54.61
N LYS B 285 32.62 -8.40 -55.36
CA LYS B 285 32.72 -9.77 -54.87
C LYS B 285 34.12 -10.13 -54.35
N LEU B 286 34.17 -10.76 -53.16
CA LEU B 286 35.40 -11.21 -52.52
C LEU B 286 35.24 -12.60 -51.89
N VAL B 287 36.16 -13.51 -52.21
CA VAL B 287 36.18 -14.86 -51.63
C VAL B 287 37.12 -14.77 -50.42
N LEU B 288 36.59 -15.10 -49.23
CA LEU B 288 37.34 -15.09 -47.97
C LEU B 288 38.26 -16.31 -47.81
N LEU B 289 39.15 -16.32 -46.78
CA LEU B 289 40.07 -17.44 -46.61
C LEU B 289 39.34 -18.75 -46.26
N ASP B 290 38.12 -18.62 -45.70
CA ASP B 290 37.28 -19.74 -45.36
C ASP B 290 36.41 -20.23 -46.55
N GLY B 291 36.57 -19.62 -47.72
CA GLY B 291 35.85 -20.00 -48.94
C GLY B 291 34.54 -19.30 -49.20
N GLN B 292 34.04 -18.55 -48.21
CA GLN B 292 32.79 -17.81 -48.33
C GLN B 292 32.90 -16.70 -49.39
N GLU B 293 31.92 -16.65 -50.31
CA GLU B 293 31.92 -15.62 -51.35
C GLU B 293 30.97 -14.51 -50.98
N ILE B 294 31.51 -13.40 -50.49
CA ILE B 294 30.73 -12.27 -50.03
C ILE B 294 30.50 -11.24 -51.14
N THR B 295 29.25 -10.76 -51.23
CA THR B 295 28.81 -9.73 -52.16
C THR B 295 28.68 -8.47 -51.30
N LEU B 296 29.69 -7.60 -51.43
CA LEU B 296 29.84 -6.39 -50.62
C LEU B 296 28.91 -5.20 -50.97
N ARG B 297 28.75 -4.33 -49.97
CA ARG B 297 28.00 -3.09 -49.94
C ARG B 297 28.93 -1.86 -49.84
N ALA B 298 28.53 -0.71 -50.43
CA ALA B 298 29.32 0.53 -50.42
C ALA B 298 29.66 1.10 -49.01
N ASP B 299 28.99 0.61 -47.95
CA ASP B 299 29.20 1.05 -46.57
C ASP B 299 30.32 0.27 -45.85
N THR B 300 30.89 -0.72 -46.54
CA THR B 300 31.88 -1.64 -45.97
C THR B 300 33.30 -1.30 -46.37
N LEU B 301 34.16 -1.16 -45.36
CA LEU B 301 35.57 -0.88 -45.57
C LEU B 301 36.34 -2.15 -45.93
N VAL B 302 37.13 -2.06 -47.00
CA VAL B 302 37.95 -3.13 -47.49
C VAL B 302 39.40 -2.69 -47.56
N ILE B 303 40.29 -3.67 -47.52
CA ILE B 303 41.69 -3.45 -47.79
C ILE B 303 41.76 -3.99 -49.20
N ALA B 304 42.23 -3.14 -50.09
CA ALA B 304 42.35 -3.43 -51.50
C ALA B 304 43.77 -3.07 -52.01
N ASP B 305 44.09 -3.51 -53.23
CA ASP B 305 45.32 -3.16 -53.95
C ASP B 305 44.84 -2.25 -55.09
N HIS B 306 45.61 -2.10 -56.16
CA HIS B 306 45.16 -1.18 -57.20
C HIS B 306 44.24 -1.82 -58.24
N GLN B 307 44.12 -3.16 -58.17
CA GLN B 307 43.30 -3.97 -59.05
C GLN B 307 41.98 -4.44 -58.39
N ARG B 308 42.02 -4.93 -57.15
CA ARG B 308 40.87 -5.52 -56.47
C ARG B 308 40.91 -5.48 -54.93
N ALA B 309 39.78 -5.87 -54.29
CA ALA B 309 39.68 -5.99 -52.83
C ALA B 309 40.44 -7.25 -52.38
N LEU B 310 41.23 -7.10 -51.32
CA LEU B 310 42.05 -8.18 -50.75
C LEU B 310 41.46 -8.74 -49.45
N ALA B 311 40.78 -7.90 -48.65
CA ALA B 311 40.22 -8.31 -47.36
C ALA B 311 39.06 -7.43 -46.95
N ILE B 312 38.19 -7.90 -46.05
CA ILE B 312 37.13 -7.06 -45.51
C ILE B 312 37.74 -6.51 -44.24
N ALA B 313 38.20 -5.22 -44.31
CA ALA B 313 38.93 -4.51 -43.26
C ALA B 313 38.47 -4.82 -41.85
N GLY B 314 39.44 -5.27 -41.06
CA GLY B 314 39.30 -5.61 -39.66
C GLY B 314 38.43 -6.79 -39.32
N VAL B 315 38.00 -7.59 -40.29
CA VAL B 315 37.16 -8.73 -39.99
C VAL B 315 37.79 -10.01 -40.55
N MET B 316 37.96 -10.13 -41.91
CA MET B 316 38.56 -11.34 -42.49
C MET B 316 39.27 -11.11 -43.80
N GLY B 317 40.38 -11.84 -43.98
CA GLY B 317 41.18 -11.74 -45.19
C GLY B 317 40.61 -12.55 -46.33
N GLY B 318 41.01 -12.20 -47.55
CA GLY B 318 40.61 -12.92 -48.75
C GLY B 318 41.48 -14.13 -48.96
N GLU B 319 40.99 -15.10 -49.75
CA GLU B 319 41.70 -16.35 -50.10
C GLU B 319 42.92 -16.04 -51.01
N HIS B 320 42.70 -15.31 -52.14
CA HIS B 320 43.73 -14.95 -53.11
C HIS B 320 44.95 -14.26 -52.46
N SER B 321 44.71 -13.13 -51.77
CA SER B 321 45.72 -12.28 -51.11
C SER B 321 46.49 -12.96 -49.97
N GLY B 322 45.89 -13.95 -49.33
CA GLY B 322 46.47 -14.63 -48.18
C GLY B 322 47.61 -15.57 -48.45
N VAL B 323 48.32 -15.90 -47.37
CA VAL B 323 49.47 -16.80 -47.37
C VAL B 323 49.06 -18.24 -47.70
N SER B 324 49.84 -18.87 -48.56
CA SER B 324 49.72 -20.25 -48.96
C SER B 324 51.07 -20.94 -48.69
N ASP B 325 51.27 -22.16 -49.22
CA ASP B 325 52.54 -22.90 -49.09
C ASP B 325 53.62 -22.27 -49.96
N SER B 326 53.23 -21.88 -51.21
CA SER B 326 54.05 -21.21 -52.19
C SER B 326 54.61 -19.82 -51.75
N THR B 327 54.10 -19.20 -50.63
CA THR B 327 54.51 -17.88 -50.13
C THR B 327 55.98 -17.85 -49.70
N ARG B 328 56.72 -16.86 -50.24
CA ARG B 328 58.12 -16.62 -49.92
C ARG B 328 58.33 -15.24 -49.26
N ASP B 329 57.39 -14.30 -49.50
CA ASP B 329 57.43 -12.92 -49.00
C ASP B 329 56.09 -12.48 -48.42
N LEU B 330 56.15 -11.64 -47.37
CA LEU B 330 54.98 -11.13 -46.65
C LEU B 330 54.79 -9.64 -46.69
N PHE B 331 53.55 -9.22 -46.50
CA PHE B 331 53.19 -7.84 -46.29
C PHE B 331 52.35 -7.83 -45.04
N LEU B 332 52.93 -7.39 -43.94
CA LEU B 332 52.27 -7.30 -42.64
C LEU B 332 51.42 -6.07 -42.52
N GLU B 333 50.27 -6.21 -41.87
CA GLU B 333 49.35 -5.11 -41.62
C GLU B 333 48.93 -5.01 -40.15
N ALA B 334 48.98 -3.79 -39.61
CA ALA B 334 48.49 -3.40 -38.29
C ALA B 334 47.86 -2.03 -38.50
N ALA B 335 46.53 -1.93 -38.31
CA ALA B 335 45.76 -0.71 -38.53
C ALA B 335 44.77 -0.42 -37.41
N PHE B 336 44.27 0.83 -37.37
CA PHE B 336 43.21 1.19 -36.45
C PHE B 336 42.00 1.47 -37.31
N PHE B 337 40.90 0.79 -36.98
CA PHE B 337 39.62 0.93 -37.64
C PHE B 337 38.64 1.54 -36.66
N ASP B 338 37.90 2.57 -37.10
CA ASP B 338 36.92 3.28 -36.28
C ASP B 338 35.82 2.30 -35.88
N THR B 339 35.42 2.34 -34.60
CA THR B 339 34.39 1.45 -34.05
C THR B 339 33.02 1.69 -34.66
N ILE B 340 32.66 2.97 -34.88
CA ILE B 340 31.36 3.35 -35.43
C ILE B 340 31.23 2.81 -36.84
N ALA B 341 32.28 3.01 -37.64
CA ALA B 341 32.37 2.57 -39.03
C ALA B 341 32.33 1.05 -39.22
N LEU B 342 32.63 0.30 -38.15
CA LEU B 342 32.70 -1.15 -38.20
C LEU B 342 31.55 -1.87 -37.52
N ALA B 343 30.82 -1.16 -36.66
CA ALA B 343 29.68 -1.68 -35.90
C ALA B 343 28.62 -2.39 -36.80
N GLY B 344 28.38 -3.65 -36.47
CA GLY B 344 27.42 -4.53 -37.13
C GLY B 344 27.81 -5.04 -38.51
N LYS B 345 28.91 -4.52 -39.09
CA LYS B 345 29.33 -4.91 -40.43
C LYS B 345 29.63 -6.40 -40.59
N ALA B 346 30.42 -7.00 -39.67
CA ALA B 346 30.70 -8.43 -39.76
C ALA B 346 29.38 -9.23 -39.70
N ARG B 347 28.49 -8.90 -38.72
CA ARG B 347 27.18 -9.54 -38.56
C ARG B 347 26.32 -9.47 -39.80
N SER B 348 26.36 -8.35 -40.53
CA SER B 348 25.57 -8.13 -41.73
C SER B 348 25.93 -9.08 -42.88
N TYR B 349 27.12 -9.73 -42.80
CA TYR B 349 27.57 -10.73 -43.79
C TYR B 349 27.57 -12.13 -43.17
N GLY B 350 27.04 -12.22 -41.95
CA GLY B 350 26.99 -13.44 -41.17
C GLY B 350 28.35 -13.90 -40.67
N LEU B 351 29.26 -12.93 -40.41
CA LEU B 351 30.63 -13.22 -39.96
C LEU B 351 30.91 -12.71 -38.56
N HIS B 352 31.87 -13.35 -37.87
CA HIS B 352 32.32 -12.99 -36.54
C HIS B 352 33.70 -13.58 -36.36
N THR B 353 34.70 -12.70 -36.15
CA THR B 353 36.10 -13.09 -35.94
C THR B 353 36.64 -12.43 -34.67
N ASP B 354 37.85 -12.88 -34.22
CA ASP B 354 38.54 -12.29 -33.06
C ASP B 354 38.93 -10.86 -33.38
N SER B 355 39.19 -10.62 -34.68
CA SER B 355 39.53 -9.30 -35.20
C SER B 355 38.30 -8.43 -35.22
N SER B 356 37.20 -8.89 -35.85
CA SER B 356 35.94 -8.10 -35.90
C SER B 356 35.47 -7.70 -34.51
N HIS B 357 35.56 -8.63 -33.55
CA HIS B 357 35.18 -8.37 -32.19
C HIS B 357 35.99 -7.27 -31.52
N ARG B 358 37.30 -7.38 -31.57
CA ARG B 358 38.19 -6.40 -30.94
C ARG B 358 38.05 -5.01 -31.55
N PHE B 359 37.99 -4.93 -32.89
CA PHE B 359 37.81 -3.64 -33.58
C PHE B 359 36.47 -2.98 -33.25
N GLU B 360 35.38 -3.78 -33.14
CA GLU B 360 34.03 -3.26 -32.85
C GLU B 360 33.96 -2.75 -31.43
N ARG B 361 34.58 -3.49 -30.51
CA ARG B 361 34.64 -3.17 -29.09
C ARG B 361 35.67 -2.05 -28.82
N GLY B 362 36.61 -1.84 -29.75
CA GLY B 362 37.65 -0.82 -29.64
C GLY B 362 39.04 -1.33 -29.43
N VAL B 363 39.96 -0.90 -30.33
CA VAL B 363 41.38 -1.26 -30.28
C VAL B 363 42.12 0.03 -30.07
N ASP B 364 43.07 0.06 -29.11
CA ASP B 364 43.92 1.22 -28.81
C ASP B 364 44.45 1.82 -30.14
N SER B 365 44.01 3.06 -30.45
CA SER B 365 44.37 3.78 -31.67
C SER B 365 45.89 4.04 -31.84
N GLN B 366 46.66 3.96 -30.74
CA GLN B 366 48.10 4.21 -30.77
C GLN B 366 48.97 2.95 -30.87
N LEU B 367 48.35 1.78 -30.69
CA LEU B 367 49.00 0.49 -30.56
C LEU B 367 49.68 -0.11 -31.81
N ALA B 368 49.16 0.15 -33.02
CA ALA B 368 49.65 -0.43 -34.28
C ALA B 368 51.17 -0.59 -34.39
N ARG B 369 51.95 0.44 -33.97
CA ARG B 369 53.41 0.43 -34.13
C ARG B 369 54.15 -0.57 -33.21
N LYS B 370 53.75 -0.63 -31.92
CA LYS B 370 54.35 -1.54 -30.95
C LYS B 370 54.04 -2.96 -31.44
N ALA B 371 52.78 -3.20 -31.91
CA ALA B 371 52.32 -4.48 -32.46
C ALA B 371 53.13 -4.87 -33.71
N MET B 372 53.33 -3.90 -34.63
CA MET B 372 54.08 -4.14 -35.84
C MET B 372 55.48 -4.63 -35.53
N GLU B 373 56.21 -3.91 -34.62
CA GLU B 373 57.57 -4.28 -34.21
C GLU B 373 57.61 -5.65 -33.55
N ARG B 374 56.65 -5.91 -32.64
CA ARG B 374 56.53 -7.20 -31.96
C ARG B 374 56.31 -8.35 -32.96
N ALA B 375 55.36 -8.20 -33.90
CA ALA B 375 55.10 -9.25 -34.88
C ALA B 375 56.28 -9.43 -35.85
N THR B 376 57.01 -8.32 -36.16
CA THR B 376 58.18 -8.41 -37.04
C THR B 376 59.23 -9.32 -36.37
N ARG B 377 59.54 -9.05 -35.07
CA ARG B 377 60.54 -9.82 -34.33
C ARG B 377 60.16 -11.30 -34.25
N LEU B 378 58.87 -11.57 -34.02
CA LEU B 378 58.36 -12.95 -33.92
C LEU B 378 58.41 -13.68 -35.25
N ILE B 379 58.04 -13.02 -36.34
CA ILE B 379 58.12 -13.60 -37.69
C ILE B 379 59.58 -13.97 -38.02
N LEU B 380 60.53 -13.06 -37.75
CA LEU B 380 61.95 -13.32 -38.02
C LEU B 380 62.51 -14.45 -37.17
N ASP B 381 62.05 -14.55 -35.96
CA ASP B 381 62.43 -15.59 -35.02
C ASP B 381 61.86 -16.94 -35.45
N ILE B 382 60.59 -16.97 -35.90
CA ILE B 382 59.90 -18.21 -36.22
C ILE B 382 60.18 -18.70 -37.64
N VAL B 383 60.10 -17.81 -38.65
CA VAL B 383 60.25 -18.20 -40.07
C VAL B 383 61.40 -17.49 -40.78
N GLY B 384 62.16 -16.68 -40.06
CA GLY B 384 63.27 -15.92 -40.63
C GLY B 384 62.79 -14.83 -41.58
N GLY B 385 63.67 -14.39 -42.47
CA GLY B 385 63.36 -13.35 -43.44
C GLY B 385 64.09 -12.06 -43.14
N GLU B 386 63.83 -11.04 -43.97
CA GLU B 386 64.49 -9.74 -43.85
C GLU B 386 63.44 -8.66 -43.88
N PRO B 387 63.41 -7.79 -42.85
CA PRO B 387 62.37 -6.75 -42.79
C PRO B 387 62.77 -5.48 -43.52
N GLY B 388 61.80 -4.86 -44.15
CA GLY B 388 62.01 -3.57 -44.80
C GLY B 388 61.55 -2.51 -43.82
N PRO B 389 61.46 -1.24 -44.24
CA PRO B 389 60.94 -0.21 -43.30
C PRO B 389 59.42 -0.27 -43.12
N ILE B 390 58.92 0.25 -41.99
CA ILE B 390 57.48 0.35 -41.73
C ILE B 390 56.97 1.57 -42.49
N VAL B 391 55.84 1.40 -43.17
CA VAL B 391 55.13 2.44 -43.92
C VAL B 391 53.91 2.77 -43.06
N GLU B 392 53.92 3.96 -42.48
CA GLU B 392 52.83 4.43 -41.64
C GLU B 392 52.11 5.52 -42.37
N GLN B 393 50.83 5.27 -42.61
CA GLN B 393 49.93 6.20 -43.26
C GLN B 393 48.89 6.59 -42.16
N VAL B 394 48.89 7.86 -41.78
CA VAL B 394 48.04 8.36 -40.70
C VAL B 394 47.29 9.65 -41.10
N SER B 395 46.06 9.82 -40.56
CA SER B 395 45.17 10.95 -40.78
C SER B 395 44.88 11.59 -39.42
N GLU B 396 45.73 12.54 -39.03
CA GLU B 396 45.67 13.26 -37.75
C GLU B 396 44.28 13.80 -37.43
N ALA B 397 43.56 14.28 -38.47
CA ALA B 397 42.22 14.82 -38.35
C ALA B 397 41.17 13.80 -37.92
N HIS B 398 41.35 12.53 -38.31
CA HIS B 398 40.37 11.50 -37.99
C HIS B 398 40.73 10.60 -36.85
N LEU B 399 41.85 10.87 -36.16
CA LEU B 399 42.24 10.07 -34.97
C LEU B 399 41.20 10.27 -33.85
N PRO B 400 40.83 9.24 -33.06
CA PRO B 400 39.84 9.45 -32.00
C PRO B 400 40.38 10.36 -30.90
N LYS B 401 39.53 11.34 -30.49
CA LYS B 401 39.82 12.34 -29.46
C LYS B 401 38.60 12.56 -28.61
N VAL B 402 38.76 12.28 -27.31
CA VAL B 402 37.75 12.46 -26.26
C VAL B 402 38.17 13.72 -25.49
N ALA B 403 37.26 14.71 -25.35
CA ALA B 403 37.57 15.95 -24.61
C ALA B 403 37.80 15.63 -23.15
N PRO B 404 38.72 16.34 -22.43
CA PRO B 404 38.91 16.04 -21.00
C PRO B 404 37.61 16.24 -20.24
N ILE B 405 37.41 15.40 -19.22
CA ILE B 405 36.21 15.37 -18.39
C ILE B 405 36.50 16.06 -17.06
N THR B 406 35.62 17.00 -16.63
CA THR B 406 35.79 17.59 -15.32
C THR B 406 35.03 16.74 -14.30
N LEU B 407 35.77 16.25 -13.28
CA LEU B 407 35.26 15.45 -12.18
C LEU B 407 35.21 16.35 -10.96
N ARG B 408 34.03 16.41 -10.32
CA ARG B 408 33.80 17.21 -9.09
C ARG B 408 33.68 16.23 -7.94
N ALA B 409 34.44 16.47 -6.85
CA ALA B 409 34.47 15.62 -5.65
C ALA B 409 33.10 15.45 -5.02
N GLU B 410 32.28 16.53 -5.04
CA GLU B 410 30.94 16.53 -4.46
C GLU B 410 30.04 15.54 -5.16
N ARG B 411 30.20 15.44 -6.49
CA ARG B 411 29.44 14.51 -7.31
C ARG B 411 29.79 13.06 -7.00
N VAL B 412 31.08 12.79 -6.62
CA VAL B 412 31.55 11.47 -6.21
C VAL B 412 30.91 11.12 -4.87
N THR B 413 31.07 12.02 -3.88
CA THR B 413 30.49 11.91 -2.53
C THR B 413 28.97 11.66 -2.62
N GLN B 414 28.25 12.50 -3.39
CA GLN B 414 26.79 12.38 -3.62
C GLN B 414 26.41 10.98 -4.09
N MET B 415 27.01 10.53 -5.20
CA MET B 415 26.72 9.28 -5.87
C MET B 415 27.08 8.03 -5.03
N LEU B 416 28.25 8.05 -4.41
CA LEU B 416 28.75 6.94 -3.61
C LEU B 416 28.13 6.89 -2.21
N GLY B 417 27.60 8.01 -1.76
CA GLY B 417 27.01 8.11 -0.45
C GLY B 417 28.06 8.28 0.62
N MET B 418 29.30 8.64 0.20
CA MET B 418 30.46 8.83 1.06
C MET B 418 31.59 9.55 0.34
N PRO B 419 32.38 10.34 1.05
CA PRO B 419 33.50 11.01 0.39
C PRO B 419 34.73 10.11 0.26
N LEU B 420 35.46 10.30 -0.83
CA LEU B 420 36.75 9.64 -1.10
C LEU B 420 37.85 10.69 -1.02
N ASP B 421 39.03 10.35 -0.47
CA ASP B 421 40.15 11.32 -0.35
C ASP B 421 40.73 11.63 -1.74
N ALA B 422 41.22 12.87 -1.92
CA ALA B 422 41.77 13.33 -3.19
C ALA B 422 42.92 12.42 -3.64
N ALA B 423 43.80 12.01 -2.71
CA ALA B 423 44.91 11.09 -2.99
C ALA B 423 44.40 9.75 -3.51
N GLU B 424 43.33 9.19 -2.89
CA GLU B 424 42.70 7.92 -3.26
C GLU B 424 42.14 8.03 -4.67
N ILE B 425 41.35 9.12 -4.96
CA ILE B 425 40.77 9.39 -6.28
C ILE B 425 41.85 9.40 -7.38
N VAL B 426 42.87 10.25 -7.19
CA VAL B 426 44.00 10.41 -8.10
C VAL B 426 44.71 9.05 -8.26
N ARG B 427 45.03 8.35 -7.14
CA ARG B 427 45.70 7.07 -7.23
C ARG B 427 44.94 6.11 -8.10
N LEU B 428 43.63 5.95 -7.82
CA LEU B 428 42.77 5.04 -8.57
C LEU B 428 42.67 5.36 -10.05
N LEU B 429 42.31 6.63 -10.36
CA LEU B 429 42.20 7.06 -11.76
C LEU B 429 43.53 6.96 -12.53
N GLN B 430 44.64 7.33 -11.88
CA GLN B 430 45.96 7.23 -12.50
C GLN B 430 46.39 5.80 -12.80
N ALA B 431 45.95 4.82 -11.96
CA ALA B 431 46.22 3.38 -12.13
C ALA B 431 45.56 2.81 -13.39
N LEU B 432 44.42 3.41 -13.74
CA LEU B 432 43.65 3.08 -14.95
C LEU B 432 44.21 3.80 -16.17
N GLU B 433 45.31 4.57 -15.96
CA GLU B 433 46.08 5.34 -16.94
C GLU B 433 45.34 6.58 -17.41
N LEU B 434 44.46 7.11 -16.55
CA LEU B 434 43.76 8.36 -16.82
C LEU B 434 44.67 9.50 -16.36
N THR B 435 44.57 10.67 -17.02
CA THR B 435 45.39 11.86 -16.76
C THR B 435 44.61 12.76 -15.85
N VAL B 436 45.05 12.85 -14.60
CA VAL B 436 44.38 13.63 -13.55
C VAL B 436 45.15 14.91 -13.17
N VAL B 437 44.63 16.06 -13.59
CA VAL B 437 45.21 17.35 -13.23
C VAL B 437 44.21 18.10 -12.36
N ALA B 438 44.68 18.65 -11.22
CA ALA B 438 43.85 19.41 -10.29
C ALA B 438 43.33 20.71 -10.95
N ASP B 439 42.07 21.04 -10.68
CA ASP B 439 41.36 22.20 -11.25
C ASP B 439 40.61 22.95 -10.12
N GLY B 440 41.37 23.33 -9.11
CA GLY B 440 40.84 24.00 -7.93
C GLY B 440 40.45 23.04 -6.84
N GLU B 441 39.64 23.53 -5.87
CA GLU B 441 39.18 22.73 -4.75
C GLU B 441 38.12 21.71 -5.15
N GLY B 442 38.40 20.44 -4.84
CA GLY B 442 37.53 19.29 -5.09
C GLY B 442 37.02 19.18 -6.51
N GLN B 443 37.94 19.47 -7.46
CA GLN B 443 37.69 19.41 -8.89
C GLN B 443 38.98 19.02 -9.63
N TRP B 444 38.84 18.22 -10.70
CA TRP B 444 39.95 17.80 -11.56
C TRP B 444 39.55 17.79 -13.03
N SER B 445 40.54 17.90 -13.91
CA SER B 445 40.38 17.72 -15.34
C SER B 445 41.02 16.36 -15.61
N VAL B 446 40.22 15.40 -16.10
CA VAL B 446 40.74 14.07 -16.34
C VAL B 446 40.71 13.73 -17.84
N GLY B 447 41.82 13.20 -18.32
CA GLY B 447 42.02 12.78 -19.71
C GLY B 447 41.95 11.26 -19.88
N VAL B 448 41.31 10.84 -20.94
CA VAL B 448 41.05 9.44 -21.27
C VAL B 448 42.16 8.79 -22.13
N PRO B 449 42.74 7.68 -21.67
CA PRO B 449 43.76 6.99 -22.49
C PRO B 449 43.18 6.33 -23.77
N SER B 450 44.04 6.19 -24.81
CA SER B 450 43.76 5.70 -26.16
C SER B 450 43.16 4.30 -26.25
N HIS B 451 43.22 3.50 -25.17
CA HIS B 451 42.70 2.12 -25.13
C HIS B 451 41.29 2.05 -24.57
N ARG B 452 40.82 3.14 -23.97
CA ARG B 452 39.51 3.17 -23.34
C ARG B 452 38.45 3.86 -24.18
N PHE B 453 37.42 3.08 -24.58
CA PHE B 453 36.37 3.57 -25.46
C PHE B 453 35.02 3.78 -24.76
N ASP B 454 34.96 3.46 -23.44
CA ASP B 454 33.77 3.60 -22.62
C ASP B 454 33.78 4.82 -21.68
N ILE B 455 34.84 5.65 -21.72
CA ILE B 455 34.92 6.79 -20.80
C ILE B 455 34.80 8.14 -21.52
N SER B 456 33.68 8.83 -21.31
CA SER B 456 33.47 10.13 -21.95
C SER B 456 32.80 11.13 -21.02
N LEU B 457 32.12 10.62 -19.95
CA LEU B 457 31.40 11.42 -18.96
C LEU B 457 31.94 11.28 -17.55
N GLU B 458 31.54 12.25 -16.69
CA GLU B 458 31.88 12.34 -15.28
C GLU B 458 31.39 11.11 -14.51
N VAL B 459 30.21 10.58 -14.88
CA VAL B 459 29.60 9.40 -14.24
C VAL B 459 30.44 8.12 -14.51
N ASP B 460 31.10 8.04 -15.70
CA ASP B 460 31.95 6.93 -16.08
C ASP B 460 33.16 6.91 -15.16
N LEU B 461 33.61 8.11 -14.72
CA LEU B 461 34.74 8.26 -13.80
C LEU B 461 34.34 7.79 -12.41
N ILE B 462 33.18 8.23 -11.94
CA ILE B 462 32.59 7.80 -10.67
C ILE B 462 32.43 6.27 -10.62
N GLU B 463 31.96 5.66 -11.73
CA GLU B 463 31.81 4.20 -11.91
C GLU B 463 33.17 3.51 -11.66
N GLU B 464 34.24 4.02 -12.31
CA GLU B 464 35.59 3.48 -12.15
C GLU B 464 36.01 3.48 -10.67
N LEU B 465 35.74 4.62 -9.97
CA LEU B 465 36.04 4.79 -8.55
C LEU B 465 35.28 3.80 -7.68
N ALA B 466 33.96 3.66 -7.89
CA ALA B 466 33.10 2.74 -7.15
C ALA B 466 33.57 1.30 -7.31
N ARG B 467 33.85 0.92 -8.56
CA ARG B 467 34.31 -0.39 -9.00
C ARG B 467 35.58 -0.82 -8.25
N LEU B 468 36.63 0.00 -8.31
CA LEU B 468 37.91 -0.28 -7.69
C LEU B 468 37.90 -0.08 -6.19
N TYR B 469 36.97 0.76 -5.67
CA TYR B 469 36.88 0.96 -4.22
C TYR B 469 36.29 -0.32 -3.62
N GLY B 470 35.25 -0.81 -4.27
CA GLY B 470 34.51 -2.00 -3.90
C GLY B 470 33.05 -1.69 -3.65
N TYR B 471 32.17 -2.10 -4.59
CA TYR B 471 30.71 -1.93 -4.53
C TYR B 471 30.14 -2.33 -3.16
N ASN B 472 30.61 -3.46 -2.61
CA ASN B 472 30.14 -3.97 -1.33
C ASN B 472 30.73 -3.22 -0.11
N ARG B 473 31.69 -2.31 -0.32
CA ARG B 473 32.28 -1.50 0.73
C ARG B 473 31.52 -0.17 0.86
N LEU B 474 30.69 0.15 -0.14
CA LEU B 474 29.91 1.38 -0.18
C LEU B 474 28.75 1.39 0.83
N PRO B 475 28.35 2.60 1.30
CA PRO B 475 27.23 2.68 2.25
C PRO B 475 25.86 2.26 1.69
N VAL B 476 24.90 2.09 2.60
CA VAL B 476 23.52 1.71 2.32
C VAL B 476 22.58 2.77 2.95
N ARG B 477 21.71 3.32 2.12
CA ARG B 477 20.77 4.36 2.51
C ARG B 477 19.42 4.00 1.83
N TYR B 478 18.30 4.58 2.30
CA TYR B 478 16.98 4.39 1.73
C TYR B 478 16.54 5.77 1.22
N PRO B 479 16.06 5.84 -0.04
CA PRO B 479 15.72 7.14 -0.61
C PRO B 479 14.59 7.90 0.09
N GLN B 480 14.83 9.21 0.28
CA GLN B 480 13.90 10.17 0.86
C GLN B 480 12.73 10.44 -0.10
N ALA B 481 11.53 10.67 0.48
CA ALA B 481 10.30 10.92 -0.27
C ALA B 481 9.28 11.75 0.50
N ARG B 482 8.79 12.81 -0.16
CA ARG B 482 7.73 13.72 0.32
C ARG B 482 6.46 13.04 -0.14
N LEU B 483 5.96 12.11 0.67
CA LEU B 483 4.77 11.35 0.32
C LEU B 483 3.47 11.89 0.93
N ALA B 484 2.42 11.92 0.10
CA ALA B 484 1.08 12.41 0.46
C ALA B 484 0.04 11.28 0.45
N PRO B 485 -0.93 11.27 1.40
CA PRO B 485 -1.97 10.23 1.36
C PRO B 485 -2.72 10.20 0.01
N ASN B 486 -2.97 8.99 -0.51
CA ASN B 486 -3.64 8.81 -1.79
C ASN B 486 -4.30 7.44 -1.90
N ASN B 487 -5.24 7.30 -2.83
CA ASN B 487 -5.95 6.06 -3.11
C ASN B 487 -6.69 6.14 -4.43
N LYS B 488 -6.99 4.96 -4.98
CA LYS B 488 -7.78 4.76 -6.20
C LYS B 488 -9.28 4.86 -5.78
N PRO B 489 -10.23 5.18 -6.72
CA PRO B 489 -11.66 5.22 -6.33
C PRO B 489 -12.17 3.92 -5.70
N GLU B 490 -13.13 4.07 -4.81
CA GLU B 490 -13.71 2.97 -4.04
C GLU B 490 -14.47 1.97 -4.91
N ALA B 491 -15.34 2.48 -5.81
CA ALA B 491 -16.23 1.67 -6.62
C ALA B 491 -15.62 1.17 -7.92
N ARG B 492 -14.67 0.25 -7.78
CA ARG B 492 -13.96 -0.37 -8.90
C ARG B 492 -13.54 -1.81 -8.60
N ALA B 493 -13.74 -2.70 -9.59
CA ALA B 493 -13.42 -4.12 -9.52
C ALA B 493 -12.08 -4.33 -10.24
N ALA B 494 -10.99 -4.32 -9.46
CA ALA B 494 -9.64 -4.52 -9.99
C ALA B 494 -9.43 -6.00 -10.31
N LEU B 495 -8.45 -6.31 -11.21
CA LEU B 495 -8.13 -7.69 -11.58
C LEU B 495 -7.64 -8.55 -10.38
N PRO B 496 -6.81 -8.05 -9.44
CA PRO B 496 -6.43 -8.92 -8.30
C PRO B 496 -7.63 -9.38 -7.46
N LEU B 497 -8.67 -8.55 -7.43
CA LEU B 497 -9.92 -8.77 -6.72
C LEU B 497 -10.73 -9.91 -7.35
N LEU B 498 -10.87 -9.83 -8.69
CA LEU B 498 -11.59 -10.74 -9.57
C LEU B 498 -10.96 -12.11 -9.63
N ARG B 499 -9.64 -12.15 -9.62
CA ARG B 499 -8.86 -13.39 -9.61
C ARG B 499 -9.19 -14.22 -8.37
N ARG B 500 -9.19 -13.52 -7.20
CA ARG B 500 -9.45 -14.14 -5.90
C ARG B 500 -10.87 -14.60 -5.79
N LEU B 501 -11.78 -13.86 -6.46
CA LEU B 501 -13.19 -14.20 -6.49
C LEU B 501 -13.33 -15.53 -7.24
N LEU B 502 -12.68 -15.62 -8.42
CA LEU B 502 -12.72 -16.84 -9.22
C LEU B 502 -12.08 -18.01 -8.48
N VAL B 503 -10.97 -17.74 -7.73
CA VAL B 503 -10.36 -18.76 -6.87
C VAL B 503 -11.43 -19.30 -5.89
N ALA B 504 -12.10 -18.40 -5.16
CA ALA B 504 -13.13 -18.76 -4.18
C ALA B 504 -14.30 -19.52 -4.82
N ARG B 505 -14.53 -19.24 -6.11
CA ARG B 505 -15.60 -19.82 -6.88
C ARG B 505 -15.21 -21.15 -7.53
N GLY B 506 -14.02 -21.65 -7.19
CA GLY B 506 -13.48 -22.95 -7.60
C GLY B 506 -12.69 -23.03 -8.87
N TYR B 507 -11.95 -21.96 -9.22
CA TYR B 507 -11.10 -21.88 -10.42
C TYR B 507 -9.63 -21.90 -10.12
N GLN B 508 -8.89 -22.50 -11.04
CA GLN B 508 -7.45 -22.62 -11.02
C GLN B 508 -6.90 -21.63 -12.06
N GLU B 509 -5.85 -20.91 -11.72
CA GLU B 509 -5.30 -19.93 -12.65
C GLU B 509 -4.26 -20.47 -13.59
N ALA B 510 -4.53 -20.37 -14.90
CA ALA B 510 -3.64 -20.75 -16.00
C ALA B 510 -2.96 -19.52 -16.63
N ILE B 511 -1.77 -19.70 -17.21
CA ILE B 511 -1.03 -18.69 -17.97
C ILE B 511 -0.58 -19.39 -19.28
N THR B 512 -1.12 -18.95 -20.42
CA THR B 512 -0.86 -19.56 -21.72
C THR B 512 -0.04 -18.60 -22.66
N PHE B 513 0.66 -19.18 -23.71
CA PHE B 513 1.45 -18.38 -24.67
C PHE B 513 0.55 -17.44 -25.48
N SER B 514 0.96 -16.17 -25.61
CA SER B 514 0.24 -15.10 -26.31
C SER B 514 0.18 -15.32 -27.80
N PHE B 515 1.15 -16.09 -28.34
CA PHE B 515 1.23 -16.49 -29.75
C PHE B 515 0.90 -17.95 -29.90
N ILE B 516 -0.06 -18.22 -30.76
CA ILE B 516 -0.61 -19.54 -30.99
C ILE B 516 -0.45 -19.98 -32.44
N ASP B 517 -0.89 -21.21 -32.71
CA ASP B 517 -0.84 -21.77 -34.03
C ASP B 517 -1.90 -21.07 -34.93
N PRO B 518 -1.50 -20.60 -36.15
CA PRO B 518 -2.47 -19.90 -37.01
C PRO B 518 -3.74 -20.72 -37.30
N ALA B 519 -3.57 -22.08 -37.35
CA ALA B 519 -4.67 -23.00 -37.59
C ALA B 519 -5.63 -23.02 -36.40
N LEU B 520 -5.09 -22.91 -35.16
CA LEU B 520 -5.92 -22.86 -33.95
C LEU B 520 -6.70 -21.54 -33.93
N PHE B 521 -6.00 -20.42 -34.25
CA PHE B 521 -6.53 -19.06 -34.37
C PHE B 521 -7.72 -19.04 -35.33
N GLU B 522 -7.57 -19.68 -36.48
CA GLU B 522 -8.59 -19.78 -37.51
C GLU B 522 -9.85 -20.51 -37.01
N LEU B 523 -9.68 -21.55 -36.16
CA LEU B 523 -10.79 -22.33 -35.60
C LEU B 523 -11.72 -21.46 -34.73
N PHE B 524 -11.11 -20.57 -33.90
CA PHE B 524 -11.84 -19.71 -32.97
C PHE B 524 -12.25 -18.37 -33.59
N ASP B 525 -11.45 -17.89 -34.56
CA ASP B 525 -11.66 -16.62 -35.24
C ASP B 525 -11.64 -16.80 -36.77
N PRO B 526 -12.68 -17.45 -37.37
CA PRO B 526 -12.69 -17.68 -38.83
C PRO B 526 -12.68 -16.38 -39.61
N GLY B 527 -11.93 -16.36 -40.69
CA GLY B 527 -11.86 -15.20 -41.56
C GLY B 527 -11.05 -14.00 -41.10
N THR B 528 -10.48 -14.05 -39.89
CA THR B 528 -9.69 -12.92 -39.42
C THR B 528 -8.24 -13.20 -39.64
N GLN B 529 -7.52 -12.20 -40.18
CA GLN B 529 -6.08 -12.29 -40.38
C GLN B 529 -5.43 -12.00 -39.02
N PRO B 530 -4.72 -12.97 -38.38
CA PRO B 530 -4.05 -12.65 -37.12
C PRO B 530 -2.88 -11.71 -37.33
N LEU B 531 -2.44 -11.05 -36.26
CA LEU B 531 -1.23 -10.24 -36.30
C LEU B 531 -0.11 -11.31 -36.18
N THR B 532 0.54 -11.60 -37.32
CA THR B 532 1.55 -12.65 -37.46
C THR B 532 2.96 -12.11 -37.32
N LEU B 533 3.77 -12.83 -36.53
CA LEU B 533 5.20 -12.56 -36.31
C LEU B 533 6.00 -12.81 -37.59
N ALA B 534 7.04 -11.98 -37.84
CA ALA B 534 7.94 -12.12 -38.99
C ALA B 534 8.97 -13.22 -38.72
N ASN B 535 9.49 -13.30 -37.46
CA ASN B 535 10.47 -14.32 -37.09
C ASN B 535 9.96 -15.23 -35.94
N PRO B 536 8.86 -16.00 -36.10
CA PRO B 536 8.38 -16.83 -34.97
C PRO B 536 9.37 -17.92 -34.59
N ILE B 537 9.36 -18.34 -33.31
CA ILE B 537 10.23 -19.37 -32.73
C ILE B 537 9.99 -20.70 -33.47
N SER B 538 8.70 -21.01 -33.74
CA SER B 538 8.22 -22.13 -34.55
C SER B 538 7.00 -21.61 -35.34
N ALA B 539 6.48 -22.39 -36.28
CA ALA B 539 5.32 -21.98 -37.08
C ALA B 539 4.00 -22.11 -36.30
N ASP B 540 3.99 -22.96 -35.26
CA ASP B 540 2.82 -23.17 -34.41
C ASP B 540 2.76 -22.14 -33.27
N MET B 541 3.58 -21.07 -33.39
CA MET B 541 3.68 -19.98 -32.42
C MET B 541 3.86 -18.66 -33.18
N ALA B 542 3.14 -18.57 -34.31
CA ALA B 542 3.21 -17.45 -35.26
C ALA B 542 2.11 -16.41 -35.15
N ALA B 543 0.93 -16.80 -34.61
CA ALA B 543 -0.22 -15.90 -34.53
C ALA B 543 -0.45 -15.27 -33.16
N MET B 544 -0.59 -13.92 -33.09
CA MET B 544 -0.93 -13.24 -31.84
C MET B 544 -2.40 -13.52 -31.62
N ARG B 545 -2.73 -14.01 -30.42
CA ARG B 545 -4.08 -14.32 -30.02
C ARG B 545 -5.01 -13.11 -30.02
N SER B 546 -6.26 -13.34 -30.43
CA SER B 546 -7.35 -12.36 -30.44
C SER B 546 -8.35 -12.77 -29.37
N SER B 547 -8.06 -13.90 -28.67
CA SER B 547 -8.87 -14.51 -27.61
C SER B 547 -7.98 -15.37 -26.72
N LEU B 548 -8.31 -15.47 -25.42
CA LEU B 548 -7.55 -16.31 -24.47
C LEU B 548 -8.10 -17.75 -24.52
N TRP B 549 -9.23 -17.91 -25.24
CA TRP B 549 -9.97 -19.15 -25.42
C TRP B 549 -9.18 -20.28 -26.06
N PRO B 550 -8.49 -20.10 -27.24
CA PRO B 550 -7.73 -21.22 -27.82
C PRO B 550 -6.70 -21.79 -26.82
N GLY B 551 -5.95 -20.90 -26.17
CA GLY B 551 -4.99 -21.25 -25.14
C GLY B 551 -5.61 -21.94 -23.93
N LEU B 552 -6.76 -21.41 -23.43
CA LEU B 552 -7.45 -22.02 -22.29
C LEU B 552 -7.99 -23.40 -22.61
N VAL B 553 -8.64 -23.55 -23.78
CA VAL B 553 -9.21 -24.80 -24.26
C VAL B 553 -8.09 -25.87 -24.39
N LYS B 554 -6.96 -25.43 -24.93
CA LYS B 554 -5.81 -26.29 -25.11
C LYS B 554 -5.26 -26.81 -23.75
N ALA B 555 -5.21 -25.93 -22.72
CA ALA B 555 -4.73 -26.29 -21.38
C ALA B 555 -5.73 -27.19 -20.71
N LEU B 556 -7.01 -27.00 -21.05
CA LEU B 556 -8.08 -27.79 -20.52
C LEU B 556 -7.95 -29.20 -21.07
N GLN B 557 -7.75 -29.35 -22.40
CA GLN B 557 -7.62 -30.71 -22.95
C GLN B 557 -6.27 -31.35 -22.59
N HIS B 558 -5.22 -30.55 -22.35
CA HIS B 558 -3.93 -31.07 -21.85
C HIS B 558 -4.17 -31.88 -20.56
N ASN B 559 -5.02 -31.32 -19.67
CA ASN B 559 -5.42 -31.91 -18.40
C ASN B 559 -6.34 -33.11 -18.54
N LEU B 560 -7.34 -33.00 -19.42
CA LEU B 560 -8.28 -34.06 -19.72
C LEU B 560 -7.53 -35.35 -20.13
N ASN B 561 -6.50 -35.18 -20.97
CA ASN B 561 -5.61 -36.24 -21.43
C ASN B 561 -4.69 -36.76 -20.33
N ARG B 562 -4.59 -36.02 -19.20
CA ARG B 562 -3.76 -36.36 -18.05
C ARG B 562 -4.58 -36.86 -16.85
N GLN B 563 -5.68 -37.61 -17.15
CA GLN B 563 -6.56 -38.20 -16.14
C GLN B 563 -7.25 -37.16 -15.24
N GLN B 564 -7.75 -36.05 -15.82
CA GLN B 564 -8.50 -35.03 -15.09
C GLN B 564 -9.92 -35.01 -15.66
N SER B 565 -10.95 -34.96 -14.80
CA SER B 565 -12.35 -34.94 -15.24
C SER B 565 -12.94 -33.54 -15.14
N ARG B 566 -12.68 -32.85 -14.00
CA ARG B 566 -13.20 -31.53 -13.68
C ARG B 566 -12.08 -30.55 -13.84
N VAL B 567 -12.13 -29.77 -14.92
CA VAL B 567 -11.10 -28.75 -15.22
C VAL B 567 -11.77 -27.38 -15.21
N ARG B 568 -11.38 -26.52 -14.25
CA ARG B 568 -11.93 -25.17 -14.09
C ARG B 568 -10.77 -24.20 -14.09
N LEU B 569 -10.55 -23.54 -15.22
CA LEU B 569 -9.41 -22.62 -15.42
C LEU B 569 -9.80 -21.22 -15.80
N PHE B 570 -8.97 -20.25 -15.40
CA PHE B 570 -9.13 -18.87 -15.83
C PHE B 570 -7.78 -18.24 -16.15
N GLU B 571 -7.78 -17.29 -17.07
CA GLU B 571 -6.59 -16.55 -17.46
C GLU B 571 -6.98 -15.10 -17.67
N SER B 572 -5.99 -14.24 -17.46
CA SER B 572 -6.08 -12.80 -17.64
C SER B 572 -4.88 -12.41 -18.51
N GLY B 573 -5.11 -11.52 -19.46
CA GLY B 573 -4.05 -11.06 -20.33
C GLY B 573 -4.57 -10.32 -21.55
N LEU B 574 -3.63 -9.83 -22.37
CA LEU B 574 -3.93 -9.05 -23.55
C LEU B 574 -4.43 -9.87 -24.74
N ARG B 575 -5.30 -9.21 -25.54
CA ARG B 575 -5.69 -9.72 -26.85
C ARG B 575 -5.18 -8.75 -27.89
N PHE B 576 -4.88 -9.28 -29.06
CA PHE B 576 -4.31 -8.50 -30.12
C PHE B 576 -5.32 -8.51 -31.24
N VAL B 577 -5.92 -7.32 -31.51
CA VAL B 577 -6.99 -7.20 -32.50
C VAL B 577 -6.68 -6.14 -33.58
N GLY B 578 -6.53 -6.64 -34.81
CA GLY B 578 -6.27 -5.84 -35.99
C GLY B 578 -4.84 -5.96 -36.44
N GLN B 579 -4.49 -5.26 -37.51
CA GLN B 579 -3.10 -5.26 -37.97
C GLN B 579 -2.45 -4.06 -37.30
N LEU B 580 -1.11 -3.93 -37.38
CA LEU B 580 -0.36 -2.85 -36.68
C LEU B 580 -1.05 -1.46 -36.72
N GLU B 581 -1.53 -1.09 -37.89
CA GLU B 581 -2.28 0.14 -38.11
C GLU B 581 -3.71 -0.07 -37.59
N GLY B 582 -3.91 0.30 -36.33
CA GLY B 582 -5.21 0.19 -35.68
C GLY B 582 -5.31 -0.90 -34.62
N LEU B 583 -4.14 -1.55 -34.33
CA LEU B 583 -4.03 -2.63 -33.36
C LEU B 583 -4.57 -2.23 -31.98
N LYS B 584 -5.43 -3.09 -31.41
CA LYS B 584 -6.02 -2.91 -30.10
C LYS B 584 -5.41 -3.99 -29.24
N GLN B 585 -4.84 -3.58 -28.09
CA GLN B 585 -4.23 -4.51 -27.14
C GLN B 585 -5.02 -4.36 -25.85
N GLU B 586 -6.10 -5.14 -25.73
CA GLU B 586 -7.02 -5.07 -24.60
C GLU B 586 -6.85 -6.20 -23.59
N ALA B 587 -6.91 -5.85 -22.29
CA ALA B 587 -6.81 -6.84 -21.21
C ALA B 587 -8.15 -7.54 -21.06
N MET B 588 -8.09 -8.87 -21.01
CA MET B 588 -9.25 -9.77 -20.93
C MET B 588 -9.16 -10.68 -19.75
N LEU B 589 -10.33 -11.11 -19.28
CA LEU B 589 -10.45 -12.12 -18.24
C LEU B 589 -11.35 -13.15 -18.87
N ALA B 590 -10.79 -14.33 -19.05
CA ALA B 590 -11.49 -15.45 -19.67
C ALA B 590 -11.44 -16.64 -18.74
N GLY B 591 -12.44 -17.53 -18.91
CA GLY B 591 -12.56 -18.75 -18.12
C GLY B 591 -13.11 -19.89 -18.94
N ALA B 592 -12.73 -21.12 -18.58
CA ALA B 592 -13.15 -22.36 -19.25
C ALA B 592 -13.42 -23.46 -18.23
N ILE B 593 -14.58 -24.11 -18.33
CA ILE B 593 -14.95 -25.18 -17.40
C ILE B 593 -15.50 -26.43 -18.10
N CYS B 594 -15.31 -27.59 -17.45
CA CYS B 594 -15.83 -28.89 -17.87
C CYS B 594 -15.90 -29.85 -16.67
N GLY B 595 -16.61 -30.96 -16.88
CA GLY B 595 -16.77 -32.00 -15.87
C GLY B 595 -17.97 -31.80 -14.97
N LYS B 596 -18.00 -32.53 -13.85
CA LYS B 596 -19.09 -32.42 -12.88
C LYS B 596 -19.18 -31.01 -12.31
N ARG B 597 -20.40 -30.57 -12.00
CA ARG B 597 -20.67 -29.24 -11.43
C ARG B 597 -19.88 -29.07 -10.12
N LEU B 598 -19.84 -30.16 -9.33
CA LEU B 598 -19.19 -30.22 -8.02
C LEU B 598 -18.10 -31.25 -7.97
N PRO B 599 -17.12 -31.09 -7.03
CA PRO B 599 -16.09 -32.13 -6.87
C PRO B 599 -16.72 -33.42 -6.31
N GLU B 600 -16.05 -34.58 -6.50
CA GLU B 600 -16.56 -35.87 -5.98
C GLU B 600 -16.58 -35.82 -4.44
N GLY B 601 -17.76 -36.06 -3.88
CA GLY B 601 -17.97 -36.05 -2.44
C GLY B 601 -19.30 -36.65 -2.04
N TRP B 602 -19.34 -37.25 -0.83
CA TRP B 602 -20.51 -37.92 -0.26
C TRP B 602 -21.78 -37.07 -0.22
N ALA B 603 -21.62 -35.75 -0.02
CA ALA B 603 -22.64 -34.73 0.18
C ALA B 603 -23.02 -33.99 -1.12
N ASN B 604 -22.28 -34.25 -2.20
CA ASN B 604 -22.43 -33.57 -3.49
C ASN B 604 -23.14 -34.38 -4.60
N GLY B 605 -24.06 -33.69 -5.29
CA GLY B 605 -24.80 -34.21 -6.43
C GLY B 605 -23.88 -34.46 -7.58
N ARG B 606 -24.13 -35.54 -8.34
CA ARG B 606 -23.27 -35.98 -9.44
C ARG B 606 -23.61 -35.35 -10.81
N ASP B 607 -24.32 -34.20 -10.80
CA ASP B 607 -24.70 -33.47 -12.01
C ASP B 607 -23.48 -32.84 -12.67
N GLY B 608 -23.48 -32.83 -14.01
CA GLY B 608 -22.42 -32.23 -14.79
C GLY B 608 -22.62 -30.74 -14.92
N VAL B 609 -21.51 -29.96 -15.05
CA VAL B 609 -21.55 -28.51 -15.24
C VAL B 609 -22.33 -28.16 -16.51
N ASP B 610 -23.01 -27.01 -16.49
CA ASP B 610 -23.75 -26.50 -17.62
C ASP B 610 -23.60 -24.99 -17.73
N PHE B 611 -24.27 -24.37 -18.74
CA PHE B 611 -24.26 -22.95 -19.06
C PHE B 611 -24.50 -22.07 -17.83
N PHE B 612 -25.51 -22.41 -17.03
CA PHE B 612 -25.96 -21.63 -15.87
C PHE B 612 -24.97 -21.64 -14.71
N ASP B 613 -24.01 -22.57 -14.73
CA ASP B 613 -22.94 -22.64 -13.74
C ASP B 613 -21.89 -21.61 -14.05
N ALA B 614 -21.53 -21.54 -15.33
CA ALA B 614 -20.62 -20.53 -15.89
C ALA B 614 -21.29 -19.14 -15.77
N LYS B 615 -22.65 -19.07 -16.03
CA LYS B 615 -23.39 -17.83 -15.91
C LYS B 615 -23.24 -17.19 -14.54
N ALA B 616 -23.37 -18.01 -13.46
CA ALA B 616 -23.25 -17.54 -12.07
C ALA B 616 -21.88 -16.95 -11.80
N ASP B 617 -20.85 -17.57 -12.40
CA ASP B 617 -19.46 -17.13 -12.27
C ASP B 617 -19.29 -15.77 -12.91
N VAL B 618 -19.88 -15.56 -14.12
CA VAL B 618 -19.84 -14.27 -14.82
C VAL B 618 -20.62 -13.22 -14.00
N GLU B 619 -21.82 -13.61 -13.52
CA GLU B 619 -22.66 -12.74 -12.70
C GLU B 619 -21.88 -12.24 -11.48
N ALA B 620 -21.25 -13.16 -10.71
CA ALA B 620 -20.46 -12.84 -9.53
C ALA B 620 -19.35 -11.82 -9.83
N VAL B 621 -18.67 -11.96 -11.00
CA VAL B 621 -17.62 -11.06 -11.45
C VAL B 621 -18.24 -9.72 -11.79
N LEU B 622 -19.29 -9.72 -12.62
CA LEU B 622 -20.01 -8.52 -13.05
C LEU B 622 -20.63 -7.71 -11.90
N ALA B 623 -20.84 -8.33 -10.72
CA ALA B 623 -21.45 -7.68 -9.54
C ALA B 623 -20.41 -7.19 -8.53
N SER B 624 -19.12 -7.51 -8.74
CA SER B 624 -17.97 -7.19 -7.88
C SER B 624 -17.80 -5.73 -7.47
N ALA B 625 -18.35 -4.78 -8.27
CA ALA B 625 -18.22 -3.37 -7.95
C ALA B 625 -19.57 -2.67 -7.89
N GLY B 626 -20.58 -3.44 -7.47
CA GLY B 626 -21.97 -3.00 -7.31
C GLY B 626 -22.58 -2.35 -8.53
N ALA B 627 -22.39 -2.97 -9.71
CA ALA B 627 -22.89 -2.46 -10.98
C ALA B 627 -23.52 -3.57 -11.86
N LEU B 628 -23.88 -4.73 -11.24
CA LEU B 628 -24.50 -5.86 -11.96
C LEU B 628 -25.68 -5.47 -12.89
N GLY B 629 -26.49 -4.52 -12.42
CA GLY B 629 -27.64 -4.01 -13.14
C GLY B 629 -27.31 -3.33 -14.45
N ASP B 630 -26.06 -2.78 -14.56
CA ASP B 630 -25.54 -2.11 -15.74
C ASP B 630 -25.31 -3.05 -16.91
N PHE B 631 -25.22 -4.36 -16.63
CA PHE B 631 -24.98 -5.42 -17.60
C PHE B 631 -26.24 -6.18 -17.97
N SER B 632 -26.27 -6.65 -19.22
CA SER B 632 -27.33 -7.46 -19.80
C SER B 632 -26.75 -8.59 -20.64
N PHE B 633 -27.36 -9.77 -20.49
CA PHE B 633 -27.02 -10.99 -21.22
C PHE B 633 -28.10 -11.10 -22.27
N VAL B 634 -27.75 -10.85 -23.53
CA VAL B 634 -28.68 -10.93 -24.66
C VAL B 634 -28.32 -12.15 -25.53
N PRO B 635 -29.32 -12.92 -26.05
CA PRO B 635 -28.99 -14.05 -26.94
C PRO B 635 -28.17 -13.58 -28.13
N GLY B 636 -26.95 -14.08 -28.22
CA GLY B 636 -26.02 -13.74 -29.29
C GLY B 636 -25.40 -14.94 -29.99
N GLU B 637 -24.45 -14.66 -30.90
CA GLU B 637 -23.75 -15.72 -31.63
C GLU B 637 -22.27 -15.41 -31.78
N HIS B 638 -21.46 -16.48 -31.67
CA HIS B 638 -20.02 -16.43 -31.77
C HIS B 638 -19.55 -17.68 -32.51
N PRO B 639 -18.61 -17.56 -33.48
CA PRO B 639 -18.16 -18.74 -34.25
C PRO B 639 -17.57 -19.89 -33.45
N ALA B 640 -16.97 -19.62 -32.28
CA ALA B 640 -16.37 -20.66 -31.45
C ALA B 640 -17.39 -21.30 -30.52
N LEU B 641 -18.61 -20.72 -30.46
CA LEU B 641 -19.64 -21.17 -29.54
C LEU B 641 -20.91 -21.74 -30.17
N HIS B 642 -21.57 -22.61 -29.39
CA HIS B 642 -22.86 -23.23 -29.71
C HIS B 642 -23.92 -22.11 -29.89
N PRO B 643 -24.49 -21.93 -31.12
CA PRO B 643 -25.49 -20.86 -31.34
C PRO B 643 -26.76 -20.92 -30.51
N GLY B 644 -27.07 -22.10 -29.99
CA GLY B 644 -28.24 -22.30 -29.13
C GLY B 644 -27.97 -22.04 -27.66
N GLN B 645 -26.68 -21.95 -27.27
CA GLN B 645 -26.25 -21.73 -25.89
C GLN B 645 -25.15 -20.66 -25.79
N THR B 646 -25.39 -19.47 -26.40
CA THR B 646 -24.46 -18.31 -26.40
C THR B 646 -25.13 -17.00 -25.98
N ALA B 647 -24.51 -16.31 -25.02
CA ALA B 647 -24.97 -15.00 -24.54
C ALA B 647 -23.94 -13.94 -24.85
N ARG B 648 -24.40 -12.86 -25.50
CA ARG B 648 -23.62 -11.66 -25.80
C ARG B 648 -23.85 -10.77 -24.55
N ILE B 649 -22.75 -10.34 -23.89
CA ILE B 649 -22.81 -9.52 -22.67
C ILE B 649 -22.58 -8.05 -23.02
N GLU B 650 -23.52 -7.19 -22.58
CA GLU B 650 -23.43 -5.76 -22.90
C GLU B 650 -23.60 -4.84 -21.71
N ARG B 651 -23.09 -3.61 -21.85
CA ARG B 651 -23.15 -2.53 -20.87
C ARG B 651 -23.35 -1.26 -21.68
N GLU B 652 -24.54 -0.62 -21.55
CA GLU B 652 -24.92 0.58 -22.31
C GLU B 652 -24.84 0.34 -23.84
N GLY B 653 -25.20 -0.89 -24.24
CA GLY B 653 -25.15 -1.33 -25.63
C GLY B 653 -23.77 -1.74 -26.10
N ARG B 654 -22.70 -1.33 -25.37
CA ARG B 654 -21.30 -1.68 -25.70
C ARG B 654 -21.04 -3.14 -25.38
N LEU B 655 -20.18 -3.80 -26.17
CA LEU B 655 -19.87 -5.22 -25.95
C LEU B 655 -18.84 -5.44 -24.84
N VAL B 656 -19.24 -6.21 -23.82
CA VAL B 656 -18.38 -6.62 -22.69
C VAL B 656 -17.66 -7.94 -23.07
N GLY B 657 -18.41 -8.85 -23.66
CA GLY B 657 -17.87 -10.12 -24.09
C GLY B 657 -18.94 -11.14 -24.38
N TYR B 658 -18.56 -12.41 -24.31
CA TYR B 658 -19.41 -13.57 -24.60
C TYR B 658 -19.30 -14.65 -23.53
N LEU B 659 -20.36 -15.41 -23.41
CA LEU B 659 -20.49 -16.56 -22.53
C LEU B 659 -21.23 -17.63 -23.31
N GLY B 660 -20.71 -18.85 -23.30
CA GLY B 660 -21.38 -19.95 -23.99
C GLY B 660 -20.69 -21.29 -23.95
N ALA B 661 -21.36 -22.29 -24.50
CA ALA B 661 -20.82 -23.63 -24.63
C ALA B 661 -19.94 -23.66 -25.89
N LEU B 662 -18.76 -24.28 -25.80
CA LEU B 662 -17.88 -24.44 -26.94
C LEU B 662 -18.64 -25.23 -27.99
N HIS B 663 -18.65 -24.71 -29.24
CA HIS B 663 -19.32 -25.28 -30.40
C HIS B 663 -19.01 -26.76 -30.56
N PRO B 664 -20.04 -27.62 -30.70
CA PRO B 664 -19.78 -29.06 -30.83
C PRO B 664 -18.87 -29.42 -32.01
N GLU B 665 -18.94 -28.65 -33.12
CA GLU B 665 -18.10 -28.87 -34.29
C GLU B 665 -16.63 -28.58 -34.02
N LEU B 666 -16.34 -27.55 -33.18
CA LEU B 666 -14.98 -27.18 -32.75
C LEU B 666 -14.43 -28.26 -31.86
N ALA B 667 -15.27 -28.79 -30.95
CA ALA B 667 -14.92 -29.88 -30.05
C ALA B 667 -14.51 -31.11 -30.87
N LYS B 668 -15.35 -31.51 -31.86
CA LYS B 668 -15.09 -32.65 -32.76
C LYS B 668 -13.65 -32.56 -33.26
N LYS B 669 -13.34 -31.40 -33.92
CA LYS B 669 -12.07 -31.02 -34.53
C LYS B 669 -10.89 -31.06 -33.59
N LEU B 670 -11.12 -30.83 -32.30
CA LEU B 670 -10.07 -30.81 -31.28
C LEU B 670 -10.01 -32.13 -30.53
N ASP B 671 -10.93 -33.07 -30.84
CA ASP B 671 -11.07 -34.37 -30.18
C ASP B 671 -11.32 -34.16 -28.68
N LEU B 672 -12.38 -33.43 -28.43
CA LEU B 672 -12.88 -33.13 -27.10
C LEU B 672 -14.29 -33.73 -27.07
N GLU B 673 -14.51 -34.73 -26.19
CA GLU B 673 -15.81 -35.42 -26.10
C GLU B 673 -16.72 -34.85 -25.00
N GLN B 674 -16.16 -34.03 -24.10
CA GLN B 674 -16.91 -33.43 -23.00
C GLN B 674 -17.46 -32.03 -23.32
N PRO B 675 -18.68 -31.64 -22.83
CA PRO B 675 -19.12 -30.25 -23.02
C PRO B 675 -18.21 -29.28 -22.24
N VAL B 676 -17.83 -28.15 -22.88
CA VAL B 676 -16.94 -27.11 -22.29
C VAL B 676 -17.66 -25.75 -22.33
N PHE B 677 -17.57 -24.99 -21.21
CA PHE B 677 -18.21 -23.70 -21.10
C PHE B 677 -17.16 -22.61 -20.95
N LEU B 678 -17.23 -21.64 -21.88
CA LEU B 678 -16.31 -20.52 -21.99
C LEU B 678 -16.95 -19.18 -21.70
N PHE B 679 -16.15 -18.24 -21.20
CA PHE B 679 -16.54 -16.86 -21.04
C PHE B 679 -15.31 -16.02 -21.24
N GLU B 680 -15.48 -14.78 -21.74
CA GLU B 680 -14.39 -13.84 -21.96
C GLU B 680 -14.97 -12.46 -21.78
N LEU B 681 -14.30 -11.65 -20.93
CA LEU B 681 -14.75 -10.31 -20.60
C LEU B 681 -13.66 -9.32 -20.82
N LEU B 682 -14.04 -8.16 -21.42
CA LEU B 682 -13.16 -7.01 -21.68
C LEU B 682 -13.08 -6.31 -20.34
N LEU B 683 -11.93 -6.43 -19.63
CA LEU B 683 -11.76 -5.84 -18.29
C LEU B 683 -12.08 -4.35 -18.20
N ALA B 684 -11.78 -3.56 -19.25
CA ALA B 684 -12.11 -2.13 -19.28
C ALA B 684 -13.57 -1.82 -19.00
N GLU B 685 -14.50 -2.72 -19.40
CA GLU B 685 -15.96 -2.60 -19.22
C GLU B 685 -16.48 -3.22 -17.93
N VAL B 686 -15.61 -3.83 -17.11
CA VAL B 686 -15.98 -4.52 -15.87
C VAL B 686 -15.50 -3.75 -14.63
N VAL B 687 -14.33 -3.11 -14.74
CA VAL B 687 -13.68 -2.41 -13.63
C VAL B 687 -14.56 -1.31 -12.98
N ASP B 688 -15.31 -0.49 -13.77
CA ASP B 688 -16.12 0.56 -13.14
C ASP B 688 -17.43 0.06 -12.53
N GLY B 689 -17.73 0.61 -11.37
CA GLY B 689 -18.93 0.29 -10.62
C GLY B 689 -19.57 1.54 -10.09
N HIS B 690 -20.40 1.39 -9.06
CA HIS B 690 -21.06 2.52 -8.42
C HIS B 690 -20.97 2.45 -6.94
N LEU B 691 -20.79 3.62 -6.32
CA LEU B 691 -20.72 3.79 -4.87
C LEU B 691 -22.14 3.64 -4.29
N PRO B 692 -22.30 2.95 -3.13
CA PRO B 692 -23.63 2.82 -2.52
C PRO B 692 -24.28 4.18 -2.23
N LYS B 693 -25.57 4.29 -2.63
CA LYS B 693 -26.45 5.44 -2.43
C LYS B 693 -27.57 4.93 -1.54
N PHE B 694 -27.49 5.24 -0.25
CA PHE B 694 -28.43 4.75 0.74
C PHE B 694 -29.89 5.12 0.42
N ARG B 695 -30.77 4.12 0.56
CA ARG B 695 -32.21 4.21 0.37
C ARG B 695 -32.85 3.81 1.72
N GLU B 696 -33.66 4.72 2.29
CA GLU B 696 -34.34 4.57 3.60
C GLU B 696 -35.12 3.26 3.75
N LEU B 697 -35.00 2.64 4.96
CA LEU B 697 -35.62 1.36 5.34
C LEU B 697 -37.00 1.55 5.98
N SER B 698 -38.00 0.88 5.39
CA SER B 698 -39.37 0.97 5.86
C SER B 698 -39.54 0.30 7.22
N ARG B 699 -40.41 0.88 8.09
CA ARG B 699 -40.75 0.34 9.40
C ARG B 699 -41.97 -0.57 9.24
N PHE B 700 -42.43 -0.73 8.00
CA PHE B 700 -43.65 -1.46 7.69
C PHE B 700 -43.45 -2.79 6.98
N PRO B 701 -44.43 -3.71 7.11
CA PRO B 701 -44.30 -5.02 6.46
C PRO B 701 -44.37 -4.98 4.94
N GLU B 702 -43.66 -5.95 4.34
CA GLU B 702 -43.67 -6.17 2.90
C GLU B 702 -44.81 -7.14 2.59
N VAL B 703 -45.27 -7.11 1.35
CA VAL B 703 -46.35 -7.94 0.84
C VAL B 703 -45.86 -8.67 -0.42
N ARG B 704 -46.07 -9.99 -0.45
CA ARG B 704 -45.64 -10.84 -1.55
C ARG B 704 -46.85 -11.46 -2.25
N ARG B 705 -46.75 -11.60 -3.57
CA ARG B 705 -47.73 -12.25 -4.43
C ARG B 705 -46.95 -13.12 -5.41
N ASP B 706 -47.48 -14.32 -5.70
CA ASP B 706 -46.86 -15.25 -6.63
C ASP B 706 -47.68 -15.34 -7.91
N LEU B 707 -47.00 -15.33 -9.06
CA LEU B 707 -47.65 -15.42 -10.37
C LEU B 707 -47.06 -16.56 -11.17
N ALA B 708 -47.93 -17.41 -11.74
CA ALA B 708 -47.54 -18.52 -12.61
C ALA B 708 -47.92 -18.09 -14.03
N LEU B 709 -46.91 -17.87 -14.90
CA LEU B 709 -47.16 -17.32 -16.23
C LEU B 709 -46.84 -18.24 -17.40
N LEU B 710 -47.88 -18.56 -18.19
CA LEU B 710 -47.82 -19.36 -19.41
C LEU B 710 -47.42 -18.43 -20.57
N VAL B 711 -46.26 -18.69 -21.18
CA VAL B 711 -45.69 -17.90 -22.28
C VAL B 711 -45.11 -18.81 -23.35
N ASP B 712 -44.90 -18.30 -24.59
CA ASP B 712 -44.30 -19.09 -25.66
C ASP B 712 -42.91 -19.54 -25.21
N GLN B 713 -42.59 -20.83 -25.41
CA GLN B 713 -41.34 -21.46 -25.01
C GLN B 713 -40.07 -20.66 -25.39
N ASP B 714 -40.13 -19.90 -26.51
CA ASP B 714 -39.00 -19.12 -27.02
C ASP B 714 -38.91 -17.65 -26.53
N VAL B 715 -39.94 -17.14 -25.84
CA VAL B 715 -39.85 -15.77 -25.35
C VAL B 715 -38.85 -15.69 -24.14
N PRO B 716 -37.85 -14.78 -24.20
CA PRO B 716 -36.84 -14.72 -23.14
C PRO B 716 -37.37 -14.31 -21.77
N ALA B 717 -36.93 -15.01 -20.70
CA ALA B 717 -37.36 -14.74 -19.33
C ALA B 717 -37.07 -13.32 -18.85
N GLN B 718 -35.92 -12.74 -19.24
CA GLN B 718 -35.57 -11.38 -18.83
C GLN B 718 -36.48 -10.33 -19.48
N ASP B 719 -37.03 -10.63 -20.66
CA ASP B 719 -37.97 -9.74 -21.34
C ASP B 719 -39.27 -9.65 -20.53
N ILE B 720 -39.69 -10.76 -19.91
CA ILE B 720 -40.89 -10.81 -19.08
C ILE B 720 -40.61 -10.11 -17.77
N LEU B 721 -39.48 -10.45 -17.10
CA LEU B 721 -39.10 -9.85 -15.81
C LEU B 721 -38.97 -8.32 -15.89
N THR B 722 -38.50 -7.82 -17.04
CA THR B 722 -38.36 -6.38 -17.30
C THR B 722 -39.76 -5.74 -17.44
N GLN B 723 -40.68 -6.42 -18.15
CA GLN B 723 -42.04 -5.92 -18.31
C GLN B 723 -42.79 -5.85 -17.00
N ILE B 724 -42.58 -6.87 -16.15
CA ILE B 724 -43.15 -6.94 -14.80
C ILE B 724 -42.69 -5.74 -13.98
N ARG B 725 -41.36 -5.46 -13.92
CA ARG B 725 -40.81 -4.33 -13.15
C ARG B 725 -41.40 -3.00 -13.58
N ALA B 726 -41.57 -2.82 -14.91
CA ALA B 726 -42.12 -1.63 -15.53
C ALA B 726 -43.61 -1.40 -15.16
N ALA B 727 -44.36 -2.49 -14.90
CA ALA B 727 -45.79 -2.47 -14.57
C ALA B 727 -46.11 -2.64 -13.06
N ALA B 728 -45.10 -2.90 -12.22
CA ALA B 728 -45.26 -3.14 -10.77
C ALA B 728 -45.43 -1.89 -9.88
N GLY B 729 -45.29 -0.70 -10.45
CA GLY B 729 -45.37 0.53 -9.66
C GLY B 729 -44.11 0.83 -8.88
N GLU B 730 -44.20 1.77 -7.95
CA GLU B 730 -43.09 2.33 -7.16
C GLU B 730 -42.66 1.53 -5.95
N TRP B 731 -43.52 0.62 -5.44
CA TRP B 731 -43.23 -0.05 -4.18
C TRP B 731 -42.60 -1.46 -4.28
N LEU B 732 -42.38 -1.98 -5.51
CA LEU B 732 -41.75 -3.30 -5.70
C LEU B 732 -40.30 -3.34 -5.18
N THR B 733 -40.02 -4.18 -4.16
CA THR B 733 -38.71 -4.29 -3.52
C THR B 733 -37.91 -5.50 -3.97
N ASP B 734 -38.59 -6.51 -4.57
CA ASP B 734 -37.98 -7.74 -5.05
C ASP B 734 -38.85 -8.49 -6.04
N LEU B 735 -38.20 -9.06 -7.08
CA LEU B 735 -38.81 -9.91 -8.11
C LEU B 735 -37.89 -11.12 -8.29
N ARG B 736 -38.46 -12.32 -8.09
CA ARG B 736 -37.73 -13.58 -8.13
C ARG B 736 -38.41 -14.60 -9.05
N LEU B 737 -37.63 -15.20 -9.98
CA LEU B 737 -38.15 -16.29 -10.79
C LEU B 737 -37.71 -17.55 -10.01
N PHE B 738 -38.67 -18.19 -9.33
CA PHE B 738 -38.36 -19.34 -8.49
C PHE B 738 -38.54 -20.72 -9.16
N ASP B 739 -39.11 -20.75 -10.38
CA ASP B 739 -39.34 -21.99 -11.13
C ASP B 739 -39.71 -21.75 -12.61
N VAL B 740 -39.32 -22.70 -13.48
CA VAL B 740 -39.63 -22.74 -14.91
C VAL B 740 -40.16 -24.15 -15.23
N TYR B 741 -41.33 -24.24 -15.87
CA TYR B 741 -41.98 -25.51 -16.19
C TYR B 741 -42.24 -25.65 -17.69
N HIS B 742 -41.67 -26.68 -18.30
CA HIS B 742 -41.85 -26.99 -19.71
C HIS B 742 -42.18 -28.50 -19.81
N GLY B 743 -43.26 -28.89 -19.12
CA GLY B 743 -43.70 -30.28 -19.04
C GLY B 743 -45.00 -30.61 -19.72
N LYS B 744 -45.59 -31.75 -19.32
CA LYS B 744 -46.84 -32.33 -19.84
C LYS B 744 -48.11 -31.58 -19.40
N GLY B 745 -48.08 -30.96 -18.21
CA GLY B 745 -49.20 -30.21 -17.66
C GLY B 745 -49.71 -29.04 -18.49
N ILE B 746 -48.93 -28.63 -19.51
CA ILE B 746 -49.21 -27.51 -20.43
C ILE B 746 -48.78 -27.82 -21.88
N ASP B 747 -49.14 -26.93 -22.84
CA ASP B 747 -48.83 -27.02 -24.28
C ASP B 747 -47.31 -27.25 -24.54
N PRO B 748 -46.91 -28.07 -25.55
CA PRO B 748 -45.47 -28.33 -25.76
C PRO B 748 -44.65 -27.14 -26.29
N HIS B 749 -45.34 -26.08 -26.79
CA HIS B 749 -44.70 -24.86 -27.31
C HIS B 749 -44.77 -23.72 -26.30
N ARG B 750 -45.21 -24.02 -25.07
CA ARG B 750 -45.32 -23.03 -24.00
C ARG B 750 -44.47 -23.42 -22.77
N LYS B 751 -44.33 -22.48 -21.81
CA LYS B 751 -43.61 -22.64 -20.56
C LYS B 751 -44.28 -21.83 -19.44
N SER B 752 -44.24 -22.37 -18.20
CA SER B 752 -44.80 -21.70 -17.03
C SER B 752 -43.65 -21.06 -16.25
N LEU B 753 -43.77 -19.76 -15.97
CA LEU B 753 -42.76 -19.02 -15.21
C LEU B 753 -43.34 -18.63 -13.89
N ALA B 754 -42.90 -19.31 -12.82
CA ALA B 754 -43.35 -19.02 -11.47
C ALA B 754 -42.48 -17.89 -10.89
N VAL B 755 -43.11 -16.74 -10.65
CA VAL B 755 -42.46 -15.52 -10.15
C VAL B 755 -43.05 -15.04 -8.82
N GLY B 756 -42.17 -14.53 -7.98
CA GLY B 756 -42.48 -13.99 -6.67
C GLY B 756 -42.23 -12.50 -6.70
N LEU B 757 -43.28 -11.74 -6.37
CA LEU B 757 -43.28 -10.28 -6.39
C LEU B 757 -43.47 -9.77 -4.99
N THR B 758 -42.51 -8.96 -4.49
CA THR B 758 -42.52 -8.37 -3.16
C THR B 758 -42.61 -6.86 -3.27
N TRP B 759 -43.50 -6.23 -2.47
CA TRP B 759 -43.69 -4.77 -2.40
C TRP B 759 -43.60 -4.31 -0.95
N GLN B 760 -43.01 -3.13 -0.72
CA GLN B 760 -42.92 -2.52 0.62
C GLN B 760 -43.05 -1.01 0.45
N HIS B 761 -44.04 -0.41 1.12
CA HIS B 761 -44.25 1.04 1.10
C HIS B 761 -43.37 1.64 2.19
N PRO B 762 -42.66 2.77 1.94
CA PRO B 762 -41.75 3.29 2.98
C PRO B 762 -42.41 3.98 4.18
N SER B 763 -43.67 4.44 4.02
CA SER B 763 -44.35 5.21 5.06
C SER B 763 -45.63 4.59 5.64
N ARG B 764 -46.02 3.38 5.22
CA ARG B 764 -47.24 2.72 5.71
C ARG B 764 -47.33 1.25 5.28
N THR B 765 -48.41 0.59 5.69
CA THR B 765 -48.73 -0.79 5.32
C THR B 765 -49.48 -0.77 3.97
N LEU B 766 -49.29 -1.81 3.16
CA LEU B 766 -49.99 -1.93 1.88
C LEU B 766 -51.25 -2.74 2.05
N ASN B 767 -52.35 -2.28 1.45
CA ASN B 767 -53.65 -2.96 1.51
C ASN B 767 -53.80 -3.94 0.36
N ASP B 768 -54.64 -4.94 0.55
CA ASP B 768 -54.88 -6.00 -0.43
C ASP B 768 -55.48 -5.51 -1.74
N ASP B 769 -56.31 -4.47 -1.69
CA ASP B 769 -56.98 -3.91 -2.86
C ASP B 769 -55.99 -3.36 -3.86
N GLU B 770 -55.07 -2.50 -3.39
CA GLU B 770 -54.05 -1.87 -4.23
C GLU B 770 -53.04 -2.87 -4.79
N VAL B 771 -52.69 -3.89 -4.00
CA VAL B 771 -51.73 -4.92 -4.42
C VAL B 771 -52.35 -5.80 -5.52
N ASN B 772 -53.63 -6.20 -5.37
CA ASN B 772 -54.37 -6.98 -6.37
C ASN B 772 -54.55 -6.15 -7.64
N SER B 773 -54.72 -4.82 -7.46
CA SER B 773 -54.83 -3.84 -8.54
C SER B 773 -53.54 -3.83 -9.36
N THR B 774 -52.37 -3.61 -8.70
CA THR B 774 -51.03 -3.63 -9.29
C THR B 774 -50.75 -4.95 -10.00
N THR B 775 -51.13 -6.07 -9.35
CA THR B 775 -50.93 -7.43 -9.88
C THR B 775 -51.68 -7.57 -11.20
N GLN B 776 -52.96 -7.12 -11.26
CA GLN B 776 -53.75 -7.18 -12.49
C GLN B 776 -53.15 -6.32 -13.61
N ASN B 777 -52.60 -5.11 -13.28
CA ASN B 777 -51.97 -4.31 -14.33
C ASN B 777 -50.74 -5.00 -14.91
N ILE B 778 -49.94 -5.72 -14.07
CA ILE B 778 -48.78 -6.50 -14.52
C ILE B 778 -49.28 -7.53 -15.56
N VAL B 779 -50.29 -8.36 -15.17
CA VAL B 779 -50.89 -9.41 -16.00
C VAL B 779 -51.37 -8.86 -17.35
N THR B 780 -52.19 -7.79 -17.31
CA THR B 780 -52.77 -7.11 -18.46
C THR B 780 -51.67 -6.69 -19.44
N SER B 781 -50.56 -6.13 -18.90
CA SER B 781 -49.39 -5.69 -19.65
C SER B 781 -48.72 -6.86 -20.37
N LEU B 782 -48.64 -8.05 -19.70
CA LEU B 782 -48.04 -9.28 -20.24
C LEU B 782 -48.96 -9.96 -21.25
N GLU B 783 -50.29 -9.76 -21.13
CA GLU B 783 -51.28 -10.29 -22.06
C GLU B 783 -51.15 -9.52 -23.36
N GLU B 784 -50.99 -8.18 -23.29
CA GLU B 784 -50.85 -7.36 -24.49
C GLU B 784 -49.49 -7.43 -25.15
N ARG B 785 -48.40 -7.67 -24.37
CA ARG B 785 -47.04 -7.71 -24.93
C ARG B 785 -46.53 -9.10 -25.34
N PHE B 786 -47.00 -10.18 -24.68
CA PHE B 786 -46.51 -11.53 -24.94
C PHE B 786 -47.61 -12.58 -25.10
N ASN B 787 -48.89 -12.17 -24.99
CA ASN B 787 -50.06 -13.06 -25.04
C ASN B 787 -49.92 -14.15 -23.97
N ALA B 788 -49.57 -13.68 -22.76
CA ALA B 788 -49.36 -14.45 -21.55
C ALA B 788 -50.72 -14.81 -20.92
N THR B 789 -50.72 -15.87 -20.09
CA THR B 789 -51.90 -16.44 -19.41
C THR B 789 -51.50 -16.92 -18.02
N LEU B 790 -52.41 -16.78 -17.05
CA LEU B 790 -52.16 -17.30 -15.70
C LEU B 790 -52.44 -18.79 -15.71
N ARG B 791 -51.61 -19.56 -15.00
CA ARG B 791 -51.77 -21.02 -14.93
C ARG B 791 -52.95 -21.40 -13.98
N GLU C 90 -31.16 -27.54 -31.77
CA GLU C 90 -32.35 -28.09 -31.12
C GLU C 90 -32.22 -28.03 -29.60
N ARG C 91 -30.96 -28.04 -29.11
CA ARG C 91 -30.59 -28.01 -27.70
C ARG C 91 -30.45 -26.55 -27.18
N ILE C 92 -31.35 -25.66 -27.62
CA ILE C 92 -31.37 -24.25 -27.27
C ILE C 92 -31.90 -24.05 -25.81
N ASP C 93 -31.59 -22.88 -25.19
CA ASP C 93 -31.93 -22.48 -23.82
C ASP C 93 -32.01 -20.95 -23.76
N VAL C 94 -32.61 -20.35 -22.69
CA VAL C 94 -32.70 -18.88 -22.62
C VAL C 94 -31.61 -18.33 -21.63
N THR C 95 -31.74 -17.04 -21.26
CA THR C 95 -30.92 -16.16 -20.44
C THR C 95 -31.58 -15.90 -19.06
N LEU C 96 -31.89 -17.00 -18.37
CA LEU C 96 -32.46 -17.11 -17.05
C LEU C 96 -31.33 -16.79 -16.07
N PRO C 97 -31.60 -16.53 -14.79
CA PRO C 97 -30.49 -16.32 -13.84
C PRO C 97 -29.58 -17.55 -13.71
N GLY C 98 -28.34 -17.32 -13.27
CA GLY C 98 -27.36 -18.38 -13.07
C GLY C 98 -27.70 -19.24 -11.87
N ARG C 99 -27.10 -20.43 -11.76
CA ARG C 99 -27.36 -21.36 -10.66
C ARG C 99 -26.46 -21.12 -9.46
N GLY C 100 -27.04 -21.35 -8.29
CA GLY C 100 -26.37 -21.31 -7.01
C GLY C 100 -26.29 -19.97 -6.32
N GLN C 101 -25.40 -19.99 -5.34
CA GLN C 101 -24.99 -18.95 -4.43
C GLN C 101 -24.27 -17.81 -5.14
N LEU C 102 -24.56 -16.59 -4.75
CA LEU C 102 -23.82 -15.44 -5.25
C LEU C 102 -23.15 -14.73 -4.07
N SER C 103 -22.42 -13.64 -4.32
CA SER C 103 -21.73 -12.98 -3.21
C SER C 103 -22.68 -12.24 -2.25
N GLY C 104 -22.23 -12.11 -1.00
CA GLY C 104 -22.89 -11.32 0.03
C GLY C 104 -22.26 -9.94 -0.02
N GLY C 105 -21.71 -9.48 1.10
CA GLY C 105 -21.01 -8.20 1.15
C GLY C 105 -20.37 -7.89 2.47
N LEU C 106 -19.68 -6.74 2.53
CA LEU C 106 -19.08 -6.25 3.77
C LEU C 106 -20.01 -5.19 4.40
N HIS C 107 -19.74 -4.88 5.65
CA HIS C 107 -20.43 -3.87 6.42
C HIS C 107 -19.88 -2.49 5.97
N PRO C 108 -20.74 -1.45 5.82
CA PRO C 108 -20.24 -0.12 5.36
C PRO C 108 -19.12 0.48 6.19
N VAL C 109 -19.07 0.22 7.51
CA VAL C 109 -18.01 0.68 8.41
C VAL C 109 -16.69 0.00 8.01
N THR C 110 -16.73 -1.34 7.80
CA THR C 110 -15.57 -2.13 7.39
C THR C 110 -14.96 -1.58 6.09
N ARG C 111 -15.82 -1.28 5.10
CA ARG C 111 -15.44 -0.68 3.82
C ARG C 111 -14.72 0.63 4.10
N THR C 112 -15.30 1.47 4.93
CA THR C 112 -14.74 2.77 5.30
C THR C 112 -13.37 2.64 6.01
N LEU C 113 -13.24 1.75 7.03
CA LEU C 113 -11.95 1.54 7.71
C LEU C 113 -10.88 1.07 6.72
N GLU C 114 -11.20 0.06 5.88
CA GLU C 114 -10.27 -0.42 4.87
C GLU C 114 -9.73 0.76 4.05
N ARG C 115 -10.64 1.59 3.51
CA ARG C 115 -10.34 2.77 2.71
C ARG C 115 -9.42 3.76 3.43
N ILE C 116 -9.74 4.13 4.69
CA ILE C 116 -8.91 5.05 5.48
C ILE C 116 -7.48 4.49 5.64
N GLU C 117 -7.37 3.21 6.03
CA GLU C 117 -6.08 2.55 6.21
C GLU C 117 -5.24 2.61 4.93
N GLN C 118 -5.85 2.29 3.78
CA GLN C 118 -5.19 2.26 2.47
C GLN C 118 -4.57 3.58 2.11
N CYS C 119 -5.21 4.71 2.41
CA CYS C 119 -4.66 6.05 2.12
C CYS C 119 -3.28 6.27 2.76
N PHE C 120 -3.06 5.70 3.95
CA PHE C 120 -1.82 5.82 4.72
C PHE C 120 -0.85 4.66 4.57
N SER C 121 -1.36 3.40 4.51
CA SER C 121 -0.50 2.21 4.40
C SER C 121 0.37 2.24 3.14
N ARG C 122 -0.17 2.87 2.06
CA ARG C 122 0.45 3.10 0.76
C ARG C 122 1.58 4.13 0.85
N ILE C 123 1.74 4.77 2.03
CA ILE C 123 2.75 5.79 2.18
C ILE C 123 3.63 5.51 3.45
N GLY C 124 3.67 4.26 3.85
CA GLY C 124 4.52 3.87 4.97
C GLY C 124 3.89 3.75 6.33
N TYR C 125 2.56 3.93 6.46
CA TYR C 125 1.95 3.81 7.78
C TYR C 125 1.67 2.37 8.11
N GLU C 126 1.99 1.97 9.35
CA GLU C 126 1.75 0.64 9.87
C GLU C 126 0.43 0.61 10.63
N VAL C 127 -0.32 -0.47 10.47
CA VAL C 127 -1.58 -0.62 11.20
C VAL C 127 -1.26 -1.16 12.60
N ALA C 128 -1.67 -0.41 13.63
CA ALA C 128 -1.46 -0.77 15.04
C ALA C 128 -2.80 -1.05 15.71
N GLU C 129 -2.81 -2.12 16.51
CA GLU C 129 -3.98 -2.54 17.27
C GLU C 129 -3.66 -2.69 18.72
N GLY C 130 -4.65 -2.53 19.57
CA GLY C 130 -4.51 -2.63 21.02
C GLY C 130 -5.75 -3.21 21.68
N PRO C 131 -5.73 -3.36 23.03
CA PRO C 131 -6.89 -3.93 23.73
C PRO C 131 -8.03 -2.92 23.85
N GLU C 132 -9.29 -3.40 23.93
CA GLU C 132 -10.48 -2.55 24.09
C GLU C 132 -10.75 -2.25 25.56
N VAL C 133 -10.34 -3.19 26.46
CA VAL C 133 -10.41 -3.00 27.91
C VAL C 133 -9.02 -2.47 28.28
N GLU C 134 -9.00 -1.19 28.65
CA GLU C 134 -7.79 -0.45 28.95
C GLU C 134 -7.67 0.04 30.41
N ASP C 135 -6.51 0.60 30.76
CA ASP C 135 -6.25 1.20 32.06
C ASP C 135 -6.27 2.75 31.96
N ASP C 136 -6.46 3.43 33.11
CA ASP C 136 -6.47 4.90 33.26
C ASP C 136 -5.21 5.54 32.73
N TYR C 137 -4.05 4.87 32.92
CA TYR C 137 -2.81 5.43 32.45
C TYR C 137 -2.78 5.58 30.93
N HIS C 138 -2.98 4.50 30.20
CA HIS C 138 -2.95 4.51 28.75
C HIS C 138 -4.06 5.33 28.14
N ASN C 139 -5.27 5.23 28.73
CA ASN C 139 -6.45 5.91 28.18
C ASN C 139 -6.53 7.39 28.51
N PHE C 140 -6.04 7.81 29.68
CA PHE C 140 -6.13 9.20 30.08
C PHE C 140 -4.82 9.88 30.48
N GLU C 141 -4.15 9.36 31.53
CA GLU C 141 -2.96 9.96 32.11
C GLU C 141 -1.86 10.22 31.12
N ALA C 142 -1.52 9.23 30.29
CA ALA C 142 -0.49 9.32 29.25
C ALA C 142 -0.84 10.35 28.18
N LEU C 143 -2.12 10.75 28.08
CA LEU C 143 -2.62 11.68 27.07
C LEU C 143 -2.89 13.07 27.60
N ASN C 144 -2.27 13.40 28.74
CA ASN C 144 -2.33 14.71 29.39
C ASN C 144 -3.75 15.08 29.84
N ILE C 145 -4.57 14.06 30.19
CA ILE C 145 -5.92 14.23 30.74
C ILE C 145 -5.80 14.07 32.27
N PRO C 146 -5.82 15.21 33.04
CA PRO C 146 -5.68 15.13 34.51
C PRO C 146 -6.78 14.35 35.22
N GLY C 147 -6.49 13.83 36.42
CA GLY C 147 -7.44 13.07 37.25
C GLY C 147 -8.80 13.70 37.46
N HIS C 148 -8.87 15.05 37.55
CA HIS C 148 -10.12 15.75 37.80
C HIS C 148 -10.89 16.16 36.51
N HIS C 149 -10.36 15.78 35.34
CA HIS C 149 -10.91 16.11 34.01
C HIS C 149 -12.31 15.47 33.77
N PRO C 150 -13.30 16.28 33.27
CA PRO C 150 -14.66 15.76 33.05
C PRO C 150 -14.81 14.54 32.16
N ALA C 151 -13.86 14.31 31.21
CA ALA C 151 -13.89 13.16 30.29
C ALA C 151 -13.77 11.84 31.04
N ARG C 152 -13.07 11.83 32.20
CA ARG C 152 -12.85 10.67 33.03
C ARG C 152 -14.10 10.18 33.76
N ALA C 153 -15.03 11.11 34.10
CA ALA C 153 -16.29 10.80 34.78
C ALA C 153 -17.13 9.68 34.17
N MET C 154 -17.95 9.06 35.03
CA MET C 154 -18.87 7.99 34.70
C MET C 154 -20.03 8.44 33.83
N HIS C 155 -20.14 9.75 33.61
CA HIS C 155 -21.16 10.27 32.73
C HIS C 155 -20.74 10.09 31.25
N ASP C 156 -19.41 9.90 30.98
CA ASP C 156 -18.82 9.75 29.64
C ASP C 156 -18.03 8.46 29.42
N THR C 157 -17.41 7.92 30.49
CA THR C 157 -16.58 6.72 30.43
C THR C 157 -17.20 5.52 31.12
N PHE C 158 -17.11 4.37 30.45
CA PHE C 158 -17.56 3.07 30.94
C PHE C 158 -16.43 2.45 31.79
N TYR C 159 -16.74 2.08 33.03
CA TYR C 159 -15.75 1.54 33.95
C TYR C 159 -16.05 0.13 34.40
N PHE C 160 -14.99 -0.63 34.76
CA PHE C 160 -15.12 -1.97 35.34
C PHE C 160 -14.88 -1.85 36.83
N ASN C 161 -13.87 -1.05 37.19
CA ASN C 161 -13.44 -0.68 38.53
C ASN C 161 -12.80 0.72 38.46
N ALA C 162 -12.11 1.12 39.54
CA ALA C 162 -11.45 2.42 39.68
C ALA C 162 -10.41 2.77 38.61
N ASN C 163 -9.68 1.75 38.08
CA ASN C 163 -8.57 1.95 37.13
C ASN C 163 -8.80 1.32 35.74
N MET C 164 -9.69 0.32 35.64
CA MET C 164 -10.02 -0.39 34.40
C MET C 164 -11.33 0.11 33.78
N LEU C 165 -11.27 0.32 32.46
CA LEU C 165 -12.35 0.89 31.64
C LEU C 165 -12.45 0.31 30.23
N LEU C 166 -13.47 0.76 29.49
CA LEU C 166 -13.59 0.49 28.06
C LEU C 166 -13.04 1.76 27.42
N ARG C 167 -12.05 1.62 26.53
CA ARG C 167 -11.39 2.75 25.87
C ARG C 167 -12.35 3.69 25.14
N THR C 168 -12.14 4.98 25.39
CA THR C 168 -12.94 6.12 24.87
C THR C 168 -12.43 6.54 23.48
N HIS C 169 -11.25 6.04 23.09
CA HIS C 169 -10.54 6.33 21.83
C HIS C 169 -9.50 5.25 21.56
N THR C 170 -8.87 5.29 20.38
CA THR C 170 -7.80 4.36 20.01
C THR C 170 -6.46 5.00 20.34
N SER C 171 -6.45 6.21 20.95
CA SER C 171 -5.24 6.92 21.36
C SER C 171 -4.35 6.00 22.22
N PRO C 172 -4.88 5.21 23.24
CA PRO C 172 -4.00 4.29 24.02
C PRO C 172 -3.10 3.37 23.17
N VAL C 173 -3.54 3.00 21.96
CA VAL C 173 -2.77 2.16 21.03
C VAL C 173 -1.50 2.91 20.58
N GLN C 174 -1.67 4.22 20.28
CA GLN C 174 -0.59 5.13 19.91
C GLN C 174 0.37 5.34 21.07
N VAL C 175 -0.15 5.28 22.30
CA VAL C 175 0.65 5.36 23.52
C VAL C 175 1.53 4.10 23.65
N ARG C 176 0.90 2.91 23.54
CA ARG C 176 1.56 1.63 23.68
C ARG C 176 2.68 1.51 22.65
N THR C 177 2.48 2.11 21.47
CA THR C 177 3.48 2.14 20.40
C THR C 177 4.69 3.02 20.78
N MET C 178 4.44 4.23 21.30
CA MET C 178 5.43 5.21 21.74
C MET C 178 6.32 4.69 22.87
N GLU C 179 5.73 3.84 23.75
CA GLU C 179 6.43 3.23 24.88
C GLU C 179 7.31 2.11 24.37
N SER C 180 6.77 1.26 23.46
CA SER C 180 7.45 0.09 22.91
C SER C 180 8.70 0.45 22.03
N GLN C 181 8.60 1.51 21.19
CA GLN C 181 9.65 1.90 20.25
C GLN C 181 10.06 3.37 20.31
N GLN C 182 11.18 3.72 19.63
CA GLN C 182 11.72 5.07 19.51
C GLN C 182 11.41 5.61 18.10
N PRO C 183 11.32 6.94 17.85
CA PRO C 183 11.01 7.42 16.49
C PRO C 183 12.01 6.98 15.41
N PRO C 184 11.60 6.88 14.12
CA PRO C 184 10.29 7.23 13.52
C PRO C 184 9.15 6.27 13.86
N ILE C 185 7.95 6.84 13.97
CA ILE C 185 6.69 6.13 14.18
C ILE C 185 5.71 6.68 13.13
N ARG C 186 5.06 5.78 12.32
CA ARG C 186 4.02 6.13 11.34
C ARG C 186 2.93 5.09 11.49
N ILE C 187 1.88 5.39 12.25
CA ILE C 187 0.82 4.41 12.51
C ILE C 187 -0.58 4.92 12.31
N VAL C 188 -1.49 4.03 11.97
CA VAL C 188 -2.92 4.24 11.87
C VAL C 188 -3.56 3.22 12.82
N CYS C 189 -4.50 3.67 13.65
CA CYS C 189 -5.12 2.86 14.68
C CYS C 189 -6.64 2.79 14.54
N PRO C 190 -7.15 1.86 13.70
CA PRO C 190 -8.60 1.70 13.58
C PRO C 190 -9.11 0.79 14.71
N GLY C 191 -10.34 0.99 15.15
CA GLY C 191 -10.88 0.13 16.20
C GLY C 191 -12.19 0.54 16.83
N ARG C 192 -12.76 -0.37 17.61
CA ARG C 192 -13.99 -0.13 18.35
C ARG C 192 -13.62 0.68 19.58
N VAL C 193 -14.39 1.76 19.85
CA VAL C 193 -14.27 2.69 20.99
C VAL C 193 -15.65 2.86 21.63
N TYR C 194 -15.67 3.21 22.92
CA TYR C 194 -16.89 3.27 23.70
C TYR C 194 -17.06 4.56 24.48
N ARG C 195 -18.29 5.08 24.47
CA ARG C 195 -18.63 6.30 25.17
C ARG C 195 -19.97 6.11 25.85
N CYS C 196 -20.05 6.53 27.11
CA CYS C 196 -21.24 6.41 27.93
C CYS C 196 -22.40 7.26 27.38
N ASP C 197 -22.13 8.48 26.86
CA ASP C 197 -23.14 9.35 26.20
C ASP C 197 -23.80 8.70 24.99
N SER C 198 -25.00 8.15 25.17
CA SER C 198 -25.74 7.54 24.06
C SER C 198 -27.21 7.98 23.97
N ASP C 199 -27.68 8.18 22.70
CA ASP C 199 -28.97 8.67 22.24
C ASP C 199 -28.73 9.22 20.89
N LEU C 200 -29.69 9.01 19.96
CA LEU C 200 -29.69 9.35 18.54
C LEU C 200 -28.28 9.56 18.05
N THR C 201 -27.84 10.66 17.36
CA THR C 201 -26.54 11.17 16.90
C THR C 201 -25.25 10.55 17.55
N HIS C 202 -25.41 9.81 18.69
CA HIS C 202 -24.34 9.12 19.39
C HIS C 202 -24.75 7.72 19.82
N SER C 203 -23.84 6.74 19.60
CA SER C 203 -23.98 5.32 19.96
C SER C 203 -22.99 4.97 21.10
N PRO C 204 -23.33 4.04 22.06
CA PRO C 204 -22.37 3.69 23.12
C PRO C 204 -21.10 3.02 22.60
N MET C 205 -21.16 2.38 21.42
CA MET C 205 -20.01 1.78 20.74
C MET C 205 -19.95 2.35 19.33
N PHE C 206 -18.73 2.58 18.83
CA PHE C 206 -18.45 3.07 17.48
C PHE C 206 -17.00 2.85 17.09
N HIS C 207 -16.67 3.21 15.87
CA HIS C 207 -15.34 3.03 15.31
C HIS C 207 -14.68 4.33 14.93
N GLN C 208 -13.39 4.39 15.19
CA GLN C 208 -12.60 5.53 14.83
C GLN C 208 -11.21 5.13 14.41
N VAL C 209 -10.57 5.95 13.56
CA VAL C 209 -9.21 5.70 13.10
C VAL C 209 -8.39 6.88 13.60
N GLU C 210 -7.29 6.57 14.28
CA GLU C 210 -6.41 7.62 14.78
C GLU C 210 -5.03 7.47 14.14
N GLY C 211 -4.39 8.57 13.87
CA GLY C 211 -3.07 8.54 13.25
C GLY C 211 -2.00 9.22 14.07
N LEU C 212 -0.75 8.78 13.86
CA LEU C 212 0.41 9.32 14.57
C LEU C 212 1.65 9.22 13.72
N LEU C 213 2.39 10.34 13.65
CA LEU C 213 3.66 10.42 12.96
C LEU C 213 4.62 11.17 13.89
N VAL C 214 5.71 10.50 14.30
CA VAL C 214 6.71 11.11 15.19
C VAL C 214 8.05 10.97 14.51
N ASP C 215 8.68 12.10 14.17
CA ASP C 215 10.00 12.11 13.51
C ASP C 215 10.83 13.32 13.98
N GLU C 216 12.01 13.55 13.34
CA GLU C 216 12.91 14.61 13.77
C GLU C 216 12.47 16.02 13.41
N GLY C 217 11.98 16.29 12.20
CA GLY C 217 11.56 17.65 11.90
C GLY C 217 10.14 17.86 11.42
N VAL C 218 9.15 17.43 12.23
CA VAL C 218 7.73 17.50 11.85
C VAL C 218 7.10 18.85 12.19
N SER C 219 6.29 19.40 11.27
CA SER C 219 5.63 20.69 11.46
C SER C 219 4.12 20.62 11.30
N PHE C 220 3.47 21.73 11.63
CA PHE C 220 2.05 21.93 11.47
C PHE C 220 1.74 22.02 9.97
N ALA C 221 2.72 22.43 9.14
CA ALA C 221 2.60 22.51 7.68
C ALA C 221 2.50 21.10 7.16
N ASP C 222 3.33 20.19 7.73
CA ASP C 222 3.33 18.75 7.39
C ASP C 222 1.95 18.15 7.69
N LEU C 223 1.37 18.49 8.87
CA LEU C 223 0.07 18.02 9.30
C LEU C 223 -1.03 18.48 8.35
N LYS C 224 -1.06 19.77 7.99
CA LYS C 224 -2.05 20.35 7.08
C LYS C 224 -2.02 19.60 5.74
N GLY C 225 -0.81 19.40 5.19
CA GLY C 225 -0.59 18.69 3.93
C GLY C 225 -1.16 17.29 3.94
N THR C 226 -0.81 16.53 4.98
CA THR C 226 -1.27 15.16 5.24
C THR C 226 -2.81 15.08 5.28
N ILE C 227 -3.45 15.88 6.15
CA ILE C 227 -4.90 15.89 6.32
C ILE C 227 -5.64 16.28 5.03
N GLU C 228 -5.24 17.40 4.41
CA GLU C 228 -5.86 17.90 3.19
C GLU C 228 -5.80 16.83 2.05
N GLU C 229 -4.63 16.19 1.89
CA GLU C 229 -4.48 15.16 0.88
C GLU C 229 -5.22 13.90 1.23
N PHE C 230 -5.34 13.60 2.53
CA PHE C 230 -6.09 12.42 2.92
C PHE C 230 -7.58 12.59 2.54
N LEU C 231 -8.17 13.70 2.94
CA LEU C 231 -9.59 13.98 2.67
C LEU C 231 -9.94 13.98 1.19
N ARG C 232 -9.06 14.57 0.37
CA ARG C 232 -9.20 14.61 -1.08
C ARG C 232 -9.23 13.21 -1.66
N ALA C 233 -8.27 12.35 -1.17
CA ALA C 233 -8.11 10.94 -1.54
C ALA C 233 -9.32 10.14 -1.13
N PHE C 234 -9.79 10.35 0.12
CA PHE C 234 -10.92 9.66 0.70
C PHE C 234 -12.25 9.96 -0.01
N PHE C 235 -12.55 11.25 -0.21
CA PHE C 235 -13.81 11.66 -0.81
C PHE C 235 -13.76 11.74 -2.31
N GLU C 236 -12.61 11.36 -2.91
CA GLU C 236 -12.38 11.31 -4.37
C GLU C 236 -12.77 12.63 -5.07
N LYS C 237 -12.40 13.78 -4.46
CA LYS C 237 -12.69 15.14 -4.98
C LYS C 237 -11.56 16.07 -4.57
N GLN C 238 -11.31 17.13 -5.37
CA GLN C 238 -10.29 18.15 -5.02
C GLN C 238 -11.00 19.25 -4.23
N LEU C 239 -11.67 18.85 -3.13
CA LEU C 239 -12.48 19.69 -2.26
C LEU C 239 -11.69 20.68 -1.41
N GLU C 240 -12.38 21.73 -0.91
CA GLU C 240 -11.75 22.71 -0.05
C GLU C 240 -11.69 22.17 1.36
N VAL C 241 -10.53 22.34 2.00
CA VAL C 241 -10.29 21.87 3.37
C VAL C 241 -10.00 23.09 4.23
N ARG C 242 -10.72 23.19 5.36
CA ARG C 242 -10.62 24.26 6.34
C ARG C 242 -10.07 23.73 7.66
N PHE C 243 -9.13 24.48 8.26
CA PHE C 243 -8.54 24.16 9.56
C PHE C 243 -8.95 25.24 10.56
N ARG C 244 -9.74 24.88 11.58
CA ARG C 244 -10.22 25.81 12.61
C ARG C 244 -9.50 25.52 13.92
N PRO C 245 -8.95 26.55 14.62
CA PRO C 245 -8.32 26.28 15.92
C PRO C 245 -9.29 25.65 16.90
N SER C 246 -8.83 24.61 17.60
CA SER C 246 -9.62 23.91 18.61
C SER C 246 -8.70 23.59 19.77
N PHE C 247 -9.16 22.70 20.67
CA PHE C 247 -8.41 22.27 21.82
C PHE C 247 -8.55 20.79 22.06
N PHE C 248 -7.45 20.17 22.55
CA PHE C 248 -7.33 18.81 23.02
C PHE C 248 -6.23 18.78 24.07
N PRO C 249 -6.36 17.98 25.14
CA PRO C 249 -5.27 17.94 26.15
C PRO C 249 -3.98 17.31 25.61
N PHE C 250 -4.09 16.37 24.66
CA PHE C 250 -3.00 15.62 24.05
C PHE C 250 -2.29 16.32 22.89
N THR C 251 -2.85 17.40 22.34
CA THR C 251 -2.24 18.13 21.22
C THR C 251 -2.21 19.64 21.45
N GLU C 252 -1.21 20.31 20.85
CA GLU C 252 -1.03 21.76 20.86
C GLU C 252 -0.02 22.21 19.80
N PRO C 253 -0.40 23.04 18.80
CA PRO C 253 -1.76 23.53 18.49
C PRO C 253 -2.67 22.40 18.00
N SER C 254 -3.98 22.66 17.98
CA SER C 254 -4.99 21.71 17.59
C SER C 254 -5.99 22.34 16.61
N ALA C 255 -6.59 21.50 15.75
CA ALA C 255 -7.58 21.98 14.80
C ALA C 255 -8.75 21.02 14.55
N GLU C 256 -9.91 21.61 14.23
CA GLU C 256 -11.10 20.87 13.81
C GLU C 256 -11.06 21.05 12.30
N VAL C 257 -11.20 19.94 11.56
CA VAL C 257 -11.11 19.97 10.12
C VAL C 257 -12.49 19.85 9.47
N ASP C 258 -12.78 20.85 8.64
CA ASP C 258 -13.99 21.04 7.86
C ASP C 258 -13.72 20.84 6.37
N ILE C 259 -14.75 20.41 5.64
CA ILE C 259 -14.80 20.23 4.18
C ILE C 259 -16.12 20.82 3.70
N GLN C 260 -16.23 21.24 2.43
CA GLN C 260 -17.49 21.81 1.93
C GLN C 260 -18.67 20.78 1.91
N CYS C 261 -19.88 21.23 1.52
CA CYS C 261 -21.19 20.54 1.42
C CYS C 261 -22.02 20.76 2.68
N GLY C 276 -21.99 26.38 5.07
CA GLY C 276 -21.65 25.57 3.88
C GLY C 276 -20.43 24.66 4.03
N TRP C 277 -20.14 24.30 5.31
CA TRP C 277 -19.01 23.48 5.73
C TRP C 277 -19.45 22.40 6.70
N LEU C 278 -18.70 21.29 6.70
CA LEU C 278 -18.93 20.12 7.54
C LEU C 278 -17.66 19.74 8.31
N GLU C 279 -17.78 19.52 9.64
CA GLU C 279 -16.63 19.07 10.44
C GLU C 279 -16.50 17.56 10.26
N VAL C 280 -15.33 17.07 9.83
CA VAL C 280 -15.15 15.63 9.57
C VAL C 280 -14.09 14.93 10.41
N MET C 281 -13.12 15.70 10.91
CA MET C 281 -12.06 15.16 11.75
C MET C 281 -11.32 16.23 12.55
N GLY C 282 -10.50 15.78 13.50
CA GLY C 282 -9.67 16.61 14.36
C GLY C 282 -8.24 16.14 14.28
N CYS C 283 -7.31 17.00 14.62
CA CYS C 283 -5.87 16.75 14.57
C CYS C 283 -5.16 17.76 15.47
N GLY C 284 -3.84 17.73 15.45
CA GLY C 284 -3.01 18.62 16.22
C GLY C 284 -1.59 18.10 16.34
N MET C 285 -0.68 18.96 16.81
CA MET C 285 0.72 18.62 17.03
C MET C 285 0.82 17.96 18.39
N VAL C 286 1.42 16.77 18.50
CA VAL C 286 1.50 16.06 19.80
C VAL C 286 2.04 16.96 20.95
N HIS C 287 1.37 16.94 22.10
CA HIS C 287 1.77 17.76 23.24
C HIS C 287 3.15 17.32 23.80
N PRO C 288 4.07 18.28 24.13
CA PRO C 288 5.38 17.91 24.70
C PRO C 288 5.28 16.94 25.87
N ASN C 289 4.31 17.16 26.80
CA ASN C 289 4.10 16.29 27.95
C ASN C 289 3.72 14.86 27.55
N VAL C 290 2.97 14.68 26.44
CA VAL C 290 2.54 13.36 25.94
C VAL C 290 3.76 12.55 25.50
N LEU C 291 4.70 13.20 24.79
CA LEU C 291 5.94 12.57 24.33
C LEU C 291 6.83 12.27 25.54
N ARG C 292 7.10 13.27 26.38
CA ARG C 292 7.94 13.21 27.57
C ARG C 292 7.54 12.02 28.44
N MET C 293 6.23 11.85 28.70
CA MET C 293 5.63 10.77 29.48
C MET C 293 5.90 9.41 28.91
N SER C 294 6.05 9.33 27.59
CA SER C 294 6.33 8.11 26.86
C SER C 294 7.80 8.03 26.39
N ASN C 295 8.70 8.64 27.14
CA ASN C 295 10.16 8.69 26.92
C ASN C 295 10.61 9.19 25.50
N ILE C 296 9.90 10.17 24.92
CA ILE C 296 10.30 10.76 23.65
C ILE C 296 10.70 12.22 23.93
N ASP C 297 11.96 12.59 23.61
CA ASP C 297 12.45 13.94 23.89
C ASP C 297 11.79 14.96 22.97
N PRO C 298 10.95 15.89 23.53
CA PRO C 298 10.27 16.90 22.69
C PRO C 298 11.23 17.90 22.02
N GLU C 299 12.52 17.92 22.47
CA GLU C 299 13.53 18.81 21.89
C GLU C 299 14.06 18.25 20.58
N LYS C 300 14.20 16.91 20.53
CA LYS C 300 14.65 16.19 19.34
C LYS C 300 13.51 15.79 18.43
N PHE C 301 12.37 15.37 18.99
CA PHE C 301 11.25 14.88 18.17
C PHE C 301 9.97 15.67 18.31
N GLN C 302 9.35 15.90 17.17
CA GLN C 302 8.08 16.57 16.96
C GLN C 302 7.16 15.49 16.38
N GLY C 303 5.86 15.70 16.47
CA GLY C 303 4.89 14.76 15.93
C GLY C 303 3.51 15.35 15.75
N PHE C 304 2.72 14.71 14.92
CA PHE C 304 1.35 15.13 14.73
C PHE C 304 0.46 13.90 14.85
N ALA C 305 -0.76 14.15 15.32
CA ALA C 305 -1.76 13.11 15.43
C ALA C 305 -3.07 13.61 14.87
N PHE C 306 -3.95 12.66 14.51
CA PHE C 306 -5.27 12.96 13.96
C PHE C 306 -6.26 11.91 14.37
N GLY C 307 -7.52 12.27 14.38
CA GLY C 307 -8.61 11.37 14.74
C GLY C 307 -9.84 11.61 13.90
N MET C 308 -10.56 10.53 13.59
CA MET C 308 -11.78 10.62 12.79
C MET C 308 -12.74 9.50 13.17
N GLY C 309 -14.03 9.76 13.07
CA GLY C 309 -15.05 8.75 13.33
C GLY C 309 -15.43 8.04 12.05
N ALA C 310 -15.34 6.70 12.03
CA ALA C 310 -15.67 5.90 10.85
C ALA C 310 -17.14 6.00 10.43
N GLU C 311 -18.07 5.95 11.41
CA GLU C 311 -19.50 6.02 11.08
C GLU C 311 -19.87 7.34 10.45
N ARG C 312 -19.34 8.46 10.97
CA ARG C 312 -19.58 9.81 10.44
C ARG C 312 -19.16 9.86 8.95
N LEU C 313 -17.97 9.32 8.64
CA LEU C 313 -17.40 9.28 7.29
C LEU C 313 -18.25 8.44 6.35
N ALA C 314 -18.65 7.22 6.81
CA ALA C 314 -19.53 6.28 6.09
C ALA C 314 -20.87 6.94 5.76
N MET C 315 -21.44 7.66 6.74
CA MET C 315 -22.70 8.40 6.58
C MET C 315 -22.59 9.49 5.50
N LEU C 316 -21.44 10.18 5.44
CA LEU C 316 -21.21 11.24 4.46
C LEU C 316 -21.02 10.66 3.09
N ARG C 317 -20.26 9.54 3.01
CA ARG C 317 -19.96 8.82 1.79
C ARG C 317 -21.16 8.14 1.14
N TYR C 318 -21.98 7.43 1.95
CA TYR C 318 -23.06 6.59 1.43
C TYR C 318 -24.44 7.20 1.54
N GLY C 319 -24.55 8.38 2.14
CA GLY C 319 -25.83 9.04 2.33
C GLY C 319 -26.70 8.42 3.40
N VAL C 320 -26.08 7.83 4.45
CA VAL C 320 -26.80 7.22 5.56
C VAL C 320 -27.21 8.34 6.54
N ASN C 321 -28.52 8.41 6.79
CA ASN C 321 -29.22 9.39 7.62
C ASN C 321 -29.19 9.08 9.11
N ASP C 322 -29.52 7.83 9.49
CA ASP C 322 -29.62 7.38 10.87
C ASP C 322 -28.48 6.46 11.23
N LEU C 323 -27.69 6.87 12.20
CA LEU C 323 -26.53 6.17 12.75
C LEU C 323 -26.87 4.82 13.38
N ARG C 324 -28.14 4.63 13.80
CA ARG C 324 -28.59 3.38 14.45
C ARG C 324 -28.68 2.18 13.51
N LEU C 325 -28.72 2.43 12.19
CA LEU C 325 -28.79 1.40 11.15
C LEU C 325 -27.54 0.54 11.16
N PHE C 326 -26.41 1.14 11.60
CA PHE C 326 -25.11 0.49 11.65
C PHE C 326 -25.00 -0.68 12.62
N PHE C 327 -25.83 -0.70 13.67
CA PHE C 327 -25.70 -1.76 14.70
C PHE C 327 -26.91 -2.72 14.75
N ASP C 328 -27.96 -2.47 13.93
CA ASP C 328 -29.17 -3.31 13.84
C ASP C 328 -28.92 -4.54 12.99
N ASN C 329 -28.03 -4.42 11.98
CA ASN C 329 -27.65 -5.46 11.02
C ASN C 329 -28.88 -5.96 10.22
N ASP C 330 -29.81 -5.03 9.83
CA ASP C 330 -30.94 -5.39 8.99
C ASP C 330 -30.37 -5.67 7.59
N LEU C 331 -30.76 -6.82 7.02
CA LEU C 331 -30.27 -7.24 5.70
C LEU C 331 -30.67 -6.25 4.62
N ARG C 332 -31.82 -5.58 4.80
CA ARG C 332 -32.32 -4.55 3.92
C ARG C 332 -31.41 -3.32 3.91
N PHE C 333 -30.64 -3.12 5.01
CA PHE C 333 -29.63 -2.05 5.12
C PHE C 333 -28.33 -2.59 4.50
N LEU C 334 -27.77 -3.66 5.12
CA LEU C 334 -26.53 -4.30 4.74
C LEU C 334 -26.42 -4.58 3.24
N GLY C 335 -27.45 -5.18 2.65
CA GLY C 335 -27.48 -5.53 1.23
C GLY C 335 -27.16 -4.41 0.26
N GLN C 336 -27.39 -3.14 0.69
CA GLN C 336 -27.12 -1.94 -0.10
C GLN C 336 -25.59 -1.63 -0.36
N PHE C 337 -24.68 -2.36 0.31
CA PHE C 337 -23.24 -2.13 0.25
C PHE C 337 -22.46 -3.32 -0.33
N ARG C 338 -23.16 -4.12 -1.15
CA ARG C 338 -22.60 -5.27 -1.84
C ARG C 338 -21.67 -4.85 -3.03
N LEU D 87 -34.78 -37.92 22.96
CA LEU D 87 -33.96 -36.73 23.16
C LEU D 87 -33.34 -36.25 21.82
N ALA D 88 -32.16 -35.58 21.85
CA ALA D 88 -31.44 -35.01 20.70
C ALA D 88 -30.43 -36.02 20.16
N ALA D 89 -30.30 -37.14 20.88
CA ALA D 89 -29.37 -38.23 20.55
C ALA D 89 -29.72 -38.93 19.24
N GLU D 90 -30.94 -38.72 18.74
CA GLU D 90 -31.38 -39.36 17.52
C GLU D 90 -30.95 -38.60 16.28
N ARG D 91 -30.80 -37.27 16.42
CA ARG D 91 -30.47 -36.30 15.37
C ARG D 91 -28.98 -36.19 15.12
N ILE D 92 -28.18 -37.18 15.54
CA ILE D 92 -26.71 -37.20 15.47
C ILE D 92 -26.18 -37.33 14.01
N ASP D 93 -24.91 -36.94 13.80
CA ASP D 93 -24.18 -37.01 12.52
C ASP D 93 -22.66 -37.07 12.81
N VAL D 94 -21.80 -37.46 11.83
CA VAL D 94 -20.36 -37.52 12.09
C VAL D 94 -19.65 -36.28 11.49
N THR D 95 -18.31 -36.34 11.33
CA THR D 95 -17.32 -35.38 10.85
C THR D 95 -16.79 -35.76 9.45
N LEU D 96 -17.74 -35.90 8.53
CA LEU D 96 -17.60 -36.19 7.12
C LEU D 96 -17.17 -34.91 6.46
N PRO D 97 -16.65 -34.95 5.20
CA PRO D 97 -16.30 -33.68 4.54
C PRO D 97 -17.51 -32.73 4.35
N GLY D 98 -17.22 -31.45 4.23
CA GLY D 98 -18.24 -30.43 3.99
C GLY D 98 -18.83 -30.52 2.58
N ARG D 99 -20.02 -29.91 2.38
CA ARG D 99 -20.68 -29.97 1.07
C ARG D 99 -20.28 -28.85 0.12
N GLY D 100 -20.23 -29.22 -1.16
CA GLY D 100 -20.02 -28.32 -2.27
C GLY D 100 -18.60 -28.05 -2.65
N GLN D 101 -18.49 -27.00 -3.45
CA GLN D 101 -17.32 -26.38 -4.05
C GLN D 101 -16.37 -25.79 -2.99
N LEU D 102 -15.09 -25.94 -3.20
CA LEU D 102 -14.11 -25.30 -2.35
C LEU D 102 -13.21 -24.43 -3.24
N SER D 103 -12.20 -23.78 -2.67
CA SER D 103 -11.37 -22.89 -3.46
C SER D 103 -10.45 -23.60 -4.47
N GLY D 104 -10.09 -22.86 -5.51
CA GLY D 104 -9.12 -23.28 -6.51
C GLY D 104 -7.79 -22.67 -6.07
N GLY D 105 -7.16 -21.90 -6.96
CA GLY D 105 -5.92 -21.23 -6.62
C GLY D 105 -5.39 -20.34 -7.70
N LEU D 106 -4.28 -19.64 -7.39
CA LEU D 106 -3.60 -18.78 -8.34
C LEU D 106 -2.37 -19.50 -8.89
N HIS D 107 -1.85 -18.97 -9.98
CA HIS D 107 -0.66 -19.46 -10.64
C HIS D 107 0.56 -18.96 -9.82
N PRO D 108 1.62 -19.81 -9.63
CA PRO D 108 2.78 -19.37 -8.83
C PRO D 108 3.44 -18.07 -9.27
N VAL D 109 3.45 -17.76 -10.59
CA VAL D 109 3.98 -16.50 -11.15
C VAL D 109 3.13 -15.32 -10.64
N THR D 110 1.79 -15.46 -10.70
CA THR D 110 0.86 -14.43 -10.25
C THR D 110 1.08 -14.08 -8.77
N ARG D 111 1.26 -15.12 -7.93
CA ARG D 111 1.55 -14.99 -6.51
C ARG D 111 2.84 -14.19 -6.36
N THR D 112 3.87 -14.56 -7.12
CA THR D 112 5.16 -13.90 -7.08
C THR D 112 5.07 -12.40 -7.49
N LEU D 113 4.39 -12.09 -8.63
CA LEU D 113 4.23 -10.69 -9.08
C LEU D 113 3.48 -9.86 -8.00
N GLU D 114 2.35 -10.39 -7.48
CA GLU D 114 1.61 -9.71 -6.43
C GLU D 114 2.57 -9.31 -5.28
N ARG D 115 3.34 -10.30 -4.76
CA ARG D 115 4.31 -10.15 -3.69
C ARG D 115 5.37 -9.07 -3.99
N ILE D 116 5.99 -9.09 -5.21
CA ILE D 116 7.00 -8.09 -5.59
C ILE D 116 6.36 -6.68 -5.55
N GLU D 117 5.19 -6.52 -6.17
CA GLU D 117 4.48 -5.24 -6.19
C GLU D 117 4.22 -4.69 -4.80
N GLN D 118 3.74 -5.57 -3.89
CA GLN D 118 3.40 -5.20 -2.51
C GLN D 118 4.57 -4.62 -1.74
N CYS D 119 5.78 -5.16 -1.94
CA CYS D 119 7.02 -4.66 -1.29
C CYS D 119 7.25 -3.15 -1.56
N PHE D 120 6.90 -2.69 -2.78
CA PHE D 120 7.08 -1.32 -3.23
C PHE D 120 5.83 -0.43 -3.13
N SER D 121 4.63 -0.98 -3.43
CA SER D 121 3.39 -0.20 -3.40
C SER D 121 3.09 0.37 -2.02
N ARG D 122 3.57 -0.35 -0.97
CA ARG D 122 3.48 -0.01 0.46
C ARG D 122 4.41 1.16 0.82
N ILE D 123 5.25 1.58 -0.13
CA ILE D 123 6.25 2.62 0.13
C ILE D 123 6.16 3.72 -0.93
N GLY D 124 5.00 3.82 -1.58
CA GLY D 124 4.73 4.88 -2.55
C GLY D 124 4.96 4.55 -4.01
N TYR D 125 5.25 3.30 -4.36
CA TYR D 125 5.43 2.98 -5.77
C TYR D 125 4.08 2.73 -6.45
N GLU D 126 3.93 3.30 -7.65
CA GLU D 126 2.73 3.14 -8.47
C GLU D 126 2.95 2.02 -9.46
N VAL D 127 1.91 1.22 -9.69
CA VAL D 127 2.00 0.13 -10.66
C VAL D 127 1.72 0.72 -12.05
N ALA D 128 2.68 0.57 -12.96
CA ALA D 128 2.57 1.06 -14.34
C ALA D 128 2.52 -0.10 -15.31
N GLU D 129 1.60 0.02 -16.28
CA GLU D 129 1.41 -0.97 -17.33
C GLU D 129 1.52 -0.34 -18.68
N GLY D 130 1.94 -1.14 -19.66
CA GLY D 130 2.08 -0.70 -21.03
C GLY D 130 1.73 -1.77 -22.03
N PRO D 131 1.82 -1.45 -23.35
CA PRO D 131 1.49 -2.47 -24.37
C PRO D 131 2.61 -3.49 -24.52
N GLU D 132 2.27 -4.70 -24.97
CA GLU D 132 3.23 -5.80 -25.21
C GLU D 132 3.81 -5.70 -26.62
N VAL D 133 3.02 -5.15 -27.56
CA VAL D 133 3.45 -4.86 -28.93
C VAL D 133 3.92 -3.41 -28.88
N GLU D 134 5.25 -3.25 -28.96
CA GLU D 134 5.93 -1.97 -28.84
C GLU D 134 6.67 -1.52 -30.11
N ASP D 135 7.18 -0.28 -30.08
CA ASP D 135 7.99 0.28 -31.14
C ASP D 135 9.48 0.31 -30.73
N ASP D 136 10.36 0.41 -31.75
CA ASP D 136 11.82 0.50 -31.61
C ASP D 136 12.27 1.66 -30.71
N TYR D 137 11.56 2.80 -30.77
CA TYR D 137 11.92 3.92 -29.95
C TYR D 137 11.80 3.61 -28.48
N HIS D 138 10.61 3.20 -28.03
CA HIS D 138 10.37 2.91 -26.63
C HIS D 138 11.15 1.70 -26.13
N ASN D 139 11.24 0.66 -26.96
CA ASN D 139 11.92 -0.58 -26.56
C ASN D 139 13.44 -0.52 -26.59
N PHE D 140 14.03 0.26 -27.53
CA PHE D 140 15.46 0.33 -27.65
C PHE D 140 16.07 1.74 -27.60
N GLU D 141 15.70 2.60 -28.56
CA GLU D 141 16.29 3.92 -28.75
C GLU D 141 16.29 4.79 -27.50
N ALA D 142 15.14 4.89 -26.83
CA ALA D 142 14.96 5.66 -25.61
C ALA D 142 15.81 5.11 -24.44
N LEU D 143 16.30 3.86 -24.56
CA LEU D 143 17.06 3.19 -23.51
C LEU D 143 18.55 3.12 -23.79
N ASN D 144 19.02 4.01 -24.70
CA ASN D 144 20.43 4.15 -25.08
C ASN D 144 20.98 2.89 -25.76
N ILE D 145 20.11 2.15 -26.47
CA ILE D 145 20.48 0.97 -27.28
C ILE D 145 20.55 1.45 -28.77
N PRO D 146 21.78 1.71 -29.30
CA PRO D 146 21.91 2.18 -30.70
C PRO D 146 21.38 1.20 -31.77
N GLY D 147 21.06 1.73 -32.95
CA GLY D 147 20.53 0.97 -34.09
C GLY D 147 21.32 -0.27 -34.49
N HIS D 148 22.65 -0.24 -34.33
CA HIS D 148 23.56 -1.34 -34.69
C HIS D 148 23.78 -2.36 -33.57
N HIS D 149 23.13 -2.17 -32.40
CA HIS D 149 23.27 -3.01 -31.20
C HIS D 149 22.71 -4.45 -31.40
N PRO D 150 23.51 -5.48 -30.99
CA PRO D 150 23.10 -6.89 -31.18
C PRO D 150 21.78 -7.33 -30.55
N ALA D 151 21.32 -6.63 -29.50
CA ALA D 151 20.04 -6.94 -28.83
C ALA D 151 18.84 -6.75 -29.77
N ARG D 152 18.97 -5.80 -30.72
CA ARG D 152 17.94 -5.45 -31.71
C ARG D 152 17.72 -6.55 -32.75
N ALA D 153 18.76 -7.34 -33.08
CA ALA D 153 18.69 -8.43 -34.06
C ALA D 153 17.55 -9.45 -33.88
N MET D 154 17.17 -10.08 -35.00
CA MET D 154 16.13 -11.12 -35.07
C MET D 154 16.53 -12.42 -34.39
N HIS D 155 17.79 -12.51 -33.94
CA HIS D 155 18.22 -13.67 -33.21
C HIS D 155 17.72 -13.59 -31.75
N ASP D 156 17.38 -12.35 -31.25
CA ASP D 156 16.93 -12.08 -29.86
C ASP D 156 15.55 -11.44 -29.75
N THR D 157 15.18 -10.62 -30.76
CA THR D 157 13.93 -9.88 -30.76
C THR D 157 12.93 -10.39 -31.80
N PHE D 158 11.65 -10.50 -31.35
CA PHE D 158 10.50 -10.88 -32.18
C PHE D 158 9.96 -9.64 -32.88
N TYR D 159 9.85 -9.67 -34.19
CA TYR D 159 9.41 -8.51 -34.98
C TYR D 159 8.13 -8.76 -35.74
N PHE D 160 7.37 -7.68 -35.99
CA PHE D 160 6.16 -7.72 -36.84
C PHE D 160 6.54 -7.13 -38.19
N ASN D 161 7.30 -6.02 -38.14
CA ASN D 161 7.88 -5.29 -39.26
C ASN D 161 9.18 -4.61 -38.78
N ALA D 162 9.72 -3.67 -39.58
CA ALA D 162 10.97 -2.95 -39.31
C ALA D 162 11.02 -2.16 -37.99
N ASN D 163 9.87 -1.61 -37.54
CA ASN D 163 9.79 -0.76 -36.36
C ASN D 163 8.95 -1.33 -35.19
N MET D 164 8.02 -2.26 -35.47
CA MET D 164 7.14 -2.90 -34.51
C MET D 164 7.61 -4.30 -34.11
N LEU D 165 7.58 -4.54 -32.79
CA LEU D 165 8.08 -5.76 -32.14
C LEU D 165 7.27 -6.20 -30.93
N LEU D 166 7.66 -7.35 -30.35
CA LEU D 166 7.16 -7.80 -29.05
C LEU D 166 8.24 -7.36 -28.08
N ARG D 167 7.86 -6.60 -27.05
CA ARG D 167 8.81 -6.06 -26.06
C ARG D 167 9.68 -7.14 -25.38
N THR D 168 10.97 -6.83 -25.33
CA THR D 168 12.06 -7.67 -24.77
C THR D 168 12.18 -7.49 -23.25
N HIS D 169 11.51 -6.44 -22.72
CA HIS D 169 11.51 -6.03 -21.32
C HIS D 169 10.30 -5.12 -21.04
N THR D 170 10.07 -4.77 -19.77
CA THR D 170 9.00 -3.84 -19.38
C THR D 170 9.58 -2.42 -19.28
N SER D 171 10.88 -2.23 -19.64
CA SER D 171 11.56 -0.93 -19.62
C SER D 171 10.76 0.11 -20.44
N PRO D 172 10.19 -0.22 -21.66
CA PRO D 172 9.37 0.78 -22.39
C PRO D 172 8.24 1.44 -21.59
N VAL D 173 7.69 0.72 -20.60
CA VAL D 173 6.63 1.22 -19.71
C VAL D 173 7.19 2.40 -18.86
N GLN D 174 8.43 2.20 -18.35
CA GLN D 174 9.17 3.22 -17.59
C GLN D 174 9.49 4.41 -18.44
N VAL D 175 9.69 4.20 -19.75
CA VAL D 175 9.96 5.25 -20.72
C VAL D 175 8.66 6.08 -20.90
N ARG D 176 7.53 5.39 -21.16
CA ARG D 176 6.25 6.03 -21.41
C ARG D 176 5.85 6.88 -20.21
N THR D 177 6.24 6.44 -18.99
CA THR D 177 5.99 7.18 -17.75
C THR D 177 6.84 8.47 -17.68
N MET D 178 8.15 8.38 -17.99
CA MET D 178 9.10 9.50 -18.00
C MET D 178 8.72 10.58 -18.99
N GLU D 179 8.10 10.19 -20.12
CA GLU D 179 7.66 11.09 -21.18
C GLU D 179 6.39 11.80 -20.71
N SER D 180 5.45 11.04 -20.14
CA SER D 180 4.17 11.54 -19.69
C SER D 180 4.26 12.57 -18.51
N GLN D 181 5.15 12.32 -17.51
CA GLN D 181 5.28 13.15 -16.31
C GLN D 181 6.70 13.61 -15.99
N GLN D 182 6.82 14.57 -15.05
CA GLN D 182 8.07 15.12 -14.53
C GLN D 182 8.34 14.51 -13.10
N PRO D 183 9.61 14.43 -12.61
CA PRO D 183 9.85 13.83 -11.29
C PRO D 183 9.11 14.53 -10.13
N PRO D 184 8.81 13.82 -9.00
CA PRO D 184 9.18 12.42 -8.67
C PRO D 184 8.40 11.35 -9.43
N ILE D 185 9.09 10.25 -9.71
CA ILE D 185 8.55 9.05 -10.35
C ILE D 185 8.96 7.86 -9.47
N ARG D 186 8.00 7.03 -9.04
CA ARG D 186 8.24 5.80 -8.26
C ARG D 186 7.32 4.74 -8.85
N ILE D 187 7.85 3.90 -9.73
CA ILE D 187 7.01 2.91 -10.40
C ILE D 187 7.60 1.51 -10.41
N VAL D 188 6.70 0.52 -10.45
CA VAL D 188 7.00 -0.90 -10.62
C VAL D 188 6.22 -1.35 -11.85
N CYS D 189 6.89 -2.07 -12.74
CA CYS D 189 6.33 -2.47 -14.03
C CYS D 189 6.36 -3.98 -14.25
N PRO D 190 5.33 -4.68 -13.73
CA PRO D 190 5.26 -6.15 -13.94
C PRO D 190 4.62 -6.42 -15.30
N GLY D 191 5.00 -7.53 -15.93
CA GLY D 191 4.41 -7.86 -17.22
C GLY D 191 5.02 -8.98 -18.01
N ARG D 192 4.31 -9.39 -19.06
CA ARG D 192 4.77 -10.42 -19.97
C ARG D 192 5.78 -9.75 -20.91
N VAL D 193 6.95 -10.42 -21.12
CA VAL D 193 8.06 -9.99 -21.99
C VAL D 193 8.43 -11.18 -22.86
N TYR D 194 9.01 -10.88 -24.05
CA TYR D 194 9.33 -11.90 -25.04
C TYR D 194 10.74 -11.83 -25.55
N ARG D 195 11.35 -13.00 -25.70
CA ARG D 195 12.70 -13.12 -26.22
C ARG D 195 12.76 -14.26 -27.20
N CYS D 196 13.42 -14.01 -28.33
CA CYS D 196 13.55 -14.99 -29.40
C CYS D 196 14.38 -16.22 -28.94
N ASP D 197 15.47 -16.02 -28.16
CA ASP D 197 16.29 -17.10 -27.54
C ASP D 197 15.47 -18.05 -26.63
N SER D 198 15.08 -19.19 -27.19
CA SER D 198 14.33 -20.19 -26.42
C SER D 198 14.87 -21.63 -26.56
N ASP D 199 14.81 -22.38 -25.44
CA ASP D 199 15.30 -23.74 -25.18
C ASP D 199 14.99 -23.98 -23.65
N LEU D 200 15.49 -25.01 -23.07
CA LEU D 200 15.40 -25.24 -21.62
C LEU D 200 16.07 -23.98 -21.00
N THR D 201 15.92 -23.75 -19.72
CA THR D 201 16.44 -22.60 -18.95
C THR D 201 15.87 -21.22 -19.45
N HIS D 202 15.40 -21.14 -20.73
CA HIS D 202 14.80 -19.93 -21.31
C HIS D 202 13.56 -20.26 -22.10
N SER D 203 12.49 -19.46 -21.90
CA SER D 203 11.19 -19.57 -22.58
C SER D 203 10.99 -18.35 -23.53
N PRO D 204 10.29 -18.50 -24.71
CA PRO D 204 10.07 -17.32 -25.58
C PRO D 204 9.21 -16.23 -24.93
N MET D 205 8.38 -16.59 -23.94
CA MET D 205 7.56 -15.67 -23.15
C MET D 205 7.82 -15.94 -21.68
N PHE D 206 7.88 -14.85 -20.88
CA PHE D 206 8.09 -14.88 -19.44
C PHE D 206 7.69 -13.56 -18.82
N HIS D 207 7.79 -13.48 -17.49
CA HIS D 207 7.41 -12.32 -16.73
C HIS D 207 8.58 -11.71 -15.99
N GLN D 208 8.58 -10.39 -15.95
CA GLN D 208 9.58 -9.65 -15.20
C GLN D 208 8.98 -8.39 -14.60
N VAL D 209 9.57 -7.92 -13.50
CA VAL D 209 9.15 -6.70 -12.81
C VAL D 209 10.33 -5.75 -12.90
N GLU D 210 10.07 -4.54 -13.37
CA GLU D 210 11.11 -3.53 -13.46
C GLU D 210 10.75 -2.33 -12.58
N GLY D 211 11.74 -1.72 -11.97
CA GLY D 211 11.49 -0.58 -11.10
C GLY D 211 12.23 0.66 -11.52
N LEU D 212 11.66 1.83 -11.14
CA LEU D 212 12.23 3.12 -11.45
C LEU D 212 11.90 4.14 -10.40
N LEU D 213 12.91 4.88 -9.92
CA LEU D 213 12.77 5.96 -8.98
C LEU D 213 13.60 7.14 -9.51
N VAL D 214 12.93 8.28 -9.78
CA VAL D 214 13.60 9.48 -10.28
C VAL D 214 13.21 10.60 -9.34
N ASP D 215 14.19 11.19 -8.63
CA ASP D 215 13.99 12.31 -7.72
C ASP D 215 15.19 13.26 -7.71
N GLU D 216 15.19 14.26 -6.81
CA GLU D 216 16.24 15.28 -6.81
C GLU D 216 17.59 14.80 -6.27
N GLY D 217 17.65 14.07 -5.16
CA GLY D 217 18.95 13.65 -4.66
C GLY D 217 19.15 12.15 -4.47
N VAL D 218 19.01 11.37 -5.55
CA VAL D 218 19.12 9.89 -5.49
C VAL D 218 20.57 9.41 -5.67
N SER D 219 21.01 8.44 -4.83
CA SER D 219 22.36 7.87 -4.90
C SER D 219 22.39 6.38 -5.10
N PHE D 220 23.60 5.86 -5.34
CA PHE D 220 23.87 4.44 -5.47
C PHE D 220 23.69 3.77 -4.11
N ALA D 221 23.87 4.53 -3.02
CA ALA D 221 23.67 4.05 -1.65
C ALA D 221 22.17 3.80 -1.47
N ASP D 222 21.32 4.73 -2.01
CA ASP D 222 19.86 4.61 -1.99
C ASP D 222 19.43 3.34 -2.71
N LEU D 223 20.04 3.06 -3.88
CA LEU D 223 19.78 1.86 -4.69
C LEU D 223 20.11 0.58 -3.94
N LYS D 224 21.32 0.52 -3.34
CA LYS D 224 21.77 -0.63 -2.56
C LYS D 224 20.78 -0.95 -1.43
N GLY D 225 20.38 0.10 -0.68
CA GLY D 225 19.44 0.00 0.43
C GLY D 225 18.11 -0.58 0.00
N THR D 226 17.54 -0.01 -1.07
CA THR D 226 16.29 -0.44 -1.70
C THR D 226 16.33 -1.95 -2.09
N ILE D 227 17.33 -2.34 -2.90
CA ILE D 227 17.48 -3.70 -3.39
C ILE D 227 17.66 -4.71 -2.24
N GLU D 228 18.61 -4.43 -1.32
CA GLU D 228 18.92 -5.30 -0.20
C GLU D 228 17.65 -5.52 0.69
N GLU D 229 16.91 -4.45 0.97
CA GLU D 229 15.70 -4.55 1.76
C GLU D 229 14.61 -5.23 1.00
N PHE D 230 14.54 -5.05 -0.31
CA PHE D 230 13.50 -5.73 -1.07
C PHE D 230 13.72 -7.25 -1.02
N LEU D 231 14.94 -7.72 -1.30
CA LEU D 231 15.26 -9.14 -1.30
C LEU D 231 15.00 -9.81 0.06
N ARG D 232 15.36 -9.12 1.14
CA ARG D 232 15.15 -9.59 2.50
C ARG D 232 13.66 -9.77 2.77
N ALA D 233 12.84 -8.77 2.36
CA ALA D 233 11.38 -8.69 2.47
C ALA D 233 10.76 -9.82 1.66
N PHE D 234 11.23 -9.97 0.41
CA PHE D 234 10.73 -10.97 -0.53
C PHE D 234 10.99 -12.42 -0.07
N PHE D 235 12.24 -12.73 0.31
CA PHE D 235 12.61 -14.08 0.70
C PHE D 235 12.41 -14.37 2.17
N GLU D 236 11.84 -13.39 2.92
CA GLU D 236 11.53 -13.50 4.34
C GLU D 236 12.72 -14.02 5.17
N LYS D 237 13.94 -13.48 4.90
CA LYS D 237 15.19 -13.86 5.57
C LYS D 237 16.10 -12.65 5.62
N GLN D 238 17.00 -12.57 6.63
CA GLN D 238 17.97 -11.49 6.74
C GLN D 238 19.24 -11.92 6.03
N LEU D 239 19.08 -12.31 4.77
CA LEU D 239 20.14 -12.85 3.91
C LEU D 239 21.19 -11.83 3.47
N GLU D 240 22.37 -12.34 3.06
CA GLU D 240 23.46 -11.51 2.56
C GLU D 240 23.19 -11.18 1.14
N VAL D 241 23.37 -9.89 0.80
CA VAL D 241 23.18 -9.37 -0.55
C VAL D 241 24.52 -8.84 -1.06
N ARG D 242 24.90 -9.30 -2.26
CA ARG D 242 26.14 -8.94 -2.94
C ARG D 242 25.85 -8.13 -4.21
N PHE D 243 26.62 -7.05 -4.41
CA PHE D 243 26.52 -6.20 -5.58
C PHE D 243 27.79 -6.32 -6.41
N ARG D 244 27.70 -6.85 -7.63
CA ARG D 244 28.86 -7.01 -8.53
C ARG D 244 28.77 -6.02 -9.69
N PRO D 245 29.84 -5.28 -10.03
CA PRO D 245 29.76 -4.37 -11.18
C PRO D 245 29.43 -5.11 -12.46
N SER D 246 28.50 -4.53 -13.23
CA SER D 246 28.07 -5.05 -14.53
C SER D 246 27.90 -3.91 -15.48
N PHE D 247 27.24 -4.18 -16.62
CA PHE D 247 27.00 -3.19 -17.65
C PHE D 247 25.59 -3.33 -18.21
N PHE D 248 25.00 -2.17 -18.57
CA PHE D 248 23.72 -2.01 -19.26
C PHE D 248 23.80 -0.70 -20.03
N PRO D 249 23.23 -0.61 -21.26
CA PRO D 249 23.28 0.67 -21.99
C PRO D 249 22.48 1.79 -21.30
N PHE D 250 21.38 1.42 -20.60
CA PHE D 250 20.44 2.32 -19.92
C PHE D 250 20.86 2.76 -18.52
N THR D 251 21.87 2.11 -17.90
CA THR D 251 22.32 2.47 -16.54
C THR D 251 23.85 2.62 -16.44
N GLU D 252 24.29 3.47 -15.50
CA GLU D 252 25.69 3.71 -15.17
C GLU D 252 25.83 4.46 -13.84
N PRO D 253 26.48 3.88 -12.80
CA PRO D 253 27.03 2.52 -12.70
C PRO D 253 25.93 1.46 -12.68
N SER D 254 26.30 0.19 -12.91
CA SER D 254 25.36 -0.92 -12.96
C SER D 254 25.86 -2.09 -12.10
N ALA D 255 24.93 -2.92 -11.61
CA ALA D 255 25.30 -4.09 -10.82
C ALA D 255 24.42 -5.33 -11.06
N GLU D 256 25.04 -6.53 -10.90
CA GLU D 256 24.35 -7.81 -10.92
C GLU D 256 24.22 -8.11 -9.41
N VAL D 257 23.00 -8.48 -8.98
CA VAL D 257 22.74 -8.72 -7.59
C VAL D 257 22.62 -10.22 -7.31
N ASP D 258 23.47 -10.66 -6.35
CA ASP D 258 23.60 -12.01 -5.82
C ASP D 258 23.08 -12.07 -4.38
N ILE D 259 22.60 -13.25 -4.00
CA ILE D 259 22.14 -13.62 -2.66
C ILE D 259 22.72 -15.00 -2.36
N GLN D 260 22.87 -15.38 -1.08
CA GLN D 260 23.43 -16.70 -0.76
C GLN D 260 22.51 -17.87 -1.20
N CYS D 261 22.97 -19.12 -1.01
CA CYS D 261 22.25 -20.33 -1.38
C CYS D 261 21.36 -20.85 -0.17
N VAL D 262 20.86 -19.88 0.66
CA VAL D 262 19.98 -20.11 1.83
C VAL D 262 18.55 -20.47 1.35
N ILE D 263 18.31 -20.40 0.03
CA ILE D 263 17.04 -20.77 -0.60
C ILE D 263 17.33 -21.88 -1.67
N CYS D 264 18.53 -22.48 -1.53
CA CYS D 264 19.12 -23.62 -2.25
C CYS D 264 19.31 -23.44 -3.77
N SER D 265 19.91 -24.51 -4.38
CA SER D 265 20.20 -24.83 -5.78
C SER D 265 19.65 -26.28 -5.98
N GLY D 266 18.77 -26.67 -5.05
CA GLY D 266 18.12 -27.96 -5.00
C GLY D 266 16.88 -27.91 -4.14
N GLY D 276 28.92 -20.22 -3.59
CA GLY D 276 27.85 -20.16 -2.60
C GLY D 276 26.90 -18.97 -2.71
N TRP D 277 26.77 -18.43 -3.96
CA TRP D 277 25.98 -17.27 -4.32
C TRP D 277 25.15 -17.51 -5.57
N LEU D 278 24.01 -16.82 -5.67
CA LEU D 278 23.05 -16.90 -6.76
C LEU D 278 22.75 -15.51 -7.31
N GLU D 279 22.79 -15.33 -8.64
CA GLU D 279 22.41 -14.06 -9.25
C GLU D 279 20.88 -14.04 -9.37
N VAL D 280 20.20 -13.02 -8.79
CA VAL D 280 18.73 -12.97 -8.83
C VAL D 280 18.12 -11.79 -9.57
N MET D 281 18.90 -10.69 -9.72
CA MET D 281 18.44 -9.46 -10.35
C MET D 281 19.56 -8.52 -10.73
N GLY D 282 19.24 -7.51 -11.53
CA GLY D 282 20.15 -6.47 -12.00
C GLY D 282 19.54 -5.11 -11.68
N CYS D 283 20.39 -4.08 -11.63
CA CYS D 283 20.02 -2.70 -11.30
C CYS D 283 21.11 -1.77 -11.80
N GLY D 284 20.96 -0.49 -11.48
CA GLY D 284 21.93 0.56 -11.83
C GLY D 284 21.31 1.92 -11.72
N MET D 285 22.16 2.95 -11.80
CA MET D 285 21.74 4.36 -11.76
C MET D 285 21.35 4.74 -13.18
N VAL D 286 20.16 5.33 -13.40
CA VAL D 286 19.70 5.68 -14.76
C VAL D 286 20.75 6.52 -15.55
N HIS D 287 21.04 6.13 -16.80
CA HIS D 287 22.00 6.85 -17.64
C HIS D 287 21.54 8.28 -17.96
N PRO D 288 22.44 9.29 -17.87
CA PRO D 288 22.08 10.69 -18.21
C PRO D 288 21.36 10.82 -19.56
N ASN D 289 21.85 10.11 -20.61
CA ASN D 289 21.22 10.15 -21.93
C ASN D 289 19.77 9.62 -21.93
N VAL D 290 19.46 8.62 -21.06
CA VAL D 290 18.13 8.02 -20.96
C VAL D 290 17.14 9.08 -20.45
N LEU D 291 17.56 9.86 -19.43
CA LEU D 291 16.75 10.94 -18.84
C LEU D 291 16.60 12.06 -19.86
N ARG D 292 17.72 12.57 -20.37
CA ARG D 292 17.80 13.65 -21.37
C ARG D 292 16.85 13.42 -22.53
N MET D 293 16.85 12.19 -23.10
CA MET D 293 15.98 11.73 -24.20
C MET D 293 14.51 11.83 -23.86
N SER D 294 14.17 11.66 -22.58
CA SER D 294 12.81 11.70 -22.08
C SER D 294 12.54 13.01 -21.31
N ASN D 295 13.21 14.09 -21.69
CA ASN D 295 13.07 15.45 -21.16
C ASN D 295 13.26 15.59 -19.60
N ILE D 296 14.17 14.80 -19.01
CA ILE D 296 14.50 14.93 -17.58
C ILE D 296 15.94 15.45 -17.48
N ASP D 297 16.13 16.61 -16.82
CA ASP D 297 17.47 17.21 -16.70
C ASP D 297 18.37 16.38 -15.76
N PRO D 298 19.44 15.75 -16.30
CA PRO D 298 20.34 14.94 -15.44
C PRO D 298 21.13 15.72 -14.41
N GLU D 299 21.13 17.08 -14.52
CA GLU D 299 21.80 17.95 -13.57
C GLU D 299 20.97 18.13 -12.31
N LYS D 300 19.65 18.21 -12.50
CA LYS D 300 18.68 18.35 -11.42
C LYS D 300 18.22 16.99 -10.87
N PHE D 301 18.00 16.00 -11.75
CA PHE D 301 17.48 14.71 -11.32
C PHE D 301 18.39 13.53 -11.57
N GLN D 302 18.44 12.67 -10.56
CA GLN D 302 19.17 11.41 -10.49
C GLN D 302 18.08 10.34 -10.36
N GLY D 303 18.43 9.11 -10.67
CA GLY D 303 17.47 8.02 -10.58
C GLY D 303 18.12 6.67 -10.59
N PHE D 304 17.40 5.66 -10.11
CA PHE D 304 17.86 4.30 -10.15
C PHE D 304 16.78 3.41 -10.73
N ALA D 305 17.19 2.34 -11.40
CA ALA D 305 16.28 1.36 -11.94
C ALA D 305 16.77 -0.04 -11.61
N PHE D 306 15.85 -1.01 -11.66
CA PHE D 306 16.14 -2.41 -11.36
C PHE D 306 15.26 -3.31 -12.20
N GLY D 307 15.71 -4.55 -12.40
CA GLY D 307 14.95 -5.55 -13.13
C GLY D 307 15.14 -6.93 -12.55
N MET D 308 14.09 -7.75 -12.61
CA MET D 308 14.12 -9.13 -12.09
C MET D 308 13.15 -10.02 -12.86
N GLY D 309 13.48 -11.30 -12.97
CA GLY D 309 12.62 -12.27 -13.64
C GLY D 309 11.72 -12.96 -12.63
N ALA D 310 10.37 -12.91 -12.86
CA ALA D 310 9.39 -13.50 -11.95
C ALA D 310 9.51 -15.03 -11.84
N GLU D 311 9.72 -15.74 -12.94
CA GLU D 311 9.81 -17.19 -12.89
C GLU D 311 11.02 -17.65 -12.11
N ARG D 312 12.18 -16.99 -12.29
CA ARG D 312 13.42 -17.29 -11.57
C ARG D 312 13.17 -17.20 -10.03
N LEU D 313 12.50 -16.11 -9.60
CA LEU D 313 12.16 -15.83 -8.22
C LEU D 313 11.20 -16.90 -7.65
N ALA D 314 10.12 -17.23 -8.41
CA ALA D 314 9.14 -18.26 -8.08
C ALA D 314 9.82 -19.62 -7.91
N MET D 315 10.75 -19.95 -8.79
CA MET D 315 11.53 -21.19 -8.73
C MET D 315 12.38 -21.27 -7.46
N LEU D 316 12.97 -20.14 -7.05
CA LEU D 316 13.79 -20.07 -5.86
C LEU D 316 12.94 -20.22 -4.63
N ARG D 317 11.79 -19.53 -4.63
CA ARG D 317 10.82 -19.52 -3.54
C ARG D 317 10.11 -20.85 -3.29
N TYR D 318 9.62 -21.50 -4.38
CA TYR D 318 8.79 -22.69 -4.27
C TYR D 318 9.50 -23.99 -4.51
N GLY D 319 10.79 -23.93 -4.83
CA GLY D 319 11.57 -25.13 -5.10
C GLY D 319 11.25 -25.78 -6.43
N VAL D 320 10.85 -24.98 -7.44
CA VAL D 320 10.54 -25.47 -8.78
C VAL D 320 11.85 -25.60 -9.54
N ASN D 321 12.12 -26.84 -10.01
CA ASN D 321 13.32 -27.26 -10.72
C ASN D 321 13.28 -26.97 -12.21
N ASP D 322 12.15 -27.29 -12.88
CA ASP D 322 11.98 -27.12 -14.33
C ASP D 322 11.06 -25.96 -14.65
N LEU D 323 11.61 -24.98 -15.38
CA LEU D 323 10.91 -23.75 -15.82
C LEU D 323 9.73 -24.02 -16.77
N ARG D 324 9.71 -25.18 -17.42
CA ARG D 324 8.67 -25.53 -18.37
C ARG D 324 7.33 -25.86 -17.74
N LEU D 325 7.31 -26.16 -16.43
CA LEU D 325 6.10 -26.47 -15.67
C LEU D 325 5.17 -25.28 -15.61
N PHE D 326 5.73 -24.06 -15.71
CA PHE D 326 5.03 -22.79 -15.66
C PHE D 326 4.07 -22.53 -16.82
N PHE D 327 4.34 -23.14 -18.01
CA PHE D 327 3.50 -22.86 -19.18
C PHE D 327 2.67 -24.07 -19.66
N ASP D 328 2.82 -25.26 -19.02
CA ASP D 328 2.07 -26.49 -19.33
C ASP D 328 0.67 -26.46 -18.74
N ASN D 329 0.53 -25.81 -17.56
CA ASN D 329 -0.73 -25.67 -16.81
C ASN D 329 -1.29 -27.06 -16.38
N ASP D 330 -0.39 -28.01 -15.99
CA ASP D 330 -0.86 -29.31 -15.47
C ASP D 330 -1.42 -29.03 -14.08
N LEU D 331 -2.63 -29.54 -13.83
CA LEU D 331 -3.35 -29.35 -12.57
C LEU D 331 -2.57 -29.94 -11.40
N ARG D 332 -1.81 -31.00 -11.65
CA ARG D 332 -0.93 -31.62 -10.66
C ARG D 332 0.22 -30.68 -10.25
N PHE D 333 0.59 -29.71 -11.11
CA PHE D 333 1.58 -28.68 -10.79
C PHE D 333 0.83 -27.54 -10.06
N LEU D 334 -0.13 -26.90 -10.78
CA LEU D 334 -0.93 -25.78 -10.31
C LEU D 334 -1.53 -25.98 -8.93
N GLY D 335 -2.16 -27.12 -8.69
CA GLY D 335 -2.81 -27.46 -7.42
C GLY D 335 -1.94 -27.30 -6.19
N GLN D 336 -0.60 -27.40 -6.35
CA GLN D 336 0.37 -27.28 -5.27
C GLN D 336 0.54 -25.84 -4.69
N PHE D 337 -0.11 -24.83 -5.32
CA PHE D 337 0.00 -23.41 -4.95
C PHE D 337 -1.33 -22.82 -4.48
N ARG D 338 -2.22 -23.70 -3.98
CA ARG D 338 -3.53 -23.32 -3.46
C ARG D 338 -3.41 -22.64 -2.05
C1 2NM E . -7.72 13.23 17.86
C2 2NM E . -7.39 14.53 17.47
C3 2NM E . -6.12 15.01 17.70
C7 2NM E . -4.42 12.01 19.19
C8 2NM E . -3.17 12.28 19.72
C9 2NM E . -2.67 11.02 20.13
C10 2NM E . -1.36 10.72 20.77
F2 2NM E . -0.42 10.52 19.89
F 2NM E . -0.95 11.71 21.54
F1 2NM E . -1.41 9.60 21.51
N 2NM E . -3.54 10.04 19.87
N1 2NM E . -4.59 10.67 19.29
C5 2NM E . -5.46 12.90 18.63
C4 2NM E . -5.16 14.20 18.29
C6 2NM E . -6.75 12.41 18.43
O 2NM E . -8.96 12.66 17.81
C 2NM E . -10.05 13.46 17.37
C1 2NM F . 17.24 -3.86 -15.58
C2 2NM F . 18.34 -3.58 -14.79
C3 2NM F . 18.70 -2.25 -14.56
C7 2NM F . 16.02 -0.39 -16.43
C8 2NM F . 16.31 0.94 -16.62
C9 2NM F . 15.14 1.51 -17.16
C10 2NM F . 14.90 2.92 -17.56
F2 2NM F . 14.74 3.70 -16.53
F 2NM F . 15.90 3.42 -18.22
F1 2NM F . 13.80 3.05 -18.31
N 2NM F . 14.18 0.60 -17.31
N1 2NM F . 14.74 -0.55 -16.85
C5 2NM F . 16.83 -1.50 -15.88
C4 2NM F . 17.96 -1.22 -15.10
C6 2NM F . 16.46 -2.82 -16.11
O 2NM F . 16.90 -5.17 -15.85
C 2NM F . 17.68 -6.21 -15.25
#